data_2XVF
#
_entry.id   2XVF
#
_cell.length_a   158.620
_cell.length_b   70.085
_cell.length_c   140.960
_cell.angle_alpha   90.00
_cell.angle_beta   90.71
_cell.angle_gamma   90.00
#
_symmetry.space_group_name_H-M   'C 1 2 1'
#
loop_
_entity.id
_entity.type
_entity.pdbx_description
1 polymer 'FLAVIN-CONTAINING MONOOXYGENASE'
2 non-polymer 'FLAVIN-ADENINE DINUCLEOTIDE'
3 non-polymer 'NITRATE ION'
4 non-polymer GLYCEROL
5 water water
#
_entity_poly.entity_id   1
_entity_poly.type   'polypeptide(L)'
_entity_poly.pdbx_seq_one_letter_code
;(MSE)ATRIAILGAGPSG(MSE)AQLRAFQSAQEKGAEIPELVCFEKQADWGGQWNYTWRTGLDENGEPVHSS(MSE)YR
YLWSNGPKECLEFADYTFDEHFGKPIASYPPREVLWDYIKGRVEKAGVRKYIRFNTAVRHVEFNEDSQTFTVTVQDHTTD
TIYSEEFDYVVCCTGHFSTPYVPEFEGFEKFGGRILHAHDFRDALEFKDKTVLLVGSSYSAEDIGSQCYKYGAKKLISCY
RTAP(MSE)GYKWPENWDERPNLVRVDTENAYFADGSSEKVDAIILCTGYIHHFPFLNDDLRLVTNNRLWPLNLYKGVVW
EDNPKFFYIG(MSE)QDQWYSFN(MSE)FDAQAWYARDVI(MSE)GRLPLPSKEE(MSE)KADS(MSE)AWREKELTLVT
AEE(MSE)YTYQGDYIQNLID(MSE)TDYPSFDIPATNKTFLEWKHHKKENI(MSE)TFRDHSYRSL(MSE)TGT(MSE)
APKHHTPWIDALDDSLEAYLSDKSEIPVAKEALEHHHHHH
;
_entity_poly.pdbx_strand_id   A,B,C
#
# COMPACT_ATOMS: atom_id res chain seq x y z
N THR A 3 -26.28 -21.99 30.84
CA THR A 3 -26.31 -21.05 29.68
C THR A 3 -25.41 -19.84 29.97
N ARG A 4 -24.62 -19.46 28.98
CA ARG A 4 -23.56 -18.50 29.18
C ARG A 4 -23.56 -17.48 28.04
N ILE A 5 -23.73 -16.20 28.39
CA ILE A 5 -23.95 -15.12 27.42
C ILE A 5 -22.89 -14.01 27.51
N ALA A 6 -22.49 -13.52 26.33
CA ALA A 6 -21.47 -12.44 26.19
C ALA A 6 -22.08 -11.16 25.64
N ILE A 7 -21.79 -10.08 26.33
CA ILE A 7 -22.31 -8.79 25.96
C ILE A 7 -21.11 -7.90 25.64
N LEU A 8 -21.02 -7.49 24.37
CA LEU A 8 -19.88 -6.70 23.92
C LEU A 8 -20.24 -5.23 24.13
N GLY A 9 -19.78 -4.65 25.21
CA GLY A 9 -19.93 -3.21 25.45
C GLY A 9 -20.87 -2.83 26.57
N ALA A 10 -20.44 -1.90 27.41
CA ALA A 10 -21.23 -1.33 28.50
C ALA A 10 -21.71 0.12 28.22
N GLY A 11 -22.09 0.40 26.97
CA GLY A 11 -22.80 1.64 26.67
C GLY A 11 -24.29 1.43 26.96
N PRO A 12 -25.14 2.41 26.61
CA PRO A 12 -26.58 2.26 26.86
C PRO A 12 -27.18 0.94 26.37
N SER A 13 -26.77 0.49 25.19
CA SER A 13 -27.24 -0.78 24.66
C SER A 13 -26.84 -1.98 25.53
N GLY A 14 -25.59 -2.09 25.91
CA GLY A 14 -25.16 -3.18 26.79
C GLY A 14 -25.73 -3.06 28.19
N ALA A 16 -28.67 -1.70 28.77
CA ALA A 16 -30.05 -2.15 28.56
C ALA A 16 -30.16 -3.69 28.59
N GLN A 17 -29.22 -4.38 27.94
CA GLN A 17 -29.21 -5.85 27.92
C GLN A 17 -29.04 -6.45 29.30
N LEU A 18 -28.12 -5.87 30.06
CA LEU A 18 -27.92 -6.32 31.41
C LEU A 18 -29.21 -6.11 32.20
N ARG A 19 -29.78 -4.91 32.07
CA ARG A 19 -31.01 -4.56 32.77
C ARG A 19 -32.18 -5.48 32.41
N ALA A 20 -32.26 -5.83 31.13
CA ALA A 20 -33.27 -6.75 30.65
C ALA A 20 -33.22 -8.06 31.43
N PHE A 21 -32.01 -8.56 31.68
CA PHE A 21 -31.80 -9.84 32.36
C PHE A 21 -32.03 -9.77 33.87
N GLN A 22 -31.48 -8.74 34.51
CA GLN A 22 -31.78 -8.43 35.92
C GLN A 22 -33.30 -8.27 36.20
N SER A 23 -34.02 -7.63 35.27
CA SER A 23 -35.47 -7.44 35.42
C SER A 23 -36.26 -8.75 35.31
N ALA A 24 -35.79 -9.67 34.48
CA ALA A 24 -36.40 -10.99 34.37
C ALA A 24 -36.20 -11.78 35.66
N GLN A 25 -34.98 -11.70 36.20
CA GLN A 25 -34.59 -12.40 37.43
C GLN A 25 -35.29 -11.84 38.68
N GLU A 26 -35.36 -10.51 38.76
CA GLU A 26 -36.03 -9.80 39.85
C GLU A 26 -37.50 -10.20 39.94
N LYS A 27 -38.08 -10.54 38.79
CA LYS A 27 -39.43 -11.09 38.73
C LYS A 27 -39.49 -12.57 39.15
N GLY A 28 -38.37 -13.29 39.04
CA GLY A 28 -38.31 -14.68 39.53
C GLY A 28 -37.78 -15.80 38.63
N ALA A 29 -37.41 -15.47 37.40
CA ALA A 29 -36.87 -16.47 36.47
C ALA A 29 -35.38 -16.70 36.72
N GLU A 30 -34.86 -17.85 36.26
CA GLU A 30 -33.43 -18.13 36.41
C GLU A 30 -32.64 -17.70 35.17
N ILE A 31 -31.85 -16.65 35.34
CA ILE A 31 -31.12 -16.03 34.22
C ILE A 31 -29.77 -16.71 34.00
N PRO A 32 -29.34 -16.84 32.73
CA PRO A 32 -28.00 -17.34 32.38
C PRO A 32 -26.89 -16.48 33.01
N GLU A 33 -25.65 -16.97 32.99
CA GLU A 33 -24.50 -16.16 33.43
C GLU A 33 -24.23 -15.03 32.40
N LEU A 34 -23.97 -13.82 32.90
CA LEU A 34 -23.73 -12.66 32.03
C LEU A 34 -22.31 -12.13 32.18
N VAL A 35 -21.63 -11.99 31.04
CA VAL A 35 -20.33 -11.34 31.00
C VAL A 35 -20.37 -10.21 29.98
N CYS A 36 -20.26 -8.97 30.48
CA CYS A 36 -20.20 -7.79 29.62
C CYS A 36 -18.76 -7.28 29.59
N PHE A 37 -18.14 -7.35 28.40
CA PHE A 37 -16.79 -6.80 28.21
C PHE A 37 -16.87 -5.32 27.78
N GLU A 38 -16.14 -4.46 28.47
CA GLU A 38 -16.09 -3.02 28.14
C GLU A 38 -14.65 -2.52 28.05
N LYS A 39 -14.27 -1.96 26.91
CA LYS A 39 -12.87 -1.53 26.73
C LYS A 39 -12.48 -0.33 27.57
N GLN A 40 -13.44 0.53 27.89
CA GLN A 40 -13.16 1.75 28.64
C GLN A 40 -13.03 1.41 30.14
N ALA A 41 -12.65 2.38 30.96
CA ALA A 41 -12.40 2.12 32.38
C ALA A 41 -13.71 2.08 33.15
N ASP A 42 -14.77 2.58 32.49
CA ASP A 42 -16.08 2.70 33.11
C ASP A 42 -17.19 2.65 32.04
N TRP A 43 -18.40 2.32 32.46
CA TRP A 43 -19.56 2.25 31.56
C TRP A 43 -20.02 3.62 31.05
N GLY A 44 -21.00 3.61 30.17
CA GLY A 44 -21.59 4.86 29.66
C GLY A 44 -21.46 5.03 28.17
N GLY A 45 -20.50 4.32 27.58
CA GLY A 45 -20.23 4.37 26.16
C GLY A 45 -19.92 5.76 25.65
N GLN A 46 -20.72 6.16 24.67
CA GLN A 46 -20.66 7.48 24.11
C GLN A 46 -20.74 8.59 25.21
N TRP A 47 -21.46 8.31 26.29
CA TRP A 47 -21.77 9.32 27.32
C TRP A 47 -20.61 9.55 28.27
N ASN A 48 -19.68 8.61 28.27
CA ASN A 48 -18.47 8.73 29.05
C ASN A 48 -17.47 9.63 28.30
N TYR A 49 -17.55 10.93 28.58
CA TYR A 49 -16.72 11.93 27.95
C TYR A 49 -15.23 11.78 28.30
N THR A 50 -14.35 12.07 27.34
CA THR A 50 -12.90 11.99 27.54
C THR A 50 -12.21 13.13 26.79
N TRP A 51 -11.10 13.64 27.34
CA TRP A 51 -10.27 14.62 26.62
C TRP A 51 -9.49 13.95 25.49
N ARG A 52 -9.33 12.63 25.59
CA ARG A 52 -8.53 11.88 24.65
C ARG A 52 -9.19 11.86 23.28
N THR A 53 -8.35 11.81 22.24
CA THR A 53 -8.79 11.66 20.86
C THR A 53 -7.83 10.71 20.17
N GLY A 54 -8.32 10.09 19.11
CA GLY A 54 -7.52 9.20 18.29
C GLY A 54 -7.45 7.84 18.92
N LEU A 55 -6.41 7.63 19.71
CA LEU A 55 -6.16 6.33 20.36
C LEU A 55 -6.07 6.51 21.87
N ASP A 56 -6.62 5.55 22.62
CA ASP A 56 -6.68 5.69 24.10
C ASP A 56 -5.40 5.24 24.82
N GLU A 57 -5.46 5.19 26.15
CA GLU A 57 -4.28 4.88 26.97
C GLU A 57 -3.69 3.50 26.68
N ASN A 58 -4.50 2.63 26.09
CA ASN A 58 -4.11 1.24 25.82
C ASN A 58 -3.78 1.01 24.37
N GLY A 59 -3.87 2.05 23.55
CA GLY A 59 -3.71 1.90 22.11
C GLY A 59 -4.99 1.48 21.40
N GLU A 60 -6.10 1.53 22.11
CA GLU A 60 -7.40 1.20 21.57
C GLU A 60 -8.03 2.48 20.99
N PRO A 61 -8.82 2.37 19.91
CA PRO A 61 -9.44 3.60 19.39
C PRO A 61 -10.29 4.33 20.42
N VAL A 62 -10.06 5.64 20.57
CA VAL A 62 -10.88 6.42 21.45
C VAL A 62 -12.31 6.21 20.98
N HIS A 63 -13.20 5.88 21.91
CA HIS A 63 -14.57 5.56 21.53
C HIS A 63 -15.52 6.73 21.41
N SER A 64 -15.50 7.61 22.41
CA SER A 64 -16.49 8.68 22.50
C SER A 64 -16.24 9.82 21.54
N SER A 65 -17.32 10.32 20.96
CA SER A 65 -17.36 11.44 20.03
C SER A 65 -17.95 12.67 20.71
N TYR A 67 -18.43 15.95 23.13
CA TYR A 67 -17.58 17.11 23.32
C TYR A 67 -18.05 17.92 24.51
N ARG A 68 -17.20 18.85 24.92
CA ARG A 68 -17.56 19.75 25.97
C ARG A 68 -18.76 20.56 25.57
N TYR A 69 -19.54 20.96 26.56
CA TYR A 69 -20.65 21.91 26.40
C TYR A 69 -21.84 21.32 25.68
N LEU A 70 -21.78 20.03 25.38
CA LEU A 70 -22.87 19.34 24.71
C LEU A 70 -24.12 19.31 25.61
N TRP A 71 -25.27 19.62 25.02
CA TRP A 71 -26.57 19.46 25.69
C TRP A 71 -27.40 18.41 24.97
N SER A 72 -28.52 18.02 25.56
CA SER A 72 -29.46 17.07 24.99
C SER A 72 -29.74 17.47 23.55
N ASN A 73 -29.64 16.51 22.64
CA ASN A 73 -29.84 16.77 21.23
C ASN A 73 -31.30 17.15 20.99
N GLY A 74 -32.21 16.29 21.44
CA GLY A 74 -33.64 16.63 21.41
C GLY A 74 -34.26 16.82 22.79
N PRO A 75 -35.58 17.01 22.85
CA PRO A 75 -36.27 17.13 24.14
C PRO A 75 -35.99 15.93 25.03
N LYS A 76 -35.62 16.18 26.28
CA LYS A 76 -35.39 15.09 27.24
C LYS A 76 -36.62 14.20 27.39
N GLU A 77 -37.79 14.80 27.22
CA GLU A 77 -39.05 14.08 27.26
C GLU A 77 -39.09 13.00 26.18
N CYS A 78 -38.35 13.20 25.09
CA CYS A 78 -38.28 12.22 24.01
C CYS A 78 -37.35 11.03 24.28
N LEU A 79 -36.45 11.19 25.25
CA LEU A 79 -35.61 10.07 25.67
C LEU A 79 -36.01 9.46 27.01
N GLU A 80 -36.78 10.21 27.80
CA GLU A 80 -37.18 9.79 29.14
C GLU A 80 -37.48 8.29 29.19
N PHE A 81 -36.85 7.61 30.14
CA PHE A 81 -36.93 6.15 30.24
C PHE A 81 -38.34 5.69 30.59
N ALA A 82 -38.78 4.63 29.91
CA ALA A 82 -40.13 4.10 30.09
C ALA A 82 -40.39 3.49 31.48
N ASP A 83 -39.33 3.26 32.25
CA ASP A 83 -39.42 2.62 33.57
C ASP A 83 -38.77 3.46 34.70
N TYR A 84 -38.45 4.71 34.41
CA TYR A 84 -37.66 5.55 35.30
C TYR A 84 -37.79 6.99 34.85
N THR A 85 -38.44 7.81 35.67
CA THR A 85 -38.81 9.16 35.24
C THR A 85 -37.81 10.22 35.69
N PHE A 86 -37.82 11.36 35.00
CA PHE A 86 -37.00 12.51 35.38
C PHE A 86 -37.41 13.08 36.73
N ASP A 87 -38.67 12.91 37.10
CA ASP A 87 -39.15 13.29 38.42
C ASP A 87 -38.62 12.34 39.49
N GLU A 88 -38.71 11.04 39.23
CA GLU A 88 -38.23 9.98 40.12
C GLU A 88 -36.77 10.13 40.55
N HIS A 89 -35.95 10.61 39.62
CA HIS A 89 -34.50 10.67 39.82
C HIS A 89 -34.03 12.01 40.36
N PHE A 90 -34.62 13.10 39.87
CA PHE A 90 -34.21 14.44 40.26
C PHE A 90 -35.05 15.03 41.39
N GLY A 91 -36.30 14.63 41.48
CA GLY A 91 -37.22 15.08 42.55
C GLY A 91 -37.84 16.43 42.29
N LYS A 92 -37.29 17.13 41.29
CA LYS A 92 -37.66 18.49 40.93
C LYS A 92 -37.94 18.49 39.41
N PRO A 93 -38.76 19.44 38.92
CA PRO A 93 -38.86 19.57 37.46
C PRO A 93 -37.64 20.32 36.90
N ILE A 94 -37.19 19.93 35.72
CA ILE A 94 -36.05 20.60 35.07
C ILE A 94 -36.35 20.92 33.61
N ALA A 95 -35.58 21.86 33.05
CA ALA A 95 -35.73 22.28 31.67
C ALA A 95 -35.55 21.12 30.71
N SER A 96 -35.84 21.35 29.44
CA SER A 96 -36.03 20.25 28.49
C SER A 96 -34.77 19.75 27.80
N TYR A 97 -33.68 20.52 27.87
CA TYR A 97 -32.45 20.10 27.19
C TYR A 97 -31.27 20.09 28.13
N PRO A 98 -31.18 19.05 28.99
CA PRO A 98 -30.12 19.03 29.98
C PRO A 98 -28.73 18.82 29.36
N PRO A 99 -27.69 19.40 29.98
CA PRO A 99 -26.30 19.17 29.60
C PRO A 99 -25.93 17.72 29.80
N ARG A 100 -24.93 17.26 29.05
CA ARG A 100 -24.47 15.87 29.09
C ARG A 100 -24.31 15.32 30.51
N GLU A 101 -23.70 16.11 31.40
CA GLU A 101 -23.47 15.71 32.78
C GLU A 101 -24.78 15.35 33.47
N VAL A 102 -25.78 16.19 33.28
CA VAL A 102 -27.08 16.02 33.89
C VAL A 102 -27.73 14.73 33.37
N LEU A 103 -27.79 14.59 32.05
CA LEU A 103 -28.31 13.39 31.42
C LEU A 103 -27.56 12.14 31.85
N TRP A 104 -26.26 12.26 32.06
CA TRP A 104 -25.47 11.11 32.50
C TRP A 104 -25.86 10.62 33.89
N ASP A 105 -25.93 11.55 34.84
CA ASP A 105 -26.36 11.26 36.20
C ASP A 105 -27.70 10.50 36.19
N TYR A 106 -28.63 10.99 35.38
CA TYR A 106 -29.91 10.34 35.15
C TYR A 106 -29.71 8.91 34.62
N ILE A 107 -28.85 8.75 33.62
CA ILE A 107 -28.60 7.45 33.01
C ILE A 107 -28.00 6.45 33.99
N LYS A 108 -27.04 6.89 34.79
CA LYS A 108 -26.38 5.99 35.75
C LYS A 108 -27.26 5.70 36.97
N GLY A 109 -28.10 6.67 37.33
CA GLY A 109 -29.07 6.51 38.40
C GLY A 109 -29.89 5.26 38.23
N ARG A 110 -30.43 5.05 37.02
CA ARG A 110 -31.24 3.86 36.74
C ARG A 110 -30.38 2.60 36.77
N VAL A 111 -29.21 2.69 36.19
CA VAL A 111 -28.39 1.51 35.96
C VAL A 111 -27.68 1.06 37.23
N GLU A 112 -27.49 1.97 38.18
CA GLU A 112 -26.90 1.55 39.44
C GLU A 112 -27.95 1.11 40.45
N LYS A 113 -29.16 1.68 40.36
CA LYS A 113 -30.30 1.20 41.13
C LYS A 113 -30.61 -0.24 40.74
N ALA A 114 -30.24 -0.61 39.52
CA ALA A 114 -30.48 -1.95 39.00
C ALA A 114 -29.39 -2.94 39.44
N GLY A 115 -28.29 -2.42 39.96
CA GLY A 115 -27.15 -3.25 40.36
C GLY A 115 -26.69 -4.22 39.29
N VAL A 116 -26.32 -3.71 38.12
CA VAL A 116 -25.85 -4.56 37.03
C VAL A 116 -24.34 -4.46 36.81
N ARG A 117 -23.68 -3.57 37.56
CA ARG A 117 -22.24 -3.35 37.44
C ARG A 117 -21.42 -4.62 37.65
N LYS A 118 -21.83 -5.44 38.62
CA LYS A 118 -21.14 -6.69 38.95
C LYS A 118 -20.83 -7.62 37.77
N TYR A 119 -21.54 -7.44 36.65
CA TYR A 119 -21.38 -8.32 35.47
C TYR A 119 -20.30 -7.86 34.49
N ILE A 120 -19.75 -6.68 34.72
CA ILE A 120 -18.91 -6.03 33.71
C ILE A 120 -17.40 -6.16 33.98
N ARG A 121 -16.68 -6.47 32.90
CA ARG A 121 -15.23 -6.48 32.92
C ARG A 121 -14.72 -5.27 32.15
N PHE A 122 -14.31 -4.26 32.91
CA PHE A 122 -13.84 -3.02 32.33
C PHE A 122 -12.42 -3.16 31.82
N ASN A 123 -11.94 -2.12 31.14
CA ASN A 123 -10.58 -2.08 30.60
C ASN A 123 -10.23 -3.38 29.86
N THR A 124 -11.23 -3.90 29.15
CA THR A 124 -11.15 -5.21 28.49
C THR A 124 -11.72 -5.13 27.07
N ALA A 125 -10.87 -5.31 26.06
CA ALA A 125 -11.28 -5.12 24.67
C ALA A 125 -11.48 -6.43 23.92
N VAL A 126 -12.67 -6.61 23.37
CA VAL A 126 -12.98 -7.75 22.53
C VAL A 126 -12.12 -7.71 21.27
N ARG A 127 -11.31 -8.74 21.15
CA ARG A 127 -10.38 -8.88 20.07
C ARG A 127 -10.95 -9.77 18.95
N HIS A 128 -11.71 -10.77 19.32
CA HIS A 128 -12.30 -11.69 18.36
C HIS A 128 -13.49 -12.49 18.88
N VAL A 129 -14.44 -12.74 17.98
CA VAL A 129 -15.60 -13.59 18.26
C VAL A 129 -15.70 -14.57 17.11
N GLU A 130 -15.76 -15.86 17.45
CA GLU A 130 -15.77 -16.93 16.45
C GLU A 130 -16.83 -18.00 16.76
N PHE A 131 -17.59 -18.41 15.75
CA PHE A 131 -18.58 -19.47 15.95
C PHE A 131 -18.01 -20.87 15.70
N ASN A 132 -18.10 -21.72 16.74
CA ASN A 132 -17.67 -23.13 16.64
C ASN A 132 -18.80 -23.99 16.11
N GLU A 133 -18.63 -24.44 14.86
CA GLU A 133 -19.65 -25.23 14.16
C GLU A 133 -20.03 -26.52 14.89
N ASP A 134 -19.05 -27.12 15.58
CA ASP A 134 -19.19 -28.47 16.16
C ASP A 134 -19.90 -28.51 17.51
N SER A 135 -19.74 -27.44 18.29
CA SER A 135 -20.28 -27.39 19.65
C SER A 135 -21.41 -26.37 19.75
N GLN A 136 -21.70 -25.72 18.63
CA GLN A 136 -22.71 -24.67 18.55
C GLN A 136 -22.49 -23.56 19.59
N THR A 137 -21.22 -23.29 19.89
CA THR A 137 -20.83 -22.35 20.94
C THR A 137 -19.89 -21.25 20.37
N PHE A 138 -19.73 -20.13 21.09
CA PHE A 138 -18.86 -19.02 20.62
C PHE A 138 -17.53 -18.93 21.35
N THR A 139 -16.48 -18.58 20.61
CA THR A 139 -15.17 -18.27 21.17
C THR A 139 -14.95 -16.75 21.11
N VAL A 140 -15.00 -16.11 22.27
CA VAL A 140 -14.74 -14.68 22.40
C VAL A 140 -13.36 -14.46 22.99
N THR A 141 -12.47 -13.85 22.21
CA THR A 141 -11.12 -13.54 22.66
C THR A 141 -11.01 -12.05 23.01
N VAL A 142 -10.39 -11.81 24.16
CA VAL A 142 -10.43 -10.54 24.83
C VAL A 142 -9.02 -10.16 25.28
N GLN A 143 -8.69 -8.88 25.22
CA GLN A 143 -7.47 -8.38 25.88
C GLN A 143 -7.79 -7.58 27.13
N ASP A 144 -7.30 -8.04 28.27
CA ASP A 144 -7.47 -7.33 29.55
C ASP A 144 -6.29 -6.38 29.74
N HIS A 145 -6.57 -5.08 29.68
CA HIS A 145 -5.49 -4.08 29.73
C HIS A 145 -4.99 -3.78 31.14
N THR A 146 -5.68 -4.31 32.14
CA THR A 146 -5.23 -4.17 33.52
C THR A 146 -4.09 -5.15 33.76
N THR A 147 -4.28 -6.41 33.39
CA THR A 147 -3.27 -7.45 33.56
C THR A 147 -2.40 -7.59 32.30
N ASP A 148 -2.79 -6.91 31.23
CA ASP A 148 -2.18 -7.02 29.89
C ASP A 148 -2.15 -8.46 29.32
N THR A 149 -3.19 -9.24 29.59
CA THR A 149 -3.24 -10.62 29.08
C THR A 149 -4.40 -10.82 28.10
N ILE A 150 -4.13 -11.59 27.06
CA ILE A 150 -5.15 -12.00 26.10
C ILE A 150 -5.67 -13.38 26.49
N TYR A 151 -6.95 -13.44 26.85
CA TYR A 151 -7.61 -14.71 27.16
C TYR A 151 -8.91 -14.85 26.38
N SER A 152 -9.35 -16.09 26.25
CA SER A 152 -10.65 -16.36 25.65
C SER A 152 -11.48 -17.26 26.53
N GLU A 153 -12.80 -17.14 26.41
CA GLU A 153 -13.72 -18.08 27.04
C GLU A 153 -14.98 -18.27 26.22
N GLU A 154 -15.64 -19.40 26.46
CA GLU A 154 -16.72 -19.86 25.61
C GLU A 154 -18.06 -19.27 26.03
N PHE A 155 -18.95 -19.13 25.05
CA PHE A 155 -20.28 -18.56 25.28
C PHE A 155 -21.32 -19.26 24.40
N ASP A 156 -22.57 -19.26 24.87
CA ASP A 156 -23.65 -19.87 24.12
C ASP A 156 -24.33 -18.84 23.21
N TYR A 157 -24.52 -17.64 23.72
CA TYR A 157 -25.08 -16.54 22.95
C TYR A 157 -24.19 -15.31 23.04
N VAL A 158 -24.20 -14.48 21.99
CA VAL A 158 -23.44 -13.24 21.96
C VAL A 158 -24.30 -12.07 21.50
N VAL A 159 -24.27 -11.01 22.30
CA VAL A 159 -24.97 -9.77 21.99
C VAL A 159 -23.98 -8.61 21.76
N CYS A 160 -23.93 -8.13 20.53
CA CYS A 160 -23.00 -7.07 20.16
C CYS A 160 -23.61 -5.66 20.39
N CYS A 161 -23.07 -4.95 21.36
CA CYS A 161 -23.57 -3.63 21.71
C CYS A 161 -22.46 -2.60 21.67
N THR A 162 -21.69 -2.58 20.58
CA THR A 162 -20.45 -1.81 20.51
C THR A 162 -20.57 -0.46 19.81
N GLY A 163 -21.78 -0.11 19.36
CA GLY A 163 -22.06 1.21 18.76
C GLY A 163 -21.72 1.31 17.26
N HIS A 164 -22.30 2.31 16.62
CA HIS A 164 -21.92 2.64 15.26
C HIS A 164 -21.67 4.13 15.04
N PHE A 165 -21.35 4.87 16.10
CA PHE A 165 -20.97 6.29 15.94
C PHE A 165 -19.57 6.59 16.47
N SER A 166 -18.60 5.72 16.17
CA SER A 166 -17.27 5.86 16.72
C SER A 166 -16.13 5.68 15.72
N THR A 167 -16.40 5.00 14.62
CA THR A 167 -15.40 4.82 13.61
C THR A 167 -15.73 5.71 12.44
N PRO A 168 -15.02 6.85 12.35
CA PRO A 168 -15.34 7.96 11.43
C PRO A 168 -15.27 7.63 9.95
N TYR A 169 -16.18 8.20 9.18
CA TYR A 169 -16.03 8.25 7.74
C TYR A 169 -15.40 9.62 7.45
N VAL A 170 -14.21 9.58 6.85
CA VAL A 170 -13.36 10.75 6.70
C VAL A 170 -12.94 10.88 5.25
N PRO A 171 -13.75 11.58 4.46
CA PRO A 171 -13.42 11.71 3.04
C PRO A 171 -12.26 12.68 2.83
N GLU A 172 -11.50 12.47 1.79
CA GLU A 172 -10.39 13.34 1.47
C GLU A 172 -10.84 14.29 0.37
N PHE A 173 -10.40 15.55 0.46
CA PHE A 173 -10.63 16.49 -0.61
C PHE A 173 -9.31 16.93 -1.21
N GLU A 174 -9.29 17.13 -2.52
CA GLU A 174 -8.08 17.58 -3.19
C GLU A 174 -7.45 18.77 -2.42
N GLY A 175 -6.17 18.62 -2.09
CA GLY A 175 -5.41 19.70 -1.43
C GLY A 175 -5.14 19.51 0.05
N PHE A 176 -5.86 18.58 0.68
CA PHE A 176 -5.73 18.31 2.13
C PHE A 176 -4.29 18.22 2.71
N GLU A 177 -3.36 17.61 1.97
CA GLU A 177 -1.97 17.48 2.42
C GLU A 177 -1.26 18.83 2.63
N LYS A 178 -1.80 19.87 2.00
CA LYS A 178 -1.10 21.16 1.94
C LYS A 178 -1.77 22.23 2.77
N PHE A 179 -2.99 21.95 3.23
CA PHE A 179 -3.75 22.88 4.04
C PHE A 179 -2.99 23.19 5.32
N GLY A 180 -2.68 24.46 5.53
CA GLY A 180 -1.88 24.89 6.69
C GLY A 180 -2.68 24.90 7.98
N GLY A 181 -3.96 24.61 7.86
CA GLY A 181 -4.82 24.56 9.02
C GLY A 181 -5.13 23.17 9.56
N ARG A 182 -5.91 23.14 10.61
CA ARG A 182 -6.27 21.91 11.28
C ARG A 182 -7.43 21.20 10.57
N ILE A 183 -7.28 19.89 10.33
CA ILE A 183 -8.34 19.06 9.76
C ILE A 183 -8.68 17.97 10.80
N LEU A 184 -9.96 17.90 11.17
CA LEU A 184 -10.43 16.89 12.10
C LEU A 184 -11.83 16.42 11.74
N HIS A 185 -12.10 15.17 12.02
CA HIS A 185 -13.45 14.68 12.00
C HIS A 185 -14.19 15.12 13.28
N ALA A 186 -15.48 15.35 13.15
CA ALA A 186 -16.40 15.58 14.28
C ALA A 186 -16.10 14.70 15.51
N HIS A 187 -15.78 13.43 15.26
CA HIS A 187 -15.40 12.49 16.30
C HIS A 187 -14.26 12.98 17.21
N ASP A 188 -13.39 13.84 16.66
CA ASP A 188 -12.18 14.33 17.33
C ASP A 188 -12.43 15.68 18.03
N PHE A 189 -13.55 16.30 17.71
CA PHE A 189 -13.95 17.57 18.30
C PHE A 189 -14.16 17.44 19.81
N ARG A 190 -13.46 18.26 20.57
CA ARG A 190 -13.61 18.24 22.01
C ARG A 190 -14.12 19.59 22.58
N ASP A 191 -13.50 20.69 22.17
CA ASP A 191 -13.63 21.96 22.87
C ASP A 191 -13.76 23.16 21.94
N ALA A 192 -14.94 23.76 21.94
CA ALA A 192 -15.25 24.89 21.06
C ALA A 192 -14.37 26.13 21.31
N LEU A 193 -13.76 26.23 22.48
CA LEU A 193 -12.83 27.35 22.77
C LEU A 193 -11.60 27.32 21.89
N GLU A 194 -11.23 26.13 21.39
CA GLU A 194 -10.07 25.99 20.52
C GLU A 194 -10.24 26.76 19.23
N PHE A 195 -11.48 27.07 18.88
CA PHE A 195 -11.80 27.73 17.61
C PHE A 195 -12.36 29.15 17.78
N LYS A 196 -12.18 29.70 18.98
CA LYS A 196 -12.49 31.10 19.27
C LYS A 196 -11.72 32.01 18.31
N ASP A 197 -12.43 33.00 17.74
CA ASP A 197 -11.86 34.01 16.83
C ASP A 197 -11.38 33.43 15.50
N LYS A 198 -11.80 32.20 15.21
CA LYS A 198 -11.32 31.50 14.02
C LYS A 198 -12.44 31.21 13.04
N THR A 199 -12.07 31.04 11.76
CA THR A 199 -13.02 30.66 10.72
C THR A 199 -12.98 29.14 10.52
N VAL A 200 -14.12 28.51 10.75
CA VAL A 200 -14.25 27.07 10.70
C VAL A 200 -15.13 26.64 9.53
N LEU A 201 -14.60 25.78 8.67
CA LEU A 201 -15.38 25.16 7.62
C LEU A 201 -15.88 23.80 8.08
N LEU A 202 -17.20 23.63 8.00
CA LEU A 202 -17.90 22.45 8.49
C LEU A 202 -18.46 21.68 7.31
N VAL A 203 -17.89 20.51 7.05
CA VAL A 203 -18.27 19.72 5.89
C VAL A 203 -19.26 18.63 6.31
N GLY A 204 -20.37 18.52 5.58
CA GLY A 204 -21.30 17.41 5.79
C GLY A 204 -22.51 17.74 6.64
N SER A 205 -23.44 16.79 6.70
CA SER A 205 -24.71 16.98 7.38
C SER A 205 -25.11 15.76 8.22
N SER A 206 -24.12 15.05 8.76
CA SER A 206 -24.37 13.91 9.65
C SER A 206 -24.72 14.36 11.07
N TYR A 207 -24.84 13.38 11.98
CA TYR A 207 -25.39 13.57 13.35
C TYR A 207 -25.06 14.91 14.03
N SER A 208 -23.77 15.27 14.07
CA SER A 208 -23.31 16.42 14.86
C SER A 208 -22.97 17.70 14.08
N ALA A 209 -23.24 17.73 12.78
CA ALA A 209 -22.88 18.89 11.96
C ALA A 209 -23.51 20.21 12.46
N GLU A 210 -24.83 20.23 12.61
CA GLU A 210 -25.53 21.43 13.05
C GLU A 210 -25.11 21.83 14.46
N ASP A 211 -24.96 20.86 15.35
CA ASP A 211 -24.64 21.16 16.75
C ASP A 211 -23.20 21.57 16.95
N ILE A 212 -22.28 20.97 16.21
CA ILE A 212 -20.88 21.32 16.35
C ILE A 212 -20.70 22.77 15.96
N GLY A 213 -21.29 23.14 14.82
CA GLY A 213 -21.28 24.53 14.35
C GLY A 213 -21.76 25.51 15.41
N SER A 214 -22.87 25.18 16.06
CA SER A 214 -23.49 26.11 17.01
C SER A 214 -22.73 26.23 18.32
N GLN A 215 -21.96 25.19 18.68
CA GLN A 215 -21.02 25.26 19.80
C GLN A 215 -19.87 26.24 19.49
N CYS A 216 -19.28 26.11 18.31
CA CYS A 216 -18.22 27.04 17.89
C CYS A 216 -18.72 28.49 17.91
N TYR A 217 -19.90 28.71 17.30
CA TYR A 217 -20.57 30.02 17.24
C TYR A 217 -20.79 30.63 18.63
N LYS A 218 -21.41 29.84 19.52
CA LYS A 218 -21.73 30.26 20.88
C LYS A 218 -20.48 30.61 21.68
N TYR A 219 -19.39 29.88 21.45
CA TYR A 219 -18.17 30.08 22.22
C TYR A 219 -17.16 31.04 21.57
N GLY A 220 -17.66 31.79 20.58
CA GLY A 220 -16.92 32.89 19.98
C GLY A 220 -16.06 32.60 18.77
N ALA A 221 -16.47 31.68 17.91
CA ALA A 221 -15.80 31.53 16.62
C ALA A 221 -16.00 32.79 15.78
N LYS A 222 -15.04 33.11 14.91
CA LYS A 222 -15.14 34.32 14.08
C LYS A 222 -16.19 34.16 12.97
N LYS A 223 -16.14 33.02 12.28
CA LYS A 223 -17.04 32.74 11.16
C LYS A 223 -17.17 31.24 10.94
N LEU A 224 -18.37 30.82 10.56
CA LEU A 224 -18.61 29.44 10.22
C LEU A 224 -19.05 29.32 8.78
N ILE A 225 -18.58 28.26 8.14
CA ILE A 225 -19.03 27.94 6.81
C ILE A 225 -19.51 26.49 6.81
N SER A 226 -20.78 26.30 6.47
CA SER A 226 -21.33 24.98 6.26
C SER A 226 -21.44 24.71 4.79
N CYS A 227 -20.95 23.57 4.36
CA CYS A 227 -21.29 23.07 3.04
C CYS A 227 -21.63 21.62 3.16
N TYR A 228 -22.61 21.18 2.36
CA TYR A 228 -23.11 19.82 2.43
C TYR A 228 -23.75 19.39 1.10
N ARG A 229 -24.00 18.09 0.97
CA ARG A 229 -24.56 17.53 -0.24
C ARG A 229 -26.04 17.12 -0.11
N THR A 230 -26.53 16.95 1.12
CA THR A 230 -27.96 16.63 1.33
C THR A 230 -28.89 17.84 1.12
N ALA A 231 -30.20 17.59 1.19
CA ALA A 231 -31.24 18.59 0.96
C ALA A 231 -31.23 19.71 2.00
N PRO A 232 -31.02 20.97 1.54
CA PRO A 232 -30.94 22.16 2.41
C PRO A 232 -32.13 22.35 3.36
N GLY A 234 -34.04 24.71 5.51
CA GLY A 234 -34.15 26.17 5.50
C GLY A 234 -34.12 26.78 6.90
N TYR A 235 -33.00 26.64 7.58
CA TYR A 235 -32.82 27.24 8.89
C TYR A 235 -32.21 28.64 8.74
N LYS A 236 -32.67 29.57 9.57
CA LYS A 236 -32.11 30.92 9.63
C LYS A 236 -30.86 30.95 10.52
N TRP A 237 -29.70 31.03 9.89
CA TRP A 237 -28.42 31.01 10.59
C TRP A 237 -28.00 32.42 10.99
N PRO A 238 -27.14 32.55 12.03
CA PRO A 238 -26.71 33.88 12.48
C PRO A 238 -25.86 34.63 11.43
N GLU A 239 -25.64 35.92 11.65
CA GLU A 239 -25.01 36.81 10.66
C GLU A 239 -23.59 36.40 10.24
N ASN A 240 -22.88 35.67 11.10
CA ASN A 240 -21.52 35.20 10.78
C ASN A 240 -21.46 33.70 10.45
N TRP A 241 -22.59 33.13 10.06
CA TRP A 241 -22.67 31.74 9.62
C TRP A 241 -23.08 31.74 8.15
N ASP A 242 -22.24 31.15 7.31
CA ASP A 242 -22.39 31.19 5.88
C ASP A 242 -22.62 29.77 5.34
N GLU A 243 -23.57 29.63 4.43
CA GLU A 243 -23.78 28.36 3.71
C GLU A 243 -23.26 28.45 2.27
N ARG A 244 -22.42 27.48 1.88
CA ARG A 244 -21.89 27.44 0.53
C ARG A 244 -22.22 26.08 -0.11
N PRO A 245 -22.22 26.03 -1.46
CA PRO A 245 -22.28 24.74 -2.17
C PRO A 245 -21.06 23.87 -1.84
N ASN A 246 -21.10 22.59 -2.18
CA ASN A 246 -20.12 21.63 -1.67
C ASN A 246 -18.66 21.95 -1.99
N LEU A 247 -17.78 21.47 -1.12
CA LEU A 247 -16.35 21.71 -1.21
C LEU A 247 -15.75 20.88 -2.35
N VAL A 248 -14.85 21.49 -3.11
CA VAL A 248 -14.18 20.75 -4.18
C VAL A 248 -12.68 20.62 -3.96
N ARG A 249 -12.11 21.62 -3.33
CA ARG A 249 -10.69 21.68 -3.19
C ARG A 249 -10.21 22.67 -2.12
N VAL A 250 -8.98 22.51 -1.65
CA VAL A 250 -8.39 23.46 -0.73
C VAL A 250 -6.94 23.66 -1.08
N ASP A 251 -6.39 24.76 -0.63
CA ASP A 251 -4.99 25.03 -0.80
C ASP A 251 -4.40 25.30 0.55
N THR A 252 -3.38 26.11 0.62
CA THR A 252 -2.71 26.35 1.86
C THR A 252 -3.55 26.97 2.93
N GLU A 253 -4.36 27.94 2.58
CA GLU A 253 -5.26 28.55 3.57
C GLU A 253 -6.69 28.80 3.11
N ASN A 254 -7.03 28.35 1.90
CA ASN A 254 -8.34 28.64 1.33
C ASN A 254 -9.18 27.42 1.00
N ALA A 255 -10.49 27.60 1.08
CA ALA A 255 -11.44 26.59 0.63
C ALA A 255 -12.06 27.08 -0.66
N TYR A 256 -12.27 26.17 -1.60
CA TYR A 256 -12.91 26.48 -2.88
C TYR A 256 -14.16 25.64 -3.04
N PHE A 257 -15.26 26.31 -3.36
CA PHE A 257 -16.58 25.67 -3.41
C PHE A 257 -17.08 25.51 -4.84
N ALA A 258 -18.20 24.80 -5.00
CA ALA A 258 -18.69 24.41 -6.32
C ALA A 258 -19.09 25.59 -7.22
N ASP A 259 -19.58 26.68 -6.62
CA ASP A 259 -19.91 27.91 -7.37
C ASP A 259 -18.70 28.60 -7.99
N GLY A 260 -17.54 28.48 -7.33
CA GLY A 260 -16.31 29.11 -7.80
C GLY A 260 -15.76 30.16 -6.84
N SER A 261 -16.48 30.35 -5.73
CA SER A 261 -16.08 31.22 -4.63
C SER A 261 -15.01 30.57 -3.75
N SER A 262 -14.36 31.39 -2.93
CA SER A 262 -13.38 30.92 -1.96
C SER A 262 -13.37 31.80 -0.72
N GLU A 263 -12.95 31.23 0.40
CA GLU A 263 -12.76 31.97 1.63
C GLU A 263 -11.54 31.45 2.37
N LYS A 264 -10.91 32.33 3.16
CA LYS A 264 -9.83 31.94 4.07
C LYS A 264 -10.45 31.11 5.19
N VAL A 265 -9.83 29.96 5.48
CA VAL A 265 -10.32 29.02 6.48
C VAL A 265 -9.20 28.58 7.43
N ASP A 266 -9.44 28.74 8.73
CA ASP A 266 -8.45 28.39 9.76
C ASP A 266 -8.48 26.90 10.15
N ALA A 267 -9.65 26.27 10.12
CA ALA A 267 -9.80 24.85 10.46
C ALA A 267 -10.96 24.18 9.72
N ILE A 268 -10.83 22.88 9.46
CA ILE A 268 -11.85 22.12 8.74
C ILE A 268 -12.36 20.96 9.61
N ILE A 269 -13.65 20.99 9.96
CA ILE A 269 -14.23 19.88 10.71
C ILE A 269 -15.09 19.03 9.79
N LEU A 270 -14.67 17.79 9.56
CA LEU A 270 -15.44 16.88 8.72
C LEU A 270 -16.54 16.24 9.55
N CYS A 271 -17.77 16.71 9.36
CA CYS A 271 -18.93 16.13 10.01
C CYS A 271 -19.62 15.13 9.08
N THR A 272 -18.87 14.15 8.62
CA THR A 272 -19.28 13.35 7.50
C THR A 272 -19.78 11.97 7.88
N GLY A 273 -19.97 11.73 9.18
CA GLY A 273 -20.56 10.46 9.62
C GLY A 273 -19.61 9.35 10.02
N TYR A 274 -20.16 8.16 10.20
CA TYR A 274 -19.47 7.02 10.78
C TYR A 274 -19.66 5.78 9.95
N ILE A 275 -18.90 4.74 10.25
CA ILE A 275 -19.11 3.48 9.58
C ILE A 275 -19.37 2.37 10.59
N HIS A 276 -20.12 1.36 10.16
CA HIS A 276 -20.32 0.16 10.96
C HIS A 276 -19.05 -0.67 10.85
N HIS A 277 -18.32 -0.71 11.95
CA HIS A 277 -17.01 -1.29 11.95
C HIS A 277 -16.84 -2.24 13.12
N PHE A 278 -16.58 -3.51 12.80
CA PHE A 278 -16.46 -4.55 13.82
C PHE A 278 -15.22 -5.40 13.55
N PRO A 279 -14.01 -4.88 13.88
CA PRO A 279 -12.78 -5.60 13.51
C PRO A 279 -12.64 -6.93 14.20
N PHE A 280 -13.39 -7.13 15.29
CA PHE A 280 -13.37 -8.39 16.03
C PHE A 280 -14.23 -9.47 15.37
N LEU A 281 -14.80 -9.15 14.21
CA LEU A 281 -15.73 -10.06 13.54
C LEU A 281 -15.30 -10.53 12.17
N ASN A 282 -15.44 -11.84 11.92
CA ASN A 282 -15.35 -12.39 10.57
C ASN A 282 -16.66 -12.20 9.80
N ASP A 283 -16.62 -12.44 8.50
CA ASP A 283 -17.76 -12.15 7.62
C ASP A 283 -19.04 -12.94 7.92
N ASP A 284 -18.88 -14.12 8.52
CA ASP A 284 -20.00 -14.98 8.92
C ASP A 284 -20.86 -14.36 10.01
N LEU A 285 -20.32 -13.37 10.70
CA LEU A 285 -21.02 -12.69 11.79
C LEU A 285 -21.11 -11.15 11.63
N ARG A 286 -20.36 -10.61 10.70
CA ARG A 286 -20.17 -9.16 10.62
C ARG A 286 -21.24 -8.44 9.81
N LEU A 287 -21.93 -7.51 10.47
CA LEU A 287 -22.94 -6.67 9.84
C LEU A 287 -22.32 -5.61 8.92
N VAL A 288 -22.77 -5.57 7.68
CA VAL A 288 -22.31 -4.57 6.73
C VAL A 288 -23.52 -3.77 6.26
N THR A 289 -23.50 -2.47 6.52
CA THR A 289 -24.64 -1.59 6.25
C THR A 289 -24.21 -0.12 6.33
N ASN A 290 -24.88 0.72 5.55
CA ASN A 290 -24.79 2.16 5.77
C ASN A 290 -25.70 2.53 6.94
N ASN A 291 -25.57 3.75 7.44
CA ASN A 291 -26.41 4.21 8.54
C ASN A 291 -27.84 4.49 8.08
N ARG A 292 -28.79 3.71 8.58
CA ARG A 292 -30.18 3.81 8.12
C ARG A 292 -31.17 3.30 9.14
N LEU A 293 -32.44 3.60 8.90
CA LEU A 293 -33.49 3.11 9.77
C LEU A 293 -33.60 1.59 9.73
N TRP A 294 -33.29 0.97 8.60
CA TRP A 294 -33.44 -0.48 8.49
C TRP A 294 -32.31 -1.25 7.79
N PRO A 295 -31.27 -1.62 8.54
CA PRO A 295 -30.26 -2.57 8.08
C PRO A 295 -30.83 -3.95 7.77
N LEU A 296 -30.32 -4.58 6.71
CA LEU A 296 -30.67 -5.95 6.38
C LEU A 296 -29.96 -6.95 7.30
N ASN A 297 -30.40 -8.20 7.25
CA ASN A 297 -29.73 -9.32 7.92
C ASN A 297 -29.97 -9.37 9.44
N LEU A 298 -30.98 -8.63 9.90
CA LEU A 298 -31.30 -8.54 11.31
C LEU A 298 -32.79 -8.77 11.51
N TYR A 299 -33.16 -9.94 12.03
CA TYR A 299 -34.57 -10.23 12.26
C TYR A 299 -35.07 -9.39 13.41
N LYS A 300 -36.21 -8.72 13.19
CA LYS A 300 -36.77 -7.76 14.12
C LYS A 300 -35.74 -6.68 14.48
N GLY A 301 -34.83 -6.45 13.53
CA GLY A 301 -33.78 -5.44 13.63
C GLY A 301 -32.71 -5.78 14.65
N VAL A 302 -32.75 -7.01 15.17
CA VAL A 302 -31.93 -7.39 16.31
C VAL A 302 -31.14 -8.67 16.11
N VAL A 303 -31.74 -9.65 15.41
CA VAL A 303 -31.17 -11.00 15.33
C VAL A 303 -30.37 -11.24 14.05
N TRP A 304 -29.12 -11.66 14.21
CA TRP A 304 -28.26 -11.96 13.05
C TRP A 304 -28.84 -13.17 12.32
N GLU A 305 -29.38 -12.92 11.12
CA GLU A 305 -30.11 -13.93 10.36
C GLU A 305 -29.31 -15.15 9.96
N ASP A 306 -28.05 -14.96 9.59
CA ASP A 306 -27.14 -16.08 9.26
C ASP A 306 -26.75 -16.92 10.49
N ASN A 307 -27.05 -16.43 11.68
CA ASN A 307 -26.69 -17.11 12.92
C ASN A 307 -27.53 -16.56 14.06
N PRO A 308 -28.69 -17.17 14.32
CA PRO A 308 -29.65 -16.74 15.33
C PRO A 308 -29.06 -16.64 16.74
N LYS A 309 -27.83 -17.11 16.93
CA LYS A 309 -27.19 -17.10 18.25
C LYS A 309 -26.49 -15.77 18.55
N PHE A 310 -26.35 -14.95 17.51
CA PHE A 310 -25.67 -13.66 17.60
C PHE A 310 -26.69 -12.53 17.49
N PHE A 311 -26.52 -11.49 18.29
CA PHE A 311 -27.46 -10.40 18.34
C PHE A 311 -26.78 -9.05 18.23
N TYR A 312 -27.50 -8.06 17.67
CA TYR A 312 -27.01 -6.69 17.61
C TYR A 312 -28.01 -5.76 18.25
N ILE A 313 -27.56 -4.96 19.21
CA ILE A 313 -28.37 -3.88 19.75
C ILE A 313 -27.96 -2.50 19.24
N GLY A 314 -28.95 -1.69 18.89
CA GLY A 314 -28.78 -0.28 18.65
C GLY A 314 -28.11 0.09 17.34
N GLN A 316 -29.40 0.42 14.27
CA GLN A 316 -30.19 1.27 13.40
C GLN A 316 -29.76 2.76 13.56
N ASP A 317 -30.12 3.60 12.60
CA ASP A 317 -30.01 5.04 12.84
C ASP A 317 -30.96 5.43 13.98
N GLN A 318 -30.51 6.31 14.86
CA GLN A 318 -31.19 6.59 16.11
C GLN A 318 -32.00 7.88 16.10
N TRP A 319 -33.26 7.75 15.70
CA TRP A 319 -34.27 8.78 15.93
C TRP A 319 -34.73 8.63 17.39
N TYR A 320 -34.99 7.41 17.78
CA TYR A 320 -35.25 7.07 19.16
C TYR A 320 -33.97 6.51 19.67
N SER A 321 -33.69 6.64 20.94
CA SER A 321 -32.50 6.02 21.45
C SER A 321 -32.68 5.02 22.55
N PHE A 322 -32.71 5.49 23.78
CA PHE A 322 -32.71 4.64 24.96
C PHE A 322 -33.89 3.68 25.09
N ASN A 323 -35.08 4.14 24.79
CA ASN A 323 -36.27 3.30 24.75
C ASN A 323 -36.23 2.22 23.68
N PHE A 325 -33.35 0.85 22.63
CA PHE A 325 -32.37 -0.15 23.05
C PHE A 325 -33.02 -1.11 24.05
N ASP A 326 -33.84 -0.57 24.94
CA ASP A 326 -34.58 -1.39 25.89
C ASP A 326 -35.46 -2.44 25.21
N ALA A 327 -36.38 -1.98 24.37
CA ALA A 327 -37.24 -2.86 23.58
C ALA A 327 -36.44 -3.94 22.86
N GLN A 328 -35.38 -3.54 22.16
CA GLN A 328 -34.49 -4.48 21.47
C GLN A 328 -33.87 -5.50 22.43
N ALA A 329 -33.48 -5.02 23.62
CA ALA A 329 -32.81 -5.85 24.63
C ALA A 329 -33.75 -6.86 25.24
N TRP A 330 -34.93 -6.39 25.64
CA TRP A 330 -36.00 -7.23 26.17
C TRP A 330 -36.36 -8.32 25.17
N TYR A 331 -36.49 -7.93 23.91
CA TYR A 331 -36.81 -8.89 22.86
C TYR A 331 -35.71 -9.93 22.76
N ALA A 332 -34.46 -9.48 22.67
CA ALA A 332 -33.35 -10.40 22.56
C ALA A 332 -33.26 -11.35 23.75
N ARG A 333 -33.56 -10.82 24.94
CA ARG A 333 -33.53 -11.60 26.17
C ARG A 333 -34.53 -12.77 26.11
N ASP A 334 -35.75 -12.47 25.67
CA ASP A 334 -36.80 -13.47 25.57
C ASP A 334 -36.52 -14.52 24.49
N VAL A 335 -35.74 -14.16 23.47
CA VAL A 335 -35.33 -15.12 22.43
C VAL A 335 -34.28 -16.09 23.00
N ILE A 336 -33.24 -15.52 23.62
CA ILE A 336 -32.17 -16.27 24.25
C ILE A 336 -32.72 -17.24 25.32
N GLY A 338 -35.57 -18.58 25.65
CA GLY A 338 -36.47 -19.60 25.12
C GLY A 338 -37.94 -19.20 25.15
N ARG A 339 -38.20 -17.94 25.44
CA ARG A 339 -39.57 -17.44 25.58
C ARG A 339 -40.24 -17.15 24.23
N LEU A 340 -39.42 -16.93 23.21
CA LEU A 340 -39.89 -16.59 21.86
C LEU A 340 -39.13 -17.34 20.78
N PRO A 341 -39.81 -18.25 20.06
CA PRO A 341 -39.15 -19.06 19.02
C PRO A 341 -39.04 -18.29 17.72
N LEU A 342 -37.91 -18.48 17.04
CA LEU A 342 -37.63 -17.74 15.81
C LEU A 342 -38.11 -18.54 14.62
N PRO A 343 -38.62 -17.84 13.60
CA PRO A 343 -38.98 -18.49 12.34
C PRO A 343 -37.76 -19.15 11.69
N SER A 344 -37.91 -19.60 10.44
CA SER A 344 -36.77 -20.14 9.69
C SER A 344 -36.01 -19.01 9.00
N LYS A 345 -34.75 -19.26 8.64
CA LYS A 345 -33.96 -18.29 7.88
C LYS A 345 -34.78 -17.66 6.74
N GLU A 346 -35.42 -18.50 5.93
CA GLU A 346 -36.23 -18.04 4.81
C GLU A 346 -37.31 -17.03 5.21
N GLU A 347 -38.03 -17.30 6.29
CA GLU A 347 -39.12 -16.42 6.75
C GLU A 347 -38.59 -15.14 7.42
N LYS A 349 -35.76 -13.70 6.63
CA LYS A 349 -35.26 -12.88 5.53
C LYS A 349 -36.37 -12.12 4.83
N ALA A 350 -37.47 -12.83 4.59
CA ALA A 350 -38.65 -12.26 3.94
C ALA A 350 -39.35 -11.24 4.83
N ASP A 351 -39.38 -11.47 6.14
CA ASP A 351 -39.95 -10.48 7.08
C ASP A 351 -39.12 -9.20 7.04
N SER A 352 -37.80 -9.34 6.96
CA SER A 352 -36.94 -8.19 6.90
C SER A 352 -37.15 -7.41 5.61
N ALA A 354 -39.99 -7.07 3.86
CA ALA A 354 -41.17 -6.24 4.06
C ALA A 354 -40.81 -4.94 4.82
N TRP A 355 -39.95 -5.05 5.82
CA TRP A 355 -39.50 -3.87 6.57
C TRP A 355 -38.63 -2.90 5.76
N ARG A 356 -37.70 -3.45 4.96
CA ARG A 356 -36.91 -2.66 4.02
C ARG A 356 -37.80 -1.92 3.02
N GLU A 357 -38.77 -2.64 2.47
CA GLU A 357 -39.67 -2.06 1.48
C GLU A 357 -40.44 -0.89 2.05
N LYS A 358 -40.94 -1.04 3.28
CA LYS A 358 -41.52 0.05 4.03
C LYS A 358 -40.54 1.22 4.14
N GLU A 359 -39.31 0.94 4.56
CA GLU A 359 -38.28 1.96 4.75
C GLU A 359 -38.05 2.77 3.47
N LEU A 360 -37.97 2.12 2.33
CA LEU A 360 -37.67 2.80 1.06
C LEU A 360 -38.75 3.81 0.65
N THR A 361 -39.89 3.72 1.31
CA THR A 361 -41.07 4.52 1.03
C THR A 361 -41.06 5.88 1.73
N LEU A 362 -40.26 6.00 2.77
CA LEU A 362 -40.29 7.15 3.67
C LEU A 362 -39.60 8.37 3.09
N VAL A 363 -40.29 9.51 3.14
CA VAL A 363 -39.73 10.79 2.67
C VAL A 363 -39.55 11.81 3.80
N THR A 364 -40.61 12.06 4.56
CA THR A 364 -40.59 13.13 5.57
C THR A 364 -40.14 12.65 6.95
N ALA A 365 -39.67 13.59 7.76
CA ALA A 365 -39.26 13.34 9.15
C ALA A 365 -40.36 12.68 10.00
N GLU A 366 -41.61 13.11 9.82
CA GLU A 366 -42.75 12.51 10.47
C GLU A 366 -42.89 11.02 10.11
N GLU A 367 -42.67 10.70 8.85
CA GLU A 367 -42.79 9.32 8.39
C GLU A 367 -41.72 8.48 9.04
N TYR A 369 -40.01 8.98 12.02
CA TYR A 369 -40.32 8.72 13.44
C TYR A 369 -41.41 7.67 13.58
N THR A 370 -42.50 7.83 12.84
CA THR A 370 -43.59 6.88 12.89
C THR A 370 -43.09 5.47 12.60
N TYR A 371 -42.31 5.35 11.54
CA TYR A 371 -41.68 4.08 11.18
C TYR A 371 -40.87 3.48 12.34
N GLN A 372 -39.98 4.28 12.93
CA GLN A 372 -39.18 3.78 14.03
C GLN A 372 -40.04 3.54 15.28
N GLY A 373 -41.03 4.41 15.52
CA GLY A 373 -41.99 4.22 16.61
C GLY A 373 -42.73 2.91 16.46
N ASP A 374 -43.17 2.61 15.24
CA ASP A 374 -43.87 1.35 14.96
C ASP A 374 -42.95 0.16 15.16
N TYR A 375 -41.67 0.33 14.82
CA TYR A 375 -40.69 -0.75 15.02
C TYR A 375 -40.57 -1.09 16.50
N ILE A 376 -40.43 -0.06 17.33
CA ILE A 376 -40.31 -0.22 18.76
C ILE A 376 -41.59 -0.77 19.35
N GLN A 377 -42.73 -0.28 18.88
CA GLN A 377 -44.02 -0.78 19.36
C GLN A 377 -44.15 -2.29 19.12
N ASN A 378 -43.76 -2.73 17.93
CA ASN A 378 -43.73 -4.14 17.55
C ASN A 378 -42.93 -5.02 18.50
N LEU A 379 -41.73 -4.55 18.88
CA LEU A 379 -40.87 -5.26 19.83
C LEU A 379 -41.44 -5.27 21.24
N ILE A 380 -41.95 -4.14 21.70
CA ILE A 380 -42.59 -4.03 23.01
C ILE A 380 -43.78 -5.00 23.12
N ASP A 381 -44.58 -5.10 22.07
CA ASP A 381 -45.75 -5.97 22.07
C ASP A 381 -45.41 -7.43 22.37
N THR A 383 -43.00 -8.53 24.45
CA THR A 383 -42.40 -8.74 25.77
C THR A 383 -43.17 -8.02 26.87
N ASP A 384 -42.69 -8.13 28.11
CA ASP A 384 -43.28 -7.43 29.24
C ASP A 384 -42.74 -6.00 29.46
N TYR A 385 -42.03 -5.45 28.46
CA TYR A 385 -41.56 -4.07 28.55
C TYR A 385 -42.74 -3.12 28.71
N PRO A 386 -42.65 -2.14 29.64
CA PRO A 386 -43.78 -1.23 29.77
C PRO A 386 -43.97 -0.43 28.49
N SER A 387 -45.23 -0.27 28.10
CA SER A 387 -45.61 0.42 26.87
C SER A 387 -45.57 1.91 27.19
N PHE A 388 -45.19 2.73 26.22
CA PHE A 388 -45.15 4.18 26.43
C PHE A 388 -45.77 4.91 25.26
N ASP A 389 -46.09 6.19 25.47
CA ASP A 389 -46.83 6.99 24.48
C ASP A 389 -45.94 7.34 23.28
N ILE A 390 -45.84 6.38 22.35
CA ILE A 390 -45.05 6.57 21.13
C ILE A 390 -45.66 7.64 20.21
N PRO A 391 -46.97 7.57 19.92
CA PRO A 391 -47.53 8.65 19.09
C PRO A 391 -47.26 10.06 19.63
N ALA A 392 -47.37 10.24 20.95
CA ALA A 392 -47.17 11.55 21.53
C ALA A 392 -45.70 11.92 21.58
N THR A 393 -44.84 10.90 21.70
CA THR A 393 -43.39 11.10 21.60
C THR A 393 -43.05 11.54 20.17
N ASN A 394 -43.61 10.87 19.17
CA ASN A 394 -43.44 11.30 17.78
C ASN A 394 -43.82 12.77 17.65
N LYS A 395 -45.01 13.09 18.13
CA LYS A 395 -45.53 14.45 18.12
C LYS A 395 -44.56 15.46 18.75
N THR A 396 -43.95 15.10 19.88
CA THR A 396 -42.96 15.95 20.54
C THR A 396 -41.69 16.13 19.69
N PHE A 397 -41.15 15.04 19.15
CA PHE A 397 -40.04 15.11 18.21
C PHE A 397 -40.35 16.11 17.09
N LEU A 398 -41.59 16.09 16.61
CA LEU A 398 -41.96 16.94 15.49
C LEU A 398 -42.11 18.41 15.88
N GLU A 399 -42.48 18.69 17.13
CA GLU A 399 -42.48 20.10 17.53
C GLU A 399 -41.07 20.61 17.83
N TRP A 400 -40.17 19.68 18.08
CA TRP A 400 -38.75 19.99 18.19
C TRP A 400 -38.18 20.37 16.83
N LYS A 401 -38.49 19.57 15.82
CA LYS A 401 -38.10 19.89 14.45
C LYS A 401 -38.67 21.24 14.03
N HIS A 402 -39.88 21.53 14.51
CA HIS A 402 -40.55 22.80 14.22
C HIS A 402 -39.81 23.98 14.87
N HIS A 403 -39.46 23.84 16.13
CA HIS A 403 -38.74 24.91 16.83
C HIS A 403 -37.34 25.17 16.26
N LYS A 404 -36.73 24.12 15.72
CA LYS A 404 -35.49 24.21 14.97
C LYS A 404 -35.64 25.08 13.72
N LYS A 405 -36.76 24.90 13.01
CA LYS A 405 -37.03 25.63 11.77
C LYS A 405 -37.34 27.09 12.04
N GLU A 406 -38.05 27.38 13.14
CA GLU A 406 -38.36 28.75 13.53
C GLU A 406 -37.10 29.56 13.83
N ASN A 407 -36.21 28.97 14.63
CA ASN A 407 -34.94 29.59 15.00
C ASN A 407 -33.99 28.52 15.50
N ILE A 408 -32.93 28.28 14.75
CA ILE A 408 -31.99 27.19 15.06
C ILE A 408 -31.11 27.44 16.30
N THR A 410 -32.14 29.07 19.23
CA THR A 410 -32.89 29.16 20.49
C THR A 410 -33.83 27.98 20.75
N PHE A 411 -33.78 26.97 19.88
CA PHE A 411 -34.68 25.84 20.05
C PHE A 411 -34.51 25.17 21.42
N ARG A 412 -33.33 25.34 22.01
CA ARG A 412 -32.97 24.74 23.31
C ARG A 412 -33.53 25.47 24.52
N ASP A 413 -34.31 26.52 24.29
CA ASP A 413 -34.97 27.25 25.37
C ASP A 413 -36.48 26.96 25.43
N HIS A 414 -36.95 26.09 24.54
CA HIS A 414 -38.36 25.66 24.52
C HIS A 414 -38.64 24.57 25.57
N SER A 415 -39.90 24.43 25.94
CA SER A 415 -40.30 23.46 26.96
C SER A 415 -41.29 22.43 26.42
N TYR A 416 -41.24 21.22 26.98
CA TYR A 416 -42.11 20.14 26.53
C TYR A 416 -42.73 19.36 27.68
N ARG A 417 -43.88 18.73 27.40
CA ARG A 417 -44.62 18.00 28.40
C ARG A 417 -44.12 16.56 28.45
N SER A 418 -43.84 16.09 29.66
CA SER A 418 -43.44 14.71 29.88
C SER A 418 -44.57 13.76 29.49
N LEU A 419 -44.18 12.67 28.83
CA LEU A 419 -45.10 11.64 28.40
C LEU A 419 -45.10 10.47 29.37
N THR A 421 -45.13 11.46 32.90
CA THR A 421 -45.78 12.05 34.09
C THR A 421 -46.66 13.26 33.82
N GLY A 422 -46.66 13.77 32.58
CA GLY A 422 -47.53 14.90 32.21
C GLY A 422 -47.04 16.25 32.68
N THR A 423 -45.91 16.22 33.39
CA THR A 423 -45.23 17.40 33.88
C THR A 423 -44.74 18.28 32.73
N ALA A 425 -42.23 20.92 31.47
CA ALA A 425 -40.87 21.32 31.85
C ALA A 425 -40.80 22.84 32.01
N PRO A 426 -40.15 23.32 33.08
CA PRO A 426 -40.01 24.76 33.27
C PRO A 426 -38.90 25.36 32.41
N LYS A 427 -38.96 26.69 32.22
CA LYS A 427 -37.88 27.41 31.55
C LYS A 427 -36.61 27.34 32.37
N HIS A 428 -35.49 27.12 31.70
CA HIS A 428 -34.19 27.15 32.36
C HIS A 428 -33.86 28.57 32.78
N HIS A 429 -33.10 28.71 33.87
CA HIS A 429 -32.76 30.02 34.41
C HIS A 429 -31.92 30.87 33.44
N THR A 430 -31.22 30.19 32.53
CA THR A 430 -30.32 30.85 31.60
C THR A 430 -30.59 30.39 30.17
N PRO A 431 -30.76 31.34 29.23
CA PRO A 431 -30.90 31.01 27.82
C PRO A 431 -29.66 30.30 27.29
N TRP A 432 -29.87 29.36 26.39
CA TRP A 432 -28.78 28.51 25.89
C TRP A 432 -27.52 29.30 25.56
N ILE A 433 -27.66 30.28 24.66
CA ILE A 433 -26.54 31.09 24.19
C ILE A 433 -25.66 31.61 25.33
N ASP A 434 -26.26 31.92 26.47
CA ASP A 434 -25.55 32.54 27.58
C ASP A 434 -25.02 31.57 28.63
N ALA A 435 -25.51 30.33 28.60
CA ALA A 435 -25.12 29.32 29.58
C ALA A 435 -23.83 28.63 29.14
N LEU A 436 -22.70 29.31 29.37
CA LEU A 436 -21.39 28.80 28.98
C LEU A 436 -20.94 27.67 29.90
N ASP A 437 -21.52 27.63 31.10
CA ASP A 437 -21.18 26.64 32.10
C ASP A 437 -21.84 25.29 31.84
N ASP A 438 -20.98 24.29 31.74
CA ASP A 438 -21.30 22.96 31.28
C ASP A 438 -21.88 22.08 32.40
N SER A 439 -21.62 22.47 33.65
CA SER A 439 -21.71 21.56 34.78
C SER A 439 -23.12 21.23 35.28
N LEU A 440 -23.29 20.01 35.78
CA LEU A 440 -24.46 19.59 36.53
C LEU A 440 -24.81 20.60 37.64
N GLU A 441 -23.80 20.98 38.44
CA GLU A 441 -24.00 21.85 39.60
C GLU A 441 -24.53 23.22 39.20
N ALA A 442 -24.03 23.76 38.10
CA ALA A 442 -24.59 24.98 37.50
C ALA A 442 -26.05 24.77 37.09
N TYR A 443 -26.30 23.73 36.30
CA TYR A 443 -27.64 23.44 35.80
C TYR A 443 -28.71 23.31 36.89
N LEU A 444 -28.43 22.50 37.90
CA LEU A 444 -29.36 22.23 38.97
C LEU A 444 -29.71 23.42 39.90
N SER A 445 -28.83 24.39 40.01
CA SER A 445 -29.06 25.55 40.83
C SER A 445 -29.77 26.63 40.08
N ASP A 446 -29.74 27.84 40.60
CA ASP A 446 -30.44 28.99 39.98
C ASP A 446 -29.60 30.21 39.65
N LYS A 447 -30.28 31.23 39.17
CA LYS A 447 -29.65 32.50 38.76
C LYS A 447 -28.23 32.36 38.17
N ALA B 2 4.05 -25.25 -2.76
CA ALA B 2 5.40 -24.70 -2.42
C ALA B 2 5.38 -24.05 -1.03
N THR B 3 6.55 -23.66 -0.54
CA THR B 3 6.61 -22.86 0.69
C THR B 3 6.15 -21.41 0.44
N ARG B 4 5.33 -20.88 1.35
CA ARG B 4 4.81 -19.52 1.23
C ARG B 4 4.94 -18.75 2.55
N ILE B 5 5.31 -17.48 2.43
CA ILE B 5 5.64 -16.64 3.56
C ILE B 5 4.79 -15.38 3.59
N ALA B 6 4.29 -15.06 4.78
CA ALA B 6 3.53 -13.83 5.01
C ALA B 6 4.44 -12.74 5.59
N ILE B 7 4.45 -11.58 4.95
CA ILE B 7 5.22 -10.44 5.42
C ILE B 7 4.22 -9.36 5.84
N LEU B 8 4.25 -9.01 7.11
CA LEU B 8 3.24 -8.10 7.64
C LEU B 8 3.80 -6.69 7.70
N GLY B 9 3.33 -5.84 6.79
CA GLY B 9 3.77 -4.46 6.69
C GLY B 9 4.73 -4.25 5.52
N ALA B 10 4.59 -3.12 4.83
CA ALA B 10 5.50 -2.74 3.77
C ALA B 10 6.11 -1.34 4.03
N GLY B 11 6.56 -1.13 5.27
CA GLY B 11 7.47 -0.02 5.60
C GLY B 11 8.90 -0.45 5.20
N PRO B 12 9.92 0.34 5.58
CA PRO B 12 11.34 -0.02 5.39
C PRO B 12 11.65 -1.50 5.66
N SER B 13 11.18 -2.02 6.77
CA SER B 13 11.39 -3.41 7.15
C SER B 13 10.76 -4.42 6.18
N GLY B 14 9.50 -4.22 5.83
CA GLY B 14 8.84 -5.16 4.91
C GLY B 14 9.42 -5.05 3.52
N ALA B 16 12.47 -4.19 2.85
CA ALA B 16 13.74 -4.87 3.00
C ALA B 16 13.60 -6.38 2.91
N GLN B 17 12.59 -6.97 3.55
CA GLN B 17 12.44 -8.43 3.50
C GLN B 17 12.19 -8.93 2.11
N LEU B 18 11.34 -8.18 1.38
CA LEU B 18 11.05 -8.46 -0.01
C LEU B 18 12.33 -8.33 -0.83
N ARG B 19 13.11 -7.30 -0.54
CA ARG B 19 14.35 -7.06 -1.23
C ARG B 19 15.35 -8.18 -0.95
N ALA B 20 15.40 -8.64 0.30
CA ALA B 20 16.23 -9.78 0.65
C ALA B 20 15.93 -10.98 -0.24
N PHE B 21 14.66 -11.34 -0.37
CA PHE B 21 14.26 -12.50 -1.18
C PHE B 21 14.50 -12.28 -2.67
N GLN B 22 14.20 -11.09 -3.15
CA GLN B 22 14.47 -10.75 -4.54
C GLN B 22 15.95 -10.87 -4.88
N SER B 23 16.83 -10.48 -3.97
CA SER B 23 18.27 -10.50 -4.27
C SER B 23 18.80 -11.92 -4.37
N ALA B 24 18.28 -12.79 -3.51
CA ALA B 24 18.59 -14.22 -3.55
C ALA B 24 18.13 -14.86 -4.86
N GLN B 25 16.95 -14.48 -5.33
CA GLN B 25 16.40 -14.96 -6.59
C GLN B 25 17.22 -14.47 -7.77
N GLU B 26 17.57 -13.20 -7.75
CA GLU B 26 18.43 -12.62 -8.78
C GLU B 26 19.75 -13.40 -8.86
N LYS B 27 20.27 -13.84 -7.70
CA LYS B 27 21.48 -14.67 -7.67
C LYS B 27 21.21 -16.13 -8.08
N GLY B 28 19.96 -16.47 -8.34
CA GLY B 28 19.62 -17.77 -8.97
C GLY B 28 19.02 -18.83 -8.06
N ALA B 29 18.56 -18.41 -6.88
CA ALA B 29 18.00 -19.36 -5.93
C ALA B 29 16.50 -19.60 -6.13
N GLU B 30 16.02 -20.72 -5.58
CA GLU B 30 14.60 -21.05 -5.57
C GLU B 30 13.94 -20.30 -4.42
N ILE B 31 13.07 -19.35 -4.75
CA ILE B 31 12.43 -18.51 -3.74
C ILE B 31 11.06 -19.06 -3.33
N PRO B 32 10.76 -19.07 -2.02
CA PRO B 32 9.41 -19.39 -1.54
C PRO B 32 8.40 -18.38 -2.08
N GLU B 33 7.12 -18.70 -2.05
CA GLU B 33 6.10 -17.75 -2.45
C GLU B 33 5.95 -16.65 -1.39
N LEU B 34 5.88 -15.39 -1.84
CA LEU B 34 5.80 -14.25 -0.94
C LEU B 34 4.47 -13.52 -0.95
N VAL B 35 3.94 -13.25 0.24
CA VAL B 35 2.74 -12.41 0.39
C VAL B 35 2.93 -11.38 1.49
N CYS B 36 2.89 -10.11 1.09
CA CYS B 36 3.04 -8.98 1.99
C CYS B 36 1.72 -8.20 2.14
N PHE B 37 1.29 -8.00 3.39
CA PHE B 37 0.04 -7.29 3.68
C PHE B 37 0.35 -5.92 4.24
N GLU B 38 -0.24 -4.88 3.66
CA GLU B 38 -0.01 -3.49 4.03
C GLU B 38 -1.35 -2.74 4.13
N LYS B 39 -1.62 -2.15 5.29
CA LYS B 39 -2.93 -1.52 5.49
C LYS B 39 -3.11 -0.17 4.78
N GLN B 40 -2.00 0.49 4.46
CA GLN B 40 -2.04 1.76 3.73
C GLN B 40 -2.13 1.52 2.22
N ALA B 41 -2.39 2.60 1.48
CA ALA B 41 -2.50 2.54 0.02
C ALA B 41 -1.14 2.42 -0.71
N ASP B 42 -0.06 2.83 -0.06
CA ASP B 42 1.26 2.80 -0.67
C ASP B 42 2.32 2.41 0.33
N TRP B 43 3.49 1.98 -0.16
CA TRP B 43 4.61 1.60 0.72
C TRP B 43 5.39 2.77 1.31
N GLY B 44 6.16 2.48 2.36
CA GLY B 44 6.98 3.50 2.98
C GLY B 44 6.88 3.61 4.48
N GLY B 45 5.83 3.03 5.04
CA GLY B 45 5.57 3.00 6.47
C GLY B 45 5.43 4.39 7.06
N GLN B 46 6.28 4.68 8.04
CA GLN B 46 6.31 6.00 8.62
C GLN B 46 6.53 7.09 7.56
N TRP B 47 7.29 6.76 6.51
CA TRP B 47 7.77 7.75 5.53
C TRP B 47 6.70 8.10 4.50
N ASN B 48 5.61 7.35 4.54
CA ASN B 48 4.46 7.70 3.72
C ASN B 48 3.61 8.68 4.51
N TYR B 49 3.83 9.96 4.27
CA TYR B 49 3.11 11.01 4.98
C TYR B 49 1.58 11.01 4.78
N THR B 50 0.83 11.33 5.83
CA THR B 50 -0.61 11.50 5.73
C THR B 50 -1.09 12.70 6.53
N TRP B 51 -2.12 13.40 6.04
CA TRP B 51 -2.70 14.53 6.79
C TRP B 51 -3.59 14.00 7.94
N ARG B 52 -4.04 12.77 7.77
CA ARG B 52 -4.99 12.13 8.68
C ARG B 52 -4.41 11.91 10.06
N THR B 53 -5.25 11.96 11.07
CA THR B 53 -4.87 11.65 12.44
C THR B 53 -5.92 10.72 13.06
N GLY B 54 -5.53 9.98 14.08
CA GLY B 54 -6.44 9.06 14.76
C GLY B 54 -6.69 7.82 13.94
N LEU B 55 -7.79 7.83 13.20
CA LEU B 55 -8.19 6.71 12.37
C LEU B 55 -8.17 7.09 10.89
N ASP B 56 -7.79 6.14 10.05
CA ASP B 56 -7.61 6.34 8.60
C ASP B 56 -8.91 6.13 7.81
N GLU B 57 -8.85 6.25 6.49
CA GLU B 57 -10.07 6.21 5.63
C GLU B 57 -10.94 4.99 5.85
N ASN B 58 -10.34 3.93 6.39
CA ASN B 58 -11.05 2.67 6.60
C ASN B 58 -11.33 2.37 8.08
N GLY B 59 -11.09 3.33 8.96
CA GLY B 59 -11.29 3.13 10.40
C GLY B 59 -10.16 2.41 11.10
N GLU B 60 -9.06 2.21 10.40
CA GLU B 60 -7.90 1.63 10.98
C GLU B 60 -7.09 2.76 11.64
N PRO B 61 -6.38 2.46 12.75
CA PRO B 61 -5.51 3.49 13.34
C PRO B 61 -4.53 4.04 12.31
N VAL B 62 -4.37 5.35 12.30
CA VAL B 62 -3.39 5.98 11.44
C VAL B 62 -2.03 5.51 11.91
N HIS B 63 -1.18 5.14 10.96
CA HIS B 63 0.10 4.55 11.29
C HIS B 63 1.24 5.57 11.41
N SER B 64 1.48 6.35 10.36
CA SER B 64 2.54 7.34 10.38
C SER B 64 2.42 8.36 11.51
N SER B 65 3.55 8.64 12.16
CA SER B 65 3.72 9.73 13.13
C SER B 65 4.50 10.90 12.51
N TYR B 67 5.46 14.20 10.48
CA TYR B 67 4.81 15.49 10.34
C TYR B 67 5.37 16.20 9.14
N ARG B 68 4.75 17.32 8.78
CA ARG B 68 5.29 18.18 7.74
C ARG B 68 6.63 18.75 8.15
N TYR B 69 7.49 18.98 7.17
CA TYR B 69 8.78 19.64 7.37
C TYR B 69 9.82 18.76 8.04
N LEU B 70 9.52 17.48 8.18
CA LEU B 70 10.45 16.55 8.79
C LEU B 70 11.66 16.30 7.87
N TRP B 71 12.86 16.49 8.43
CA TRP B 71 14.11 16.10 7.80
C TRP B 71 14.72 14.95 8.59
N SER B 72 15.62 14.21 7.94
CA SER B 72 16.37 13.10 8.55
C SER B 72 16.98 13.51 9.92
N ASN B 73 16.84 12.67 10.95
CA ASN B 73 17.34 12.99 12.30
C ASN B 73 18.86 12.85 12.33
N GLY B 74 19.36 11.82 11.66
CA GLY B 74 20.79 11.59 11.57
C GLY B 74 21.32 11.78 10.16
N PRO B 75 22.65 11.76 9.99
CA PRO B 75 23.20 11.88 8.64
C PRO B 75 22.70 10.72 7.78
N LYS B 76 22.31 11.02 6.55
CA LYS B 76 21.82 9.99 5.63
C LYS B 76 22.89 8.92 5.38
N GLU B 77 24.15 9.27 5.62
CA GLU B 77 25.27 8.37 5.45
C GLU B 77 25.16 7.19 6.41
N CYS B 78 24.46 7.41 7.52
CA CYS B 78 24.25 6.36 8.50
C CYS B 78 23.13 5.39 8.14
N LEU B 79 22.34 5.71 7.12
CA LEU B 79 21.20 4.87 6.75
C LEU B 79 21.18 4.42 5.29
N GLU B 80 22.26 4.72 4.56
CA GLU B 80 22.39 4.36 3.15
C GLU B 80 22.36 2.85 2.99
N PHE B 81 21.55 2.37 2.05
CA PHE B 81 21.54 0.94 1.73
C PHE B 81 22.90 0.50 1.19
N ALA B 82 23.38 -0.65 1.64
CA ALA B 82 24.64 -1.19 1.14
C ALA B 82 24.60 -1.60 -0.34
N ASP B 83 23.42 -1.99 -0.85
CA ASP B 83 23.27 -2.47 -2.23
C ASP B 83 22.57 -1.48 -3.17
N TYR B 84 22.23 -0.31 -2.63
CA TYR B 84 21.51 0.71 -3.38
C TYR B 84 21.90 2.07 -2.82
N THR B 85 22.72 2.74 -3.60
CA THR B 85 23.52 3.87 -3.18
C THR B 85 22.78 5.19 -3.40
N PHE B 86 23.14 6.22 -2.63
CA PHE B 86 22.57 7.54 -2.89
C PHE B 86 22.89 8.07 -4.30
N ASP B 87 24.14 7.91 -4.73
CA ASP B 87 24.59 8.24 -6.09
C ASP B 87 23.79 7.50 -7.17
N GLU B 88 23.65 6.18 -7.03
CA GLU B 88 22.83 5.41 -7.95
C GLU B 88 21.43 5.98 -8.07
N HIS B 89 20.81 6.32 -6.93
CA HIS B 89 19.41 6.76 -6.96
C HIS B 89 19.23 8.19 -7.48
N PHE B 90 19.98 9.14 -6.93
CA PHE B 90 19.78 10.53 -7.28
C PHE B 90 20.68 11.02 -8.39
N GLY B 91 21.61 10.15 -8.82
CA GLY B 91 22.50 10.43 -9.94
C GLY B 91 23.55 11.49 -9.67
N LYS B 92 23.51 12.08 -8.48
CA LYS B 92 24.34 13.24 -8.12
C LYS B 92 24.47 13.35 -6.60
N PRO B 93 25.48 14.09 -6.12
CA PRO B 93 25.59 14.27 -4.67
C PRO B 93 24.48 15.17 -4.07
N ILE B 94 23.95 14.75 -2.93
CA ILE B 94 22.96 15.56 -2.18
C ILE B 94 23.42 15.76 -0.74
N ALA B 95 22.82 16.74 -0.06
CA ALA B 95 23.22 17.06 1.31
C ALA B 95 22.93 15.89 2.27
N SER B 96 23.30 16.04 3.53
CA SER B 96 23.35 14.90 4.44
C SER B 96 22.08 14.60 5.25
N TYR B 97 21.16 15.56 5.27
CA TYR B 97 19.92 15.44 6.03
C TYR B 97 18.73 15.74 5.12
N PRO B 98 18.42 14.82 4.18
CA PRO B 98 17.33 15.19 3.28
C PRO B 98 15.96 15.14 3.96
N PRO B 99 15.01 15.98 3.49
CA PRO B 99 13.66 15.98 4.03
C PRO B 99 12.95 14.67 3.73
N ARG B 100 11.86 14.42 4.46
CA ARG B 100 11.09 13.18 4.35
C ARG B 100 10.85 12.66 2.94
N GLU B 101 10.33 13.50 2.06
CA GLU B 101 9.93 13.05 0.74
C GLU B 101 11.11 12.52 -0.04
N VAL B 102 12.27 13.17 0.12
CA VAL B 102 13.50 12.73 -0.52
C VAL B 102 13.94 11.35 0.00
N LEU B 103 13.84 11.11 1.30
CA LEU B 103 14.18 9.79 1.81
C LEU B 103 13.12 8.75 1.45
N TRP B 104 11.87 9.21 1.33
CA TRP B 104 10.80 8.33 0.90
C TRP B 104 11.04 7.92 -0.55
N ASP B 105 11.42 8.91 -1.36
CA ASP B 105 11.77 8.68 -2.74
C ASP B 105 12.93 7.70 -2.87
N TYR B 106 13.92 7.85 -1.99
CA TYR B 106 15.06 6.96 -1.96
C TYR B 106 14.68 5.50 -1.70
N ILE B 107 13.98 5.25 -0.59
CA ILE B 107 13.68 3.86 -0.18
C ILE B 107 12.76 3.12 -1.13
N LYS B 108 11.83 3.82 -1.77
CA LYS B 108 11.00 3.12 -2.72
C LYS B 108 11.71 2.93 -4.04
N GLY B 109 12.67 3.82 -4.31
CA GLY B 109 13.53 3.70 -5.46
C GLY B 109 14.19 2.33 -5.50
N ARG B 110 14.58 1.81 -4.34
CA ARG B 110 15.23 0.51 -4.29
C ARG B 110 14.26 -0.60 -4.68
N VAL B 111 13.11 -0.65 -4.03
CA VAL B 111 12.15 -1.75 -4.27
C VAL B 111 11.36 -1.68 -5.58
N GLU B 112 11.32 -0.49 -6.19
CA GLU B 112 10.78 -0.32 -7.56
C GLU B 112 11.67 -1.06 -8.57
N LYS B 113 12.97 -0.86 -8.45
CA LYS B 113 13.99 -1.51 -9.26
C LYS B 113 13.93 -3.03 -9.08
N ALA B 114 13.73 -3.47 -7.84
CA ALA B 114 13.67 -4.89 -7.53
C ALA B 114 12.41 -5.57 -8.09
N GLY B 115 11.39 -4.77 -8.40
CA GLY B 115 10.13 -5.30 -8.94
C GLY B 115 9.33 -6.07 -7.89
N VAL B 116 9.45 -5.69 -6.62
CA VAL B 116 8.76 -6.45 -5.58
C VAL B 116 7.35 -5.96 -5.22
N ARG B 117 6.91 -4.85 -5.81
CA ARG B 117 5.53 -4.35 -5.59
C ARG B 117 4.46 -5.45 -5.78
N LYS B 118 4.72 -6.35 -6.72
CA LYS B 118 3.80 -7.42 -7.10
C LYS B 118 3.43 -8.40 -5.98
N TYR B 119 4.23 -8.48 -4.92
CA TYR B 119 3.90 -9.37 -3.79
C TYR B 119 2.99 -8.72 -2.76
N ILE B 120 2.80 -7.41 -2.87
CA ILE B 120 2.15 -6.64 -1.81
C ILE B 120 0.64 -6.51 -2.04
N ARG B 121 -0.12 -6.77 -0.98
CA ARG B 121 -1.54 -6.50 -0.99
C ARG B 121 -1.83 -5.28 -0.14
N PHE B 122 -2.01 -4.16 -0.82
CA PHE B 122 -2.25 -2.86 -0.21
C PHE B 122 -3.67 -2.73 0.34
N ASN B 123 -3.91 -1.69 1.12
CA ASN B 123 -5.24 -1.40 1.69
C ASN B 123 -5.82 -2.60 2.45
N THR B 124 -4.93 -3.42 2.99
CA THR B 124 -5.29 -4.70 3.60
C THR B 124 -4.71 -4.80 5.01
N ALA B 125 -5.61 -4.82 6.00
CA ALA B 125 -5.21 -4.84 7.38
C ALA B 125 -5.19 -6.24 7.95
N VAL B 126 -4.07 -6.62 8.57
CA VAL B 126 -3.91 -7.90 9.26
C VAL B 126 -4.76 -7.92 10.52
N ARG B 127 -5.62 -8.93 10.64
CA ARG B 127 -6.55 -8.99 11.75
C ARG B 127 -6.07 -9.94 12.82
N HIS B 128 -5.53 -11.07 12.41
CA HIS B 128 -5.13 -12.11 13.35
C HIS B 128 -4.10 -13.04 12.74
N VAL B 129 -3.20 -13.55 13.59
CA VAL B 129 -2.27 -14.61 13.20
C VAL B 129 -2.33 -15.74 14.24
N GLU B 130 -2.69 -16.94 13.78
CA GLU B 130 -2.78 -18.11 14.66
C GLU B 130 -1.84 -19.19 14.15
N PHE B 131 -1.11 -19.80 15.08
CA PHE B 131 -0.33 -20.98 14.73
C PHE B 131 -1.19 -22.21 14.92
N ASN B 132 -1.15 -23.11 13.93
CA ASN B 132 -1.88 -24.38 14.00
C ASN B 132 -0.94 -25.54 14.32
N GLU B 133 -1.08 -26.07 15.53
CA GLU B 133 -0.17 -27.08 16.07
C GLU B 133 -0.23 -28.39 15.27
N ASP B 134 -1.43 -28.76 14.85
CA ASP B 134 -1.65 -30.02 14.12
C ASP B 134 -1.12 -29.97 12.69
N SER B 135 -0.78 -28.78 12.24
CA SER B 135 -0.42 -28.55 10.85
C SER B 135 0.97 -27.89 10.70
N GLN B 136 1.52 -27.39 11.80
CA GLN B 136 2.82 -26.68 11.81
C GLN B 136 2.80 -25.48 10.87
N THR B 137 1.64 -24.85 10.76
CA THR B 137 1.41 -23.79 9.79
C THR B 137 0.56 -22.64 10.36
N PHE B 138 0.73 -21.44 9.80
CA PHE B 138 0.05 -20.22 10.28
C PHE B 138 -1.19 -19.85 9.49
N THR B 139 -2.29 -19.53 10.19
CA THR B 139 -3.48 -18.95 9.55
C THR B 139 -3.46 -17.41 9.71
N VAL B 140 -3.37 -16.70 8.60
CA VAL B 140 -3.37 -15.24 8.66
C VAL B 140 -4.72 -14.69 8.16
N THR B 141 -5.48 -14.10 9.09
CA THR B 141 -6.77 -13.49 8.78
C THR B 141 -6.58 -11.99 8.53
N VAL B 142 -7.19 -11.51 7.45
CA VAL B 142 -6.90 -10.18 6.92
C VAL B 142 -8.19 -9.48 6.49
N GLN B 143 -8.20 -8.14 6.49
CA GLN B 143 -9.33 -7.38 5.97
C GLN B 143 -8.94 -6.51 4.77
N ASP B 144 -9.49 -6.84 3.60
CA ASP B 144 -9.23 -6.11 2.36
C ASP B 144 -10.25 -4.98 2.27
N HIS B 145 -9.79 -3.76 2.47
CA HIS B 145 -10.71 -2.63 2.52
C HIS B 145 -11.10 -2.16 1.11
N THR B 146 -10.48 -2.75 0.11
CA THR B 146 -10.86 -2.47 -1.27
C THR B 146 -12.12 -3.24 -1.66
N THR B 147 -12.12 -4.55 -1.39
CA THR B 147 -13.28 -5.42 -1.61
C THR B 147 -14.25 -5.47 -0.41
N ASP B 148 -13.81 -4.90 0.71
CA ASP B 148 -14.51 -5.01 2.00
C ASP B 148 -14.84 -6.47 2.39
N THR B 149 -13.82 -7.31 2.33
CA THR B 149 -13.94 -8.73 2.72
C THR B 149 -12.84 -9.15 3.70
N ILE B 150 -13.18 -10.10 4.56
CA ILE B 150 -12.24 -10.71 5.49
C ILE B 150 -11.96 -12.15 5.03
N TYR B 151 -10.69 -12.44 4.76
CA TYR B 151 -10.29 -13.79 4.44
C TYR B 151 -9.09 -14.25 5.25
N SER B 152 -8.74 -15.51 5.07
CA SER B 152 -7.57 -16.08 5.73
C SER B 152 -6.85 -17.05 4.80
N GLU B 153 -5.52 -16.96 4.81
CA GLU B 153 -4.66 -17.84 4.03
C GLU B 153 -3.67 -18.54 4.94
N GLU B 154 -3.14 -19.66 4.45
CA GLU B 154 -2.15 -20.48 5.15
C GLU B 154 -0.72 -20.11 4.77
N PHE B 155 0.16 -20.03 5.78
CA PHE B 155 1.58 -19.70 5.58
C PHE B 155 2.51 -20.55 6.47
N ASP B 156 3.67 -20.90 5.94
CA ASP B 156 4.64 -21.71 6.66
C ASP B 156 5.48 -20.87 7.61
N TYR B 157 5.69 -19.61 7.23
CA TYR B 157 6.50 -18.70 8.01
C TYR B 157 5.84 -17.33 7.98
N VAL B 158 5.99 -16.57 9.08
CA VAL B 158 5.47 -15.21 9.18
C VAL B 158 6.55 -14.25 9.66
N VAL B 159 6.64 -13.11 8.99
CA VAL B 159 7.62 -12.09 9.33
C VAL B 159 6.87 -10.81 9.60
N CYS B 160 6.90 -10.40 10.86
CA CYS B 160 6.17 -9.23 11.33
C CYS B 160 7.04 -7.97 11.24
N CYS B 161 6.61 -7.03 10.42
CA CYS B 161 7.33 -5.79 10.18
C CYS B 161 6.41 -4.61 10.41
N THR B 162 5.54 -4.70 11.41
CA THR B 162 4.51 -3.68 11.58
C THR B 162 4.94 -2.48 12.41
N GLY B 163 6.22 -2.41 12.75
CA GLY B 163 6.73 -1.24 13.43
C GLY B 163 6.40 -1.21 14.90
N HIS B 164 6.98 -0.25 15.61
CA HIS B 164 6.68 -0.06 17.01
C HIS B 164 6.65 1.41 17.42
N PHE B 165 6.48 2.31 16.46
CA PHE B 165 6.33 3.74 16.80
C PHE B 165 5.01 4.35 16.31
N SER B 166 3.91 3.61 16.46
CA SER B 166 2.61 4.06 15.94
C SER B 166 1.50 4.08 16.99
N THR B 167 1.54 3.15 17.93
CA THR B 167 0.57 3.12 19.00
C THR B 167 1.13 3.89 20.18
N PRO B 168 0.68 5.13 20.39
CA PRO B 168 1.28 5.97 21.41
C PRO B 168 1.02 5.52 22.84
N TYR B 169 1.94 5.85 23.73
CA TYR B 169 1.74 5.86 25.15
C TYR B 169 1.37 7.30 25.51
N VAL B 170 0.16 7.47 26.07
CA VAL B 170 -0.40 8.78 26.30
C VAL B 170 -0.88 8.86 27.76
N PRO B 171 0.00 9.34 28.67
CA PRO B 171 -0.37 9.49 30.07
C PRO B 171 -1.26 10.69 30.34
N GLU B 172 -2.08 10.55 31.38
CA GLU B 172 -2.94 11.61 31.84
C GLU B 172 -2.22 12.46 32.88
N PHE B 173 -2.50 13.76 32.88
CA PHE B 173 -2.06 14.62 33.95
C PHE B 173 -3.32 15.24 34.53
N GLU B 174 -3.29 15.48 35.83
CA GLU B 174 -4.40 16.08 36.54
C GLU B 174 -4.85 17.34 35.83
N GLY B 175 -6.16 17.44 35.59
CA GLY B 175 -6.73 18.64 34.97
C GLY B 175 -6.85 18.63 33.46
N PHE B 176 -6.37 17.56 32.80
CA PHE B 176 -6.51 17.43 31.35
C PHE B 176 -7.95 17.61 30.83
N GLU B 177 -8.94 17.06 31.54
CA GLU B 177 -10.36 17.24 31.17
C GLU B 177 -10.78 18.71 31.15
N LYS B 178 -10.20 19.49 32.05
CA LYS B 178 -10.52 20.91 32.18
C LYS B 178 -9.73 21.81 31.20
N PHE B 179 -8.61 21.34 30.68
CA PHE B 179 -7.74 22.20 29.86
C PHE B 179 -8.46 22.78 28.63
N GLY B 180 -8.27 24.08 28.39
CA GLY B 180 -8.94 24.79 27.31
C GLY B 180 -8.27 24.76 25.94
N GLY B 181 -7.04 24.29 25.88
CA GLY B 181 -6.33 24.21 24.63
C GLY B 181 -6.19 22.78 24.10
N ARG B 182 -5.54 22.67 22.95
CA ARG B 182 -5.26 21.40 22.33
C ARG B 182 -4.32 20.50 23.14
N ILE B 183 -4.71 19.24 23.28
CA ILE B 183 -3.83 18.22 23.83
C ILE B 183 -3.72 17.12 22.79
N LEU B 184 -2.49 16.80 22.41
CA LEU B 184 -2.23 15.78 21.44
C LEU B 184 -0.95 15.08 21.81
N HIS B 185 -0.78 13.88 21.26
CA HIS B 185 0.44 13.14 21.35
C HIS B 185 1.28 13.51 20.15
N ALA B 186 2.60 13.40 20.27
CA ALA B 186 3.52 13.51 19.12
C ALA B 186 3.00 12.79 17.85
N HIS B 187 2.48 11.58 18.03
CA HIS B 187 1.84 10.78 16.97
C HIS B 187 0.85 11.56 16.14
N ASP B 188 0.15 12.50 16.77
CA ASP B 188 -0.90 13.23 16.06
C ASP B 188 -0.36 14.51 15.44
N PHE B 189 0.87 14.88 15.81
CA PHE B 189 1.48 16.15 15.36
C PHE B 189 1.69 16.16 13.86
N ARG B 190 1.23 17.21 13.21
CA ARG B 190 1.23 17.23 11.76
C ARG B 190 1.91 18.45 11.16
N ASP B 191 1.48 19.65 11.58
CA ASP B 191 1.93 20.90 10.96
C ASP B 191 2.22 21.99 11.98
N ALA B 192 3.51 22.28 12.14
CA ALA B 192 4.01 23.34 13.01
C ALA B 192 3.31 24.70 12.86
N LEU B 193 2.70 24.96 11.70
CA LEU B 193 2.01 26.23 11.46
C LEU B 193 0.80 26.41 12.35
N GLU B 194 0.11 25.32 12.65
CA GLU B 194 -1.05 25.36 13.52
C GLU B 194 -0.69 26.01 14.87
N PHE B 195 0.61 26.12 15.13
CA PHE B 195 1.11 26.62 16.40
C PHE B 195 1.82 27.97 16.30
N LYS B 196 1.82 28.57 15.12
CA LYS B 196 2.28 29.96 14.96
C LYS B 196 1.75 30.86 16.07
N ASP B 197 2.67 31.60 16.70
CA ASP B 197 2.34 32.60 17.75
C ASP B 197 1.70 32.04 19.02
N LYS B 198 1.83 30.73 19.24
CA LYS B 198 1.23 30.11 20.40
C LYS B 198 2.29 29.57 21.34
N THR B 199 1.95 29.44 22.61
CA THR B 199 2.81 28.84 23.60
C THR B 199 2.57 27.33 23.62
N VAL B 200 3.61 26.58 23.28
CA VAL B 200 3.51 25.13 23.19
C VAL B 200 4.32 24.44 24.31
N LEU B 201 3.65 23.55 25.04
CA LEU B 201 4.29 22.73 26.05
C LEU B 201 4.65 21.36 25.48
N LEU B 202 5.93 21.01 25.51
CA LEU B 202 6.36 19.68 25.07
C LEU B 202 6.64 18.81 26.29
N VAL B 203 5.78 17.80 26.51
CA VAL B 203 5.93 16.93 27.66
C VAL B 203 6.72 15.68 27.32
N GLY B 204 7.79 15.45 28.07
CA GLY B 204 8.59 14.23 27.95
C GLY B 204 9.86 14.37 27.13
N SER B 205 10.58 13.27 26.98
CA SER B 205 11.85 13.27 26.26
C SER B 205 12.04 12.03 25.41
N SER B 206 11.01 11.66 24.72
CA SER B 206 11.05 10.55 23.84
C SER B 206 11.62 11.03 22.54
N TYR B 207 11.54 10.22 21.50
CA TYR B 207 12.30 10.41 20.30
C TYR B 207 12.14 11.76 19.67
N SER B 208 10.91 12.18 19.53
CA SER B 208 10.60 13.39 18.83
C SER B 208 10.45 14.66 19.61
N ALA B 209 10.64 14.61 20.91
CA ALA B 209 10.48 15.79 21.74
C ALA B 209 11.26 16.98 21.18
N GLU B 210 12.55 16.81 20.94
CA GLU B 210 13.38 17.92 20.56
C GLU B 210 13.08 18.40 19.14
N ASP B 211 12.82 17.46 18.23
CA ASP B 211 12.58 17.83 16.85
C ASP B 211 11.24 18.52 16.63
N ILE B 212 10.20 18.08 17.34
CA ILE B 212 8.90 18.74 17.24
C ILE B 212 8.99 20.17 17.73
N GLY B 213 9.77 20.38 18.79
CA GLY B 213 9.99 21.70 19.33
C GLY B 213 10.70 22.59 18.34
N SER B 214 11.64 22.00 17.61
CA SER B 214 12.42 22.70 16.59
C SER B 214 11.55 23.15 15.45
N GLN B 215 10.59 22.31 15.06
CA GLN B 215 9.67 22.63 13.97
C GLN B 215 8.82 23.83 14.36
N CYS B 216 8.19 23.73 15.54
CA CYS B 216 7.40 24.82 16.09
C CYS B 216 8.23 26.13 16.17
N TYR B 217 9.45 26.01 16.64
CA TYR B 217 10.32 27.18 16.72
C TYR B 217 10.56 27.78 15.34
N LYS B 218 10.99 26.94 14.40
CA LYS B 218 11.34 27.38 13.04
C LYS B 218 10.15 27.97 12.30
N TYR B 219 8.96 27.40 12.50
CA TYR B 219 7.77 27.93 11.86
C TYR B 219 6.99 28.92 12.72
N GLY B 220 7.67 29.53 13.69
CA GLY B 220 7.14 30.74 14.32
C GLY B 220 6.32 30.65 15.61
N ALA B 221 6.56 29.61 16.41
CA ALA B 221 5.90 29.52 17.73
C ALA B 221 6.37 30.66 18.64
N LYS B 222 5.48 31.15 19.50
CA LYS B 222 5.77 32.31 20.34
C LYS B 222 6.72 31.93 21.48
N LYS B 223 6.56 30.71 21.97
CA LYS B 223 7.30 30.21 23.13
C LYS B 223 7.16 28.69 23.18
N LEU B 224 8.25 28.02 23.53
CA LEU B 224 8.22 26.57 23.74
C LEU B 224 8.66 26.29 25.18
N ILE B 225 8.08 25.25 25.76
CA ILE B 225 8.50 24.79 27.07
C ILE B 225 8.66 23.30 26.99
N SER B 226 9.88 22.82 27.22
CA SER B 226 10.17 21.40 27.36
C SER B 226 10.16 21.05 28.84
N CYS B 227 9.32 20.10 29.22
CA CYS B 227 9.34 19.57 30.58
C CYS B 227 9.44 18.06 30.56
N TYR B 228 10.28 17.53 31.45
CA TYR B 228 10.57 16.11 31.51
C TYR B 228 11.27 15.75 32.83
N ARG B 229 11.12 14.49 33.22
CA ARG B 229 11.62 13.98 34.51
C ARG B 229 13.06 13.51 34.36
N THR B 230 13.43 13.28 33.11
CA THR B 230 14.72 12.77 32.68
C THR B 230 15.88 13.74 32.95
N ALA B 231 17.11 13.25 32.79
CA ALA B 231 18.31 14.07 32.98
C ALA B 231 18.40 15.16 31.89
N PRO B 232 18.97 16.34 32.23
CA PRO B 232 19.02 17.41 31.25
C PRO B 232 19.60 16.95 29.91
N GLY B 234 21.15 18.64 27.61
CA GLY B 234 22.43 19.26 27.27
C GLY B 234 22.40 20.40 26.26
N TYR B 235 21.27 20.59 25.60
CA TYR B 235 21.17 21.54 24.49
C TYR B 235 20.84 22.95 24.92
N LYS B 236 21.60 23.92 24.40
CA LYS B 236 21.21 25.31 24.61
C LYS B 236 20.21 25.72 23.53
N TRP B 237 19.00 25.99 23.98
CA TRP B 237 17.90 26.34 23.13
C TRP B 237 17.90 27.84 22.81
N PRO B 238 17.10 28.25 21.81
CA PRO B 238 16.85 29.68 21.55
C PRO B 238 16.22 30.39 22.74
N GLU B 239 16.15 31.72 22.65
CA GLU B 239 15.67 32.59 23.71
C GLU B 239 14.22 32.34 24.16
N ASN B 240 13.34 31.96 23.24
CA ASN B 240 11.91 31.78 23.54
C ASN B 240 11.51 30.35 23.94
N TRP B 241 12.46 29.59 24.48
CA TRP B 241 12.30 28.17 24.76
C TRP B 241 12.81 27.92 26.16
N ASP B 242 11.96 27.43 27.06
CA ASP B 242 12.38 27.15 28.44
C ASP B 242 12.38 25.66 28.73
N GLU B 243 13.31 25.22 29.58
CA GLU B 243 13.20 23.91 30.21
C GLU B 243 12.49 24.02 31.56
N ARG B 244 11.81 22.95 31.96
CA ARG B 244 11.17 22.83 33.27
C ARG B 244 11.25 21.37 33.73
N PRO B 245 11.23 21.12 35.06
CA PRO B 245 11.06 19.74 35.52
C PRO B 245 9.61 19.25 35.26
N ASN B 246 9.30 18.01 35.60
CA ASN B 246 8.00 17.42 35.22
C ASN B 246 6.75 18.26 35.47
N LEU B 247 5.77 18.05 34.59
CA LEU B 247 4.44 18.64 34.70
C LEU B 247 3.73 17.96 35.86
N VAL B 248 2.89 18.70 36.55
CA VAL B 248 2.14 18.16 37.67
C VAL B 248 0.63 18.18 37.41
N ARG B 249 0.12 19.32 36.96
CA ARG B 249 -1.31 19.49 36.72
C ARG B 249 -1.52 20.66 35.77
N VAL B 250 -2.73 20.77 35.22
CA VAL B 250 -3.10 21.92 34.43
C VAL B 250 -4.44 22.46 34.88
N ASP B 251 -4.67 23.76 34.66
CA ASP B 251 -6.01 24.29 34.83
C ASP B 251 -6.56 24.65 33.44
N THR B 252 -7.49 25.59 33.39
CA THR B 252 -8.11 26.02 32.13
C THR B 252 -7.07 26.54 31.12
N GLU B 253 -6.09 27.29 31.60
CA GLU B 253 -5.15 27.96 30.70
C GLU B 253 -3.69 27.64 31.00
N ASN B 254 -3.41 27.14 32.21
CA ASN B 254 -2.05 27.11 32.74
C ASN B 254 -1.52 25.72 33.05
N ALA B 255 -0.21 25.59 32.98
CA ALA B 255 0.45 24.35 33.34
C ALA B 255 1.26 24.59 34.60
N TYR B 256 1.33 23.58 35.46
CA TYR B 256 2.02 23.70 36.74
C TYR B 256 3.10 22.63 36.86
N PHE B 257 4.29 23.05 37.28
CA PHE B 257 5.46 22.18 37.28
C PHE B 257 5.98 21.80 38.67
N ALA B 258 6.81 20.75 38.72
CA ALA B 258 7.29 20.18 39.98
C ALA B 258 8.14 21.16 40.81
N ASP B 259 8.55 22.28 40.21
CA ASP B 259 9.31 23.30 40.93
C ASP B 259 8.46 24.46 41.46
N GLY B 260 7.14 24.31 41.45
CA GLY B 260 6.24 25.38 41.91
C GLY B 260 5.97 26.46 40.87
N SER B 261 6.46 26.25 39.64
CA SER B 261 6.28 27.19 38.53
C SER B 261 4.94 27.03 37.85
N SER B 262 4.51 28.11 37.21
CA SER B 262 3.24 28.21 36.52
C SER B 262 3.43 29.05 35.26
N GLU B 263 2.79 28.62 34.17
CA GLU B 263 2.84 29.32 32.89
C GLU B 263 1.56 29.08 32.12
N LYS B 264 1.09 30.09 31.39
CA LYS B 264 -0.03 29.94 30.47
C LYS B 264 0.45 29.19 29.24
N VAL B 265 -0.28 28.14 28.84
CA VAL B 265 0.03 27.41 27.61
C VAL B 265 -1.16 27.24 26.68
N ASP B 266 -0.92 27.33 25.38
CA ASP B 266 -2.00 27.21 24.40
C ASP B 266 -2.26 25.78 23.98
N ALA B 267 -1.18 24.98 23.93
CA ALA B 267 -1.25 23.62 23.44
C ALA B 267 -0.21 22.75 24.12
N ILE B 268 -0.58 21.51 24.38
CA ILE B 268 0.28 20.57 25.06
C ILE B 268 0.55 19.42 24.10
N ILE B 269 1.82 19.14 23.83
CA ILE B 269 2.20 18.06 22.92
C ILE B 269 2.89 16.98 23.72
N LEU B 270 2.21 15.85 23.86
CA LEU B 270 2.75 14.71 24.62
C LEU B 270 3.78 13.93 23.84
N CYS B 271 5.05 14.15 24.16
CA CYS B 271 6.13 13.43 23.48
C CYS B 271 6.65 12.32 24.36
N THR B 272 5.77 11.36 24.62
CA THR B 272 5.99 10.35 25.64
C THR B 272 6.22 8.95 25.09
N GLY B 273 6.34 8.85 23.77
CA GLY B 273 6.76 7.59 23.17
C GLY B 273 5.62 6.66 22.82
N TYR B 274 5.98 5.41 22.56
CA TYR B 274 5.04 4.44 22.01
C TYR B 274 5.08 3.11 22.75
N ILE B 275 4.11 2.26 22.48
CA ILE B 275 4.15 0.89 22.97
C ILE B 275 4.24 -0.08 21.80
N HIS B 276 4.80 -1.25 22.07
CA HIS B 276 4.77 -2.37 21.13
C HIS B 276 3.39 -2.98 21.22
N HIS B 277 2.66 -2.91 20.12
CA HIS B 277 1.25 -3.26 20.13
C HIS B 277 0.99 -4.11 18.89
N PHE B 278 0.52 -5.33 19.11
CA PHE B 278 0.22 -6.23 18.02
C PHE B 278 -1.14 -6.84 18.26
N PRO B 279 -2.22 -6.08 17.97
CA PRO B 279 -3.56 -6.55 18.31
C PRO B 279 -3.98 -7.82 17.56
N PHE B 280 -3.18 -8.22 16.58
CA PHE B 280 -3.47 -9.39 15.75
C PHE B 280 -2.75 -10.66 16.24
N LEU B 281 -2.02 -10.56 17.35
CA LEU B 281 -1.32 -11.71 17.92
C LEU B 281 -1.88 -12.09 19.29
N ASN B 282 -1.96 -13.40 19.58
CA ASN B 282 -2.25 -13.88 20.94
C ASN B 282 -0.95 -14.05 21.73
N ASP B 283 -1.07 -14.26 23.05
CA ASP B 283 0.09 -14.30 23.97
C ASP B 283 1.26 -15.22 23.55
N ASP B 284 0.98 -16.22 22.71
CA ASP B 284 2.01 -17.17 22.30
C ASP B 284 3.01 -16.56 21.34
N LEU B 285 2.55 -15.65 20.48
CA LEU B 285 3.39 -15.09 19.43
C LEU B 285 3.81 -13.63 19.68
N ARG B 286 3.16 -13.01 20.65
CA ARG B 286 3.16 -11.55 20.83
C ARG B 286 4.34 -10.99 21.64
N LEU B 287 5.27 -10.32 20.94
CA LEU B 287 6.37 -9.62 21.61
C LEU B 287 5.85 -8.58 22.59
N VAL B 288 6.31 -8.67 23.84
CA VAL B 288 5.95 -7.72 24.89
C VAL B 288 7.25 -7.13 25.39
N THR B 289 7.39 -5.81 25.31
CA THR B 289 8.63 -5.16 25.69
C THR B 289 8.54 -3.63 25.73
N ASN B 290 9.39 -3.02 26.58
CA ASN B 290 9.61 -1.59 26.51
CA ASN B 290 9.63 -1.59 26.51
C ASN B 290 10.54 -1.33 25.32
N ASN B 291 10.64 -0.07 24.89
CA ASN B 291 11.50 0.29 23.76
C ASN B 291 12.94 0.33 24.23
N ARG B 292 13.79 -0.47 23.58
CA ARG B 292 15.19 -0.65 24.03
C ARG B 292 16.07 -1.31 22.94
N LEU B 293 17.38 -1.33 23.17
CA LEU B 293 18.31 -1.88 22.19
C LEU B 293 18.22 -3.40 22.08
N TRP B 294 17.86 -4.05 23.18
CA TRP B 294 17.75 -5.49 23.17
C TRP B 294 16.50 -6.04 23.86
N PRO B 295 15.36 -6.08 23.13
CA PRO B 295 14.19 -6.83 23.59
C PRO B 295 14.51 -8.32 23.81
N LEU B 296 13.87 -8.94 24.79
CA LEU B 296 14.03 -10.38 25.01
C LEU B 296 13.13 -11.21 24.10
N ASN B 297 13.29 -12.53 24.20
CA ASN B 297 12.54 -13.52 23.41
C ASN B 297 12.79 -13.48 21.90
N LEU B 298 13.86 -12.80 21.50
CA LEU B 298 14.22 -12.71 20.08
C LEU B 298 15.64 -13.21 19.83
N TYR B 299 15.77 -14.38 19.23
CA TYR B 299 17.10 -14.88 18.86
C TYR B 299 17.65 -14.04 17.72
N LYS B 300 18.89 -13.60 17.89
CA LYS B 300 19.55 -12.63 17.00
C LYS B 300 18.71 -11.38 16.78
N GLY B 301 17.85 -11.08 17.74
CA GLY B 301 17.00 -9.91 17.66
C GLY B 301 15.88 -10.05 16.64
N VAL B 302 15.65 -11.26 16.16
CA VAL B 302 14.76 -11.45 15.03
C VAL B 302 13.81 -12.65 15.16
N VAL B 303 14.32 -13.77 15.69
CA VAL B 303 13.60 -15.03 15.72
C VAL B 303 12.85 -15.23 17.03
N TRP B 304 11.53 -15.37 16.92
CA TRP B 304 10.67 -15.60 18.06
C TRP B 304 10.97 -16.96 18.68
N GLU B 305 11.49 -16.95 19.90
CA GLU B 305 12.04 -18.16 20.49
C GLU B 305 11.01 -19.22 20.87
N ASP B 306 9.81 -18.80 21.24
CA ASP B 306 8.73 -19.75 21.54
C ASP B 306 8.13 -20.36 20.27
N ASN B 307 8.37 -19.73 19.12
CA ASN B 307 8.01 -20.31 17.82
C ASN B 307 8.92 -19.82 16.69
N PRO B 308 10.00 -20.56 16.40
CA PRO B 308 11.06 -20.16 15.48
C PRO B 308 10.61 -19.98 14.02
N LYS B 309 9.33 -20.22 13.73
CA LYS B 309 8.79 -19.98 12.40
C LYS B 309 8.27 -18.55 12.27
N PHE B 310 8.21 -17.84 13.40
CA PHE B 310 7.73 -16.46 13.44
C PHE B 310 8.91 -15.51 13.65
N PHE B 311 8.91 -14.41 12.90
CA PHE B 311 10.02 -13.49 12.94
C PHE B 311 9.54 -12.06 13.15
N TYR B 312 10.42 -11.23 13.73
CA TYR B 312 10.20 -9.80 13.90
C TYR B 312 11.38 -8.99 13.31
N ILE B 313 11.08 -8.00 12.48
CA ILE B 313 12.10 -7.08 11.97
C ILE B 313 11.92 -5.70 12.59
N GLY B 314 13.03 -5.07 12.96
CA GLY B 314 13.03 -3.66 13.39
C GLY B 314 12.31 -3.40 14.69
N GLN B 316 13.72 -3.44 17.80
CA GLN B 316 14.57 -2.74 18.76
C GLN B 316 14.59 -1.24 18.51
N ASP B 317 15.04 -0.49 19.52
CA ASP B 317 15.18 0.96 19.41
C ASP B 317 16.19 1.25 18.32
N GLN B 318 16.13 2.42 17.72
CA GLN B 318 16.89 2.67 16.49
C GLN B 318 17.92 3.82 16.50
N TRP B 319 19.19 3.45 16.67
CA TRP B 319 20.29 4.33 16.29
C TRP B 319 20.53 4.09 14.81
N TYR B 320 20.84 2.85 14.45
CA TYR B 320 20.80 2.44 13.07
C TYR B 320 19.33 2.21 12.68
N SER B 321 19.01 2.41 11.40
CA SER B 321 17.70 2.08 10.91
C SER B 321 17.76 1.20 9.67
N PHE B 322 17.89 1.77 8.48
CA PHE B 322 17.74 0.98 7.26
C PHE B 322 18.75 -0.18 7.11
N ASN B 323 20.04 0.05 7.36
CA ASN B 323 21.07 -1.03 7.34
C ASN B 323 20.65 -2.19 8.22
N PHE B 325 17.55 -3.11 9.42
CA PHE B 325 16.43 -3.88 8.90
C PHE B 325 16.92 -4.81 7.82
N ASP B 326 17.81 -4.31 6.95
CA ASP B 326 18.41 -5.16 5.95
C ASP B 326 19.11 -6.38 6.54
N ALA B 327 20.10 -6.16 7.41
CA ALA B 327 20.81 -7.26 8.07
C ALA B 327 19.84 -8.26 8.68
N GLN B 328 18.83 -7.72 9.36
CA GLN B 328 17.77 -8.52 9.93
C GLN B 328 17.00 -9.28 8.84
N ALA B 329 16.68 -8.61 7.74
CA ALA B 329 15.88 -9.24 6.68
C ALA B 329 16.65 -10.35 5.99
N TRP B 330 17.95 -10.12 5.77
CA TRP B 330 18.83 -11.12 5.19
C TRP B 330 18.98 -12.31 6.11
N TYR B 331 19.10 -12.03 7.40
CA TYR B 331 19.26 -13.12 8.35
C TYR B 331 18.03 -14.03 8.35
N ALA B 332 16.84 -13.43 8.44
CA ALA B 332 15.58 -14.18 8.49
C ALA B 332 15.29 -14.90 7.18
N ARG B 333 15.71 -14.31 6.07
CA ARG B 333 15.66 -14.96 4.78
C ARG B 333 16.38 -16.30 4.84
N ASP B 334 17.66 -16.27 5.21
CA ASP B 334 18.50 -17.47 5.19
C ASP B 334 18.05 -18.54 6.18
N VAL B 335 17.40 -18.12 7.26
CA VAL B 335 16.78 -19.08 8.16
C VAL B 335 15.58 -19.74 7.49
N ILE B 336 14.74 -18.94 6.87
CA ILE B 336 13.58 -19.46 6.14
C ILE B 336 14.01 -20.42 4.99
N GLY B 338 16.45 -22.37 4.83
CA GLY B 338 17.28 -23.45 5.37
C GLY B 338 18.81 -23.29 5.28
N ARG B 339 19.28 -22.06 5.06
CA ARG B 339 20.72 -21.80 4.88
C ARG B 339 21.46 -21.66 6.23
N LEU B 340 20.68 -21.43 7.29
CA LEU B 340 21.24 -21.18 8.61
C LEU B 340 20.41 -21.86 9.69
N PRO B 341 20.66 -23.15 9.93
CA PRO B 341 19.86 -23.87 10.93
C PRO B 341 19.91 -23.23 12.30
N LEU B 342 18.82 -23.36 13.02
CA LEU B 342 18.74 -22.79 14.35
C LEU B 342 19.21 -23.80 15.38
N PRO B 343 19.99 -23.32 16.37
CA PRO B 343 20.27 -24.10 17.57
C PRO B 343 19.00 -24.39 18.38
N SER B 344 19.15 -25.19 19.44
CA SER B 344 18.06 -25.51 20.36
C SER B 344 17.40 -24.27 20.99
N LYS B 345 16.18 -24.45 21.50
CA LYS B 345 15.46 -23.38 22.20
C LYS B 345 16.22 -22.90 23.44
N GLU B 346 16.68 -23.84 24.25
CA GLU B 346 17.49 -23.51 25.42
C GLU B 346 18.75 -22.76 25.02
N GLU B 347 19.38 -23.19 23.92
CA GLU B 347 20.59 -22.54 23.42
C GLU B 347 20.30 -21.14 22.87
N LYS B 349 17.85 -19.15 23.91
CA LYS B 349 17.60 -18.28 25.06
C LYS B 349 18.91 -17.81 25.69
N ALA B 350 19.94 -18.65 25.62
CA ALA B 350 21.25 -18.38 26.19
C ALA B 350 22.04 -17.32 25.42
N ASP B 351 22.05 -17.38 24.09
CA ASP B 351 22.70 -16.34 23.27
C ASP B 351 22.02 -14.99 23.52
N SER B 352 20.71 -15.03 23.66
CA SER B 352 19.91 -13.85 23.95
C SER B 352 20.26 -13.24 25.30
N ALA B 354 23.05 -13.43 26.93
CA ALA B 354 24.37 -12.81 26.81
C ALA B 354 24.30 -11.41 26.19
N TRP B 355 23.46 -11.28 25.15
CA TRP B 355 23.26 -9.98 24.49
C TRP B 355 22.44 -9.03 25.37
N ARG B 356 21.57 -9.58 26.20
CA ARG B 356 20.88 -8.77 27.20
C ARG B 356 21.84 -8.25 28.30
N GLU B 357 22.67 -9.13 28.85
CA GLU B 357 23.55 -8.74 29.96
C GLU B 357 24.54 -7.68 29.52
N LYS B 358 25.05 -7.79 28.30
CA LYS B 358 25.91 -6.76 27.70
C LYS B 358 25.16 -5.43 27.55
N GLU B 359 23.87 -5.50 27.23
CA GLU B 359 23.03 -4.31 27.05
C GLU B 359 22.82 -3.58 28.37
N LEU B 360 22.65 -4.32 29.46
CA LEU B 360 22.53 -3.70 30.77
C LEU B 360 23.79 -2.92 31.22
N THR B 361 24.92 -3.18 30.57
CA THR B 361 26.17 -2.49 30.91
C THR B 361 26.37 -1.22 30.10
N LEU B 362 25.40 -0.88 29.26
CA LEU B 362 25.56 0.27 28.37
C LEU B 362 25.25 1.56 29.08
N VAL B 363 26.23 2.45 29.09
CA VAL B 363 26.24 3.57 30.01
C VAL B 363 26.42 4.95 29.34
N THR B 364 26.73 4.96 28.04
CA THR B 364 26.80 6.20 27.24
C THR B 364 26.17 6.02 25.87
N ALA B 365 25.83 7.15 25.26
CA ALA B 365 25.26 7.18 23.92
C ALA B 365 26.20 6.51 22.92
N GLU B 366 27.49 6.79 23.04
CA GLU B 366 28.48 6.16 22.18
C GLU B 366 28.49 4.64 22.30
N GLU B 367 28.39 4.14 23.53
CA GLU B 367 28.37 2.70 23.79
C GLU B 367 27.14 2.05 23.15
N TYR B 369 25.07 3.05 20.38
CA TYR B 369 25.14 2.87 18.93
C TYR B 369 26.27 1.93 18.49
N THR B 370 27.34 1.88 19.27
CA THR B 370 28.43 0.92 19.02
C THR B 370 27.98 -0.51 19.34
N TYR B 371 27.10 -0.66 20.32
CA TYR B 371 26.49 -1.95 20.62
C TYR B 371 25.63 -2.42 19.45
N GLN B 372 24.79 -1.53 18.93
CA GLN B 372 23.89 -1.90 17.85
C GLN B 372 24.71 -2.24 16.62
N GLY B 373 25.71 -1.41 16.35
CA GLY B 373 26.71 -1.65 15.32
C GLY B 373 27.35 -3.03 15.39
N ASP B 374 27.65 -3.51 16.60
CA ASP B 374 28.21 -4.86 16.78
C ASP B 374 27.17 -5.92 16.48
N TYR B 375 25.91 -5.64 16.85
CA TYR B 375 24.80 -6.56 16.61
C TYR B 375 24.57 -6.74 15.12
N ILE B 376 24.62 -5.63 14.39
CA ILE B 376 24.49 -5.62 12.96
C ILE B 376 25.67 -6.37 12.30
N GLN B 377 26.87 -6.13 12.82
CA GLN B 377 28.06 -6.79 12.32
C GLN B 377 27.96 -8.30 12.49
N ASN B 378 27.40 -8.73 13.61
CA ASN B 378 27.14 -10.15 13.84
C ASN B 378 26.19 -10.72 12.78
N LEU B 379 25.07 -10.03 12.51
CA LEU B 379 24.09 -10.50 11.53
C LEU B 379 24.68 -10.54 10.12
N ILE B 380 25.43 -9.52 9.78
CA ILE B 380 26.03 -9.41 8.45
C ILE B 380 27.14 -10.47 8.20
N ASP B 381 27.90 -10.83 9.24
CA ASP B 381 28.91 -11.89 9.13
C ASP B 381 28.31 -13.24 8.69
N THR B 383 25.61 -13.79 6.52
CA THR B 383 24.90 -13.80 5.23
C THR B 383 25.74 -13.18 4.12
N ASP B 384 25.16 -13.07 2.92
CA ASP B 384 25.83 -12.39 1.82
C ASP B 384 25.47 -10.91 1.70
N TYR B 385 25.01 -10.31 2.80
CA TYR B 385 24.77 -8.86 2.79
C TYR B 385 26.13 -8.17 2.64
N PRO B 386 26.22 -7.19 1.72
CA PRO B 386 27.47 -6.49 1.54
C PRO B 386 27.97 -6.00 2.90
N SER B 387 29.14 -6.44 3.31
CA SER B 387 29.75 -5.89 4.51
C SER B 387 30.10 -4.43 4.24
N PHE B 388 29.93 -3.60 5.25
CA PHE B 388 30.27 -2.20 5.11
C PHE B 388 30.95 -1.75 6.39
N ASP B 389 31.68 -0.65 6.30
CA ASP B 389 32.46 -0.18 7.43
C ASP B 389 31.53 0.33 8.54
N ILE B 390 31.22 -0.56 9.48
CA ILE B 390 30.46 -0.18 10.68
C ILE B 390 31.25 0.78 11.59
N PRO B 391 32.52 0.45 11.93
CA PRO B 391 33.30 1.39 12.75
C PRO B 391 33.29 2.83 12.22
N ALA B 392 33.46 3.00 10.92
CA ALA B 392 33.41 4.34 10.31
C ALA B 392 32.01 4.98 10.37
N THR B 393 30.97 4.15 10.31
CA THR B 393 29.59 4.60 10.50
C THR B 393 29.42 5.16 11.91
N ASN B 394 29.93 4.43 12.90
CA ASN B 394 29.90 4.87 14.30
C ASN B 394 30.53 6.23 14.51
N LYS B 395 31.71 6.43 13.93
CA LYS B 395 32.41 7.72 14.01
C LYS B 395 31.57 8.83 13.34
N THR B 396 30.73 8.46 12.39
CA THR B 396 29.83 9.43 11.77
C THR B 396 28.71 9.79 12.76
N PHE B 397 28.25 8.80 13.52
CA PHE B 397 27.32 9.05 14.61
C PHE B 397 27.96 9.95 15.67
N LEU B 398 29.24 9.70 15.99
CA LEU B 398 29.98 10.50 16.98
C LEU B 398 30.04 11.95 16.53
N GLU B 399 30.48 12.15 15.30
CA GLU B 399 30.55 13.48 14.68
C GLU B 399 29.20 14.21 14.70
N TRP B 400 28.11 13.45 14.54
CA TRP B 400 26.76 14.01 14.51
C TRP B 400 26.29 14.41 15.91
N LYS B 401 26.54 13.56 16.91
CA LYS B 401 26.25 13.93 18.29
C LYS B 401 27.01 15.20 18.72
N HIS B 402 28.28 15.31 18.30
CA HIS B 402 29.09 16.49 18.57
CA HIS B 402 29.07 16.50 18.60
C HIS B 402 28.45 17.73 17.96
N HIS B 403 28.10 17.62 16.68
CA HIS B 403 27.44 18.72 15.95
C HIS B 403 26.17 19.21 16.61
N LYS B 404 25.42 18.29 17.22
CA LYS B 404 24.20 18.63 17.94
C LYS B 404 24.52 19.43 19.19
N LYS B 405 25.59 19.02 19.87
CA LYS B 405 26.01 19.59 21.13
C LYS B 405 26.48 21.03 20.95
N GLU B 406 27.16 21.26 19.83
CA GLU B 406 27.59 22.60 19.40
C GLU B 406 26.43 23.58 19.31
N ASN B 407 25.45 23.25 18.48
CA ASN B 407 24.32 24.11 18.19
C ASN B 407 23.20 23.23 17.65
N ILE B 408 22.14 23.07 18.44
CA ILE B 408 21.06 22.15 18.13
C ILE B 408 20.22 22.62 16.92
N THR B 410 21.59 24.08 14.13
CA THR B 410 22.39 24.03 12.90
C THR B 410 23.00 22.66 12.59
N PHE B 411 22.72 21.65 13.40
CA PHE B 411 23.33 20.34 13.16
C PHE B 411 23.04 19.78 11.75
N ARG B 412 21.88 20.12 11.20
CA ARG B 412 21.46 19.68 9.87
C ARG B 412 22.16 20.40 8.70
N ASP B 413 22.94 21.43 9.01
CA ASP B 413 23.72 22.16 8.00
C ASP B 413 25.09 21.53 7.76
N HIS B 414 25.35 20.38 8.37
CA HIS B 414 26.63 19.71 8.23
C HIS B 414 26.62 18.61 7.17
N SER B 415 27.81 18.35 6.62
CA SER B 415 27.96 17.38 5.53
C SER B 415 28.80 16.21 5.99
N TYR B 416 28.57 15.04 5.38
CA TYR B 416 29.35 13.86 5.73
C TYR B 416 29.70 13.02 4.51
N ARG B 417 30.73 12.21 4.68
CA ARG B 417 31.22 11.31 3.66
C ARG B 417 30.46 9.97 3.68
N SER B 418 29.95 9.58 2.52
CA SER B 418 29.32 8.27 2.35
C SER B 418 30.30 7.12 2.59
N LEU B 419 29.91 6.19 3.43
CA LEU B 419 30.73 5.02 3.73
C LEU B 419 30.59 3.94 2.66
N THR B 421 30.11 5.01 -1.11
CA THR B 421 30.78 5.51 -2.33
C THR B 421 31.91 6.48 -2.05
N GLY B 422 31.99 6.95 -0.81
CA GLY B 422 32.96 7.97 -0.46
C GLY B 422 32.56 9.36 -0.91
N THR B 423 31.33 9.49 -1.43
CA THR B 423 30.83 10.79 -1.87
C THR B 423 30.79 11.77 -0.69
N ALA B 425 29.08 14.87 0.86
CA ALA B 425 27.81 15.58 0.74
C ALA B 425 28.06 17.07 0.56
N PRO B 426 27.50 17.67 -0.49
CA PRO B 426 27.69 19.10 -0.64
C PRO B 426 26.91 19.88 0.41
N LYS B 427 27.36 21.10 0.73
CA LYS B 427 26.57 22.01 1.54
C LYS B 427 25.25 22.29 0.80
N HIS B 428 24.12 22.19 1.52
CA HIS B 428 22.82 22.48 0.93
C HIS B 428 22.67 23.99 0.63
N HIS B 429 21.94 24.29 -0.45
CA HIS B 429 21.76 25.67 -0.89
C HIS B 429 21.10 26.61 0.13
N THR B 430 20.46 26.04 1.15
CA THR B 430 19.73 26.83 2.14
C THR B 430 19.93 26.25 3.56
N PRO B 431 20.28 27.14 4.54
CA PRO B 431 20.36 26.71 5.93
C PRO B 431 19.00 26.20 6.42
N TRP B 432 19.03 25.18 7.28
CA TRP B 432 17.81 24.53 7.77
C TRP B 432 16.76 25.50 8.30
N ILE B 433 17.19 26.43 9.13
CA ILE B 433 16.30 27.39 9.76
C ILE B 433 15.50 28.19 8.73
N ASP B 434 16.05 28.35 7.51
CA ASP B 434 15.43 29.13 6.46
C ASP B 434 14.78 28.31 5.35
N ALA B 435 15.11 27.03 5.27
CA ALA B 435 14.50 26.16 4.27
C ALA B 435 13.09 25.77 4.69
N LEU B 436 12.16 26.70 4.58
CA LEU B 436 10.76 26.50 4.90
C LEU B 436 10.06 25.50 4.02
N ASP B 437 10.49 25.40 2.78
CA ASP B 437 9.93 24.50 1.83
C ASP B 437 10.50 23.12 2.04
N ASP B 438 9.65 22.14 2.28
CA ASP B 438 10.16 20.80 2.50
C ASP B 438 10.06 19.85 1.36
N SER B 439 9.63 20.32 0.21
CA SER B 439 9.59 19.49 -0.98
C SER B 439 10.80 18.91 -1.63
N LEU B 440 10.62 17.77 -2.26
CA LEU B 440 11.66 17.12 -3.01
C LEU B 440 12.17 17.98 -4.17
N GLU B 441 11.30 18.69 -4.86
CA GLU B 441 11.70 19.58 -5.97
C GLU B 441 12.57 20.76 -5.54
N ALA B 442 12.20 21.40 -4.42
CA ALA B 442 12.97 22.51 -3.88
C ALA B 442 14.31 22.03 -3.34
N TYR B 443 14.30 20.85 -2.72
CA TYR B 443 15.50 20.28 -2.18
C TYR B 443 16.54 19.95 -3.24
N LEU B 444 16.10 19.37 -4.35
CA LEU B 444 17.00 18.93 -5.42
C LEU B 444 17.32 20.01 -6.47
N SER B 445 16.72 21.19 -6.30
CA SER B 445 16.95 22.32 -7.20
C SER B 445 18.41 22.81 -7.17
N THR C 3 3.93 -40.51 -31.23
CA THR C 3 4.54 -39.39 -30.45
C THR C 3 4.54 -38.08 -31.23
N ARG C 4 3.90 -37.06 -30.66
CA ARG C 4 3.68 -35.79 -31.37
C ARG C 4 4.16 -34.55 -30.63
N ILE C 5 4.69 -33.61 -31.42
CA ILE C 5 5.38 -32.42 -30.96
C ILE C 5 4.67 -31.18 -31.49
N ALA C 6 4.40 -30.23 -30.61
CA ALA C 6 3.81 -28.97 -31.00
C ALA C 6 4.88 -27.89 -31.01
N ILE C 7 4.94 -27.12 -32.09
CA ILE C 7 5.90 -26.03 -32.19
C ILE C 7 5.10 -24.75 -32.35
N LEU C 8 5.35 -23.79 -31.46
CA LEU C 8 4.57 -22.56 -31.43
C LEU C 8 5.33 -21.42 -32.10
N GLY C 9 4.94 -21.09 -33.32
CA GLY C 9 5.59 -20.01 -34.05
C GLY C 9 6.45 -20.52 -35.19
N ALA C 10 6.44 -19.79 -36.31
CA ALA C 10 7.21 -20.14 -37.49
C ALA C 10 8.09 -18.98 -37.91
N GLY C 11 8.73 -18.35 -36.93
CA GLY C 11 9.77 -17.37 -37.21
C GLY C 11 11.09 -18.12 -37.30
N PRO C 12 12.22 -17.39 -37.20
CA PRO C 12 13.54 -18.03 -37.29
C PRO C 12 13.71 -19.23 -36.36
N SER C 13 13.18 -19.14 -35.13
CA SER C 13 13.24 -20.23 -34.16
C SER C 13 12.42 -21.45 -34.54
N GLY C 14 11.15 -21.25 -34.89
CA GLY C 14 10.26 -22.36 -35.23
C GLY C 14 10.70 -23.07 -36.48
N ALA C 16 13.91 -23.17 -37.33
CA ALA C 16 15.03 -23.97 -36.82
C ALA C 16 14.58 -25.29 -36.20
N GLN C 17 13.51 -25.24 -35.41
CA GLN C 17 12.98 -26.44 -34.76
C GLN C 17 12.55 -27.49 -35.78
N LEU C 18 11.79 -27.06 -36.79
CA LEU C 18 11.41 -27.92 -37.90
C LEU C 18 12.65 -28.44 -38.64
N ARG C 19 13.52 -27.52 -39.04
CA ARG C 19 14.73 -27.87 -39.76
C ARG C 19 15.56 -28.89 -39.02
N ALA C 20 15.69 -28.73 -37.70
CA ALA C 20 16.44 -29.66 -36.88
C ALA C 20 15.84 -31.05 -36.99
N PHE C 21 14.52 -31.15 -36.89
CA PHE C 21 13.89 -32.46 -37.03
C PHE C 21 14.06 -33.07 -38.42
N GLN C 22 13.94 -32.25 -39.45
CA GLN C 22 14.10 -32.75 -40.80
C GLN C 22 15.54 -33.16 -41.07
N SER C 23 16.49 -32.55 -40.36
CA SER C 23 17.91 -32.91 -40.51
C SER C 23 18.20 -34.26 -39.89
N ALA C 24 17.61 -34.54 -38.74
CA ALA C 24 17.67 -35.87 -38.14
C ALA C 24 17.07 -36.94 -39.06
N GLN C 25 15.95 -36.60 -39.71
CA GLN C 25 15.26 -37.53 -40.63
C GLN C 25 16.03 -37.74 -41.93
N GLU C 26 16.58 -36.67 -42.50
CA GLU C 26 17.40 -36.75 -43.71
C GLU C 26 18.64 -37.63 -43.50
N LYS C 27 19.05 -37.79 -42.24
CA LYS C 27 20.18 -38.65 -41.90
C LYS C 27 19.76 -40.08 -41.57
N GLY C 28 18.45 -40.32 -41.46
CA GLY C 28 17.94 -41.68 -41.32
C GLY C 28 17.10 -42.04 -40.10
N ALA C 29 16.95 -41.12 -39.16
CA ALA C 29 16.25 -41.46 -37.93
C ALA C 29 14.74 -41.29 -38.06
N GLU C 30 14.00 -42.12 -37.33
CA GLU C 30 12.58 -41.88 -37.20
C GLU C 30 12.36 -40.63 -36.35
N ILE C 31 11.61 -39.68 -36.89
CA ILE C 31 11.26 -38.49 -36.12
C ILE C 31 9.78 -38.54 -35.73
N PRO C 32 9.43 -37.89 -34.61
CA PRO C 32 8.04 -37.80 -34.15
C PRO C 32 7.16 -36.99 -35.11
N GLU C 33 5.85 -37.10 -34.96
CA GLU C 33 4.92 -36.28 -35.71
C GLU C 33 5.07 -34.83 -35.25
N LEU C 34 4.94 -33.89 -36.19
CA LEU C 34 5.19 -32.48 -35.91
C LEU C 34 4.03 -31.60 -36.37
N VAL C 35 3.65 -30.66 -35.50
CA VAL C 35 2.70 -29.64 -35.88
C VAL C 35 3.25 -28.30 -35.40
N CYS C 36 3.41 -27.37 -36.33
CA CYS C 36 3.79 -26.00 -36.02
C CYS C 36 2.60 -25.07 -36.26
N PHE C 37 2.25 -24.28 -35.24
CA PHE C 37 1.15 -23.32 -35.34
C PHE C 37 1.73 -21.94 -35.54
N GLU C 38 1.07 -21.12 -36.35
CA GLU C 38 1.59 -19.81 -36.71
C GLU C 38 0.41 -18.89 -37.01
N LYS C 39 0.39 -17.72 -36.37
CA LYS C 39 -0.76 -16.84 -36.50
C LYS C 39 -0.72 -15.97 -37.75
N GLN C 40 0.47 -15.71 -38.29
CA GLN C 40 0.63 -14.97 -39.55
C GLN C 40 0.26 -15.85 -40.76
N ALA C 41 0.16 -15.24 -41.93
CA ALA C 41 -0.20 -15.99 -43.15
C ALA C 41 1.03 -16.60 -43.84
N ASP C 42 2.21 -16.03 -43.59
CA ASP C 42 3.49 -16.58 -44.07
C ASP C 42 4.45 -16.76 -42.89
N TRP C 43 5.58 -17.42 -43.13
CA TRP C 43 6.59 -17.63 -42.11
C TRP C 43 7.70 -16.59 -42.16
N GLY C 44 8.54 -16.57 -41.12
CA GLY C 44 9.66 -15.64 -41.06
C GLY C 44 9.65 -14.76 -39.83
N GLY C 45 8.52 -14.80 -39.10
CA GLY C 45 8.35 -14.09 -37.84
C GLY C 45 8.50 -12.61 -37.99
N GLN C 46 9.50 -12.09 -37.29
CA GLN C 46 9.83 -10.68 -37.32
C GLN C 46 10.12 -10.18 -38.73
N TRP C 47 10.78 -11.03 -39.51
CA TRP C 47 11.31 -10.67 -40.82
C TRP C 47 10.22 -10.58 -41.88
N ASN C 48 9.03 -11.08 -41.56
CA ASN C 48 7.87 -10.85 -42.41
C ASN C 48 7.26 -9.50 -42.08
N TYR C 49 7.50 -8.53 -42.97
CA TYR C 49 7.01 -7.17 -42.80
C TYR C 49 5.52 -7.03 -43.10
N THR C 50 4.88 -6.11 -42.39
CA THR C 50 3.49 -5.76 -42.66
C THR C 50 3.27 -4.27 -42.41
N TRP C 51 2.33 -3.69 -43.14
CA TRP C 51 1.99 -2.28 -43.01
C TRP C 51 1.10 -2.05 -41.78
N ARG C 52 0.60 -3.16 -41.22
CA ARG C 52 -0.36 -3.15 -40.09
C ARG C 52 0.31 -2.87 -38.75
N THR C 53 -0.43 -2.19 -37.86
CA THR C 53 0.02 -1.94 -36.48
C THR C 53 -1.08 -2.25 -35.47
N GLY C 54 -0.71 -2.47 -34.21
CA GLY C 54 -1.68 -2.83 -33.18
C GLY C 54 -2.25 -4.24 -33.36
N LEU C 55 -3.39 -4.33 -34.05
CA LEU C 55 -4.04 -5.63 -34.25
C LEU C 55 -4.14 -6.02 -35.71
N ASP C 56 -4.00 -7.31 -36.00
CA ASP C 56 -3.96 -7.80 -37.40
C ASP C 56 -5.36 -8.01 -38.02
N GLU C 57 -5.41 -8.61 -39.21
CA GLU C 57 -6.68 -8.84 -39.91
C GLU C 57 -7.68 -9.71 -39.13
N ASN C 58 -7.17 -10.49 -38.18
CA ASN C 58 -8.00 -11.36 -37.34
C ASN C 58 -8.21 -10.78 -35.94
N GLY C 59 -7.63 -9.60 -35.70
CA GLY C 59 -7.74 -8.96 -34.41
C GLY C 59 -6.79 -9.56 -33.38
N GLU C 60 -5.75 -10.18 -33.88
CA GLU C 60 -4.70 -10.74 -33.07
C GLU C 60 -3.64 -9.65 -33.03
N PRO C 61 -2.97 -9.47 -31.88
CA PRO C 61 -1.92 -8.44 -31.88
C PRO C 61 -0.92 -8.62 -33.06
N VAL C 62 -0.62 -7.52 -33.75
CA VAL C 62 0.37 -7.53 -34.81
C VAL C 62 1.71 -7.94 -34.23
N HIS C 63 2.38 -8.88 -34.88
CA HIS C 63 3.62 -9.42 -34.35
C HIS C 63 4.90 -8.66 -34.76
N SER C 64 5.05 -8.33 -36.05
CA SER C 64 6.28 -7.69 -36.52
C SER C 64 6.47 -6.27 -35.99
N SER C 65 7.64 -6.02 -35.40
CA SER C 65 8.06 -4.67 -35.03
C SER C 65 8.98 -4.09 -36.10
N TYR C 67 10.32 -2.28 -39.49
CA TYR C 67 9.94 -1.10 -40.25
C TYR C 67 10.49 -1.16 -41.66
N ARG C 68 10.02 -0.24 -42.48
CA ARG C 68 10.47 -0.12 -43.85
C ARG C 68 11.91 0.40 -43.83
N TYR C 69 12.72 -0.03 -44.80
CA TYR C 69 14.12 0.41 -44.96
C TYR C 69 15.08 -0.20 -43.94
N LEU C 70 14.61 -1.23 -43.23
CA LEU C 70 15.43 -1.94 -42.25
C LEU C 70 16.54 -2.73 -42.94
N TRP C 71 17.76 -2.53 -42.48
CA TRP C 71 18.90 -3.31 -42.90
C TRP C 71 19.41 -4.08 -41.69
N SER C 72 20.14 -5.17 -41.95
CA SER C 72 20.77 -6.00 -40.93
C SER C 72 21.41 -5.17 -39.82
N ASN C 73 21.25 -5.65 -38.60
CA ASN C 73 21.77 -5.02 -37.39
C ASN C 73 23.27 -5.17 -37.28
N GLY C 74 23.74 -6.42 -37.35
CA GLY C 74 25.16 -6.74 -37.32
C GLY C 74 25.60 -7.42 -38.61
N PRO C 75 26.88 -7.86 -38.66
CA PRO C 75 27.42 -8.59 -39.80
C PRO C 75 26.65 -9.87 -40.06
N LYS C 76 26.26 -10.08 -41.32
CA LYS C 76 25.47 -11.26 -41.68
C LYS C 76 26.20 -12.56 -41.31
N GLU C 77 27.51 -12.44 -41.13
CA GLU C 77 28.37 -13.59 -40.82
C GLU C 77 28.18 -14.08 -39.39
N CYS C 78 27.64 -13.22 -38.53
CA CYS C 78 27.36 -13.60 -37.14
C CYS C 78 26.05 -14.38 -36.99
N LEU C 79 25.33 -14.54 -38.11
CA LEU C 79 24.03 -15.18 -38.09
C LEU C 79 23.91 -16.30 -39.13
N GLU C 80 24.95 -16.49 -39.93
CA GLU C 80 24.99 -17.59 -40.91
C GLU C 80 24.59 -18.92 -40.32
N PHE C 81 23.72 -19.66 -41.00
CA PHE C 81 23.47 -21.04 -40.65
C PHE C 81 24.73 -21.83 -40.94
N ALA C 82 25.11 -22.71 -40.01
CA ALA C 82 26.27 -23.56 -40.20
C ALA C 82 26.00 -24.71 -41.16
N ASP C 83 24.71 -24.97 -41.44
CA ASP C 83 24.31 -26.06 -42.32
C ASP C 83 23.67 -25.58 -43.62
N TYR C 84 23.73 -24.27 -43.86
CA TYR C 84 23.11 -23.62 -45.03
C TYR C 84 23.70 -22.22 -45.18
N THR C 85 24.73 -22.11 -46.00
CA THR C 85 25.54 -20.91 -46.06
C THR C 85 24.99 -19.87 -47.06
N PHE C 86 25.46 -18.63 -46.92
CA PHE C 86 25.08 -17.55 -47.85
C PHE C 86 25.52 -17.84 -49.28
N ASP C 87 26.69 -18.49 -49.42
CA ASP C 87 27.17 -18.94 -50.73
C ASP C 87 26.22 -19.93 -51.37
N GLU C 88 25.73 -20.89 -50.58
CA GLU C 88 24.79 -21.89 -51.08
C GLU C 88 23.45 -21.31 -51.52
N HIS C 89 22.92 -20.39 -50.72
CA HIS C 89 21.61 -19.81 -51.01
C HIS C 89 21.60 -18.81 -52.17
N PHE C 90 22.57 -17.90 -52.19
CA PHE C 90 22.60 -16.88 -53.21
C PHE C 90 23.45 -17.23 -54.45
N GLY C 91 24.30 -18.25 -54.33
CA GLY C 91 25.14 -18.68 -55.44
C GLY C 91 26.34 -17.79 -55.70
N LYS C 92 26.46 -16.72 -54.91
CA LYS C 92 27.58 -15.79 -54.98
C LYS C 92 27.82 -15.11 -53.64
N PRO C 93 29.08 -14.71 -53.37
CA PRO C 93 29.33 -13.83 -52.21
C PRO C 93 28.65 -12.46 -52.35
N ILE C 94 27.93 -12.04 -51.30
CA ILE C 94 27.27 -10.72 -51.27
C ILE C 94 27.67 -9.91 -50.05
N ALA C 95 27.33 -8.62 -50.06
CA ALA C 95 27.70 -7.67 -48.99
C ALA C 95 27.26 -8.09 -47.58
N SER C 96 27.77 -7.39 -46.57
CA SER C 96 27.65 -7.81 -45.16
C SER C 96 26.41 -7.34 -44.38
N TYR C 97 25.79 -6.25 -44.83
CA TYR C 97 24.59 -5.73 -44.17
C TYR C 97 23.38 -5.71 -45.10
N PRO C 98 22.80 -6.90 -45.38
CA PRO C 98 21.67 -6.95 -46.31
C PRO C 98 20.36 -6.44 -45.70
N PRO C 99 19.48 -5.87 -46.54
CA PRO C 99 18.19 -5.37 -46.09
C PRO C 99 17.28 -6.51 -45.65
N ARG C 100 16.16 -6.16 -45.00
CA ARG C 100 15.19 -7.12 -44.51
C ARG C 100 14.86 -8.20 -45.56
N GLU C 101 14.35 -7.77 -46.71
CA GLU C 101 13.87 -8.68 -47.76
C GLU C 101 14.89 -9.73 -48.18
N VAL C 102 16.16 -9.37 -48.13
CA VAL C 102 17.25 -10.28 -48.48
C VAL C 102 17.42 -11.37 -47.42
N LEU C 103 17.37 -10.99 -46.15
CA LEU C 103 17.57 -11.94 -45.05
C LEU C 103 16.39 -12.90 -44.87
N TRP C 104 15.19 -12.37 -45.01
CA TRP C 104 13.98 -13.18 -45.04
C TRP C 104 14.08 -14.22 -46.16
N ASP C 105 14.48 -13.78 -47.35
CA ASP C 105 14.68 -14.68 -48.48
C ASP C 105 15.66 -15.79 -48.14
N TYR C 106 16.66 -15.45 -47.33
CA TYR C 106 17.68 -16.39 -46.89
C TYR C 106 17.12 -17.40 -45.87
N ILE C 107 16.44 -16.92 -44.82
CA ILE C 107 15.90 -17.83 -43.81
C ILE C 107 14.82 -18.77 -44.36
N LYS C 108 13.99 -18.27 -45.27
CA LYS C 108 12.95 -19.16 -45.77
C LYS C 108 13.47 -20.11 -46.86
N GLY C 109 14.61 -19.75 -47.46
CA GLY C 109 15.26 -20.59 -48.44
C GLY C 109 15.71 -21.93 -47.89
N ARG C 110 16.32 -21.92 -46.72
CA ARG C 110 16.70 -23.14 -46.02
C ARG C 110 15.48 -24.02 -45.77
N VAL C 111 14.41 -23.36 -45.36
CA VAL C 111 13.21 -24.03 -44.91
C VAL C 111 12.41 -24.55 -46.12
N GLU C 112 12.48 -23.80 -47.23
CA GLU C 112 11.96 -24.23 -48.52
C GLU C 112 12.63 -25.52 -49.00
N LYS C 113 13.96 -25.53 -49.03
CA LYS C 113 14.74 -26.71 -49.42
C LYS C 113 14.47 -27.95 -48.53
N ALA C 114 14.17 -27.70 -47.25
CA ALA C 114 13.96 -28.74 -46.26
C ALA C 114 12.63 -29.48 -46.42
N GLY C 115 11.64 -28.82 -47.03
CA GLY C 115 10.31 -29.39 -47.21
C GLY C 115 9.52 -29.49 -45.91
N VAL C 116 9.71 -28.52 -45.02
CA VAL C 116 9.03 -28.56 -43.71
C VAL C 116 7.78 -27.69 -43.61
N ARG C 117 7.48 -26.90 -44.64
CA ARG C 117 6.26 -26.09 -44.68
C ARG C 117 5.00 -26.92 -44.42
N LYS C 118 5.01 -28.15 -44.91
CA LYS C 118 3.92 -29.10 -44.76
C LYS C 118 3.46 -29.35 -43.32
N TYR C 119 4.29 -28.99 -42.35
CA TYR C 119 3.97 -29.20 -40.95
C TYR C 119 3.31 -27.97 -40.33
N ILE C 120 3.25 -26.88 -41.08
CA ILE C 120 2.75 -25.64 -40.50
C ILE C 120 1.27 -25.41 -40.78
N ARG C 121 0.55 -25.02 -39.74
CA ARG C 121 -0.81 -24.56 -39.90
C ARG C 121 -0.77 -23.05 -39.71
N PHE C 122 -0.85 -22.35 -40.83
CA PHE C 122 -0.79 -20.90 -40.85
C PHE C 122 -2.12 -20.29 -40.42
N ASN C 123 -2.11 -18.98 -40.14
CA ASN C 123 -3.31 -18.22 -39.76
C ASN C 123 -4.02 -18.84 -38.55
N THR C 124 -3.22 -19.45 -37.68
CA THR C 124 -3.70 -20.15 -36.48
C THR C 124 -3.03 -19.60 -35.21
N ALA C 125 -3.84 -19.08 -34.29
CA ALA C 125 -3.31 -18.54 -33.02
C ALA C 125 -3.48 -19.54 -31.88
N VAL C 126 -2.39 -19.81 -31.19
CA VAL C 126 -2.41 -20.62 -29.97
C VAL C 126 -3.15 -19.84 -28.88
N ARG C 127 -4.11 -20.49 -28.22
CA ARG C 127 -4.93 -19.83 -27.21
C ARG C 127 -4.57 -20.24 -25.79
N HIS C 128 -4.16 -21.48 -25.65
CA HIS C 128 -3.90 -22.02 -24.32
C HIS C 128 -3.13 -23.32 -24.43
N VAL C 129 -2.10 -23.45 -23.61
CA VAL C 129 -1.37 -24.72 -23.47
C VAL C 129 -1.53 -25.20 -22.03
N GLU C 130 -1.99 -26.43 -21.88
CA GLU C 130 -2.27 -26.98 -20.56
C GLU C 130 -1.65 -28.37 -20.43
N PHE C 131 -1.02 -28.61 -19.29
CA PHE C 131 -0.43 -29.92 -19.04
C PHE C 131 -1.39 -30.77 -18.24
N ASN C 132 -1.60 -32.00 -18.70
CA ASN C 132 -2.45 -32.95 -18.00
C ASN C 132 -1.60 -33.92 -17.18
N GLU C 133 -1.77 -33.86 -15.85
CA GLU C 133 -0.97 -34.70 -14.95
C GLU C 133 -1.25 -36.20 -15.19
N ASP C 134 -2.52 -36.52 -15.35
CA ASP C 134 -2.99 -37.91 -15.49
C ASP C 134 -2.41 -38.64 -16.71
N SER C 135 -2.48 -37.99 -17.87
CA SER C 135 -2.03 -38.60 -19.14
C SER C 135 -0.60 -38.20 -19.50
N GLN C 136 -0.03 -37.30 -18.71
CA GLN C 136 1.31 -36.77 -18.93
C GLN C 136 1.44 -36.24 -20.34
N THR C 137 0.52 -35.36 -20.70
CA THR C 137 0.44 -34.86 -22.06
C THR C 137 -0.10 -33.41 -22.09
N PHE C 138 0.14 -32.71 -23.20
CA PHE C 138 -0.24 -31.29 -23.35
C PHE C 138 -1.45 -31.10 -24.24
N THR C 139 -2.49 -30.46 -23.71
CA THR C 139 -3.61 -30.03 -24.55
C THR C 139 -3.33 -28.63 -25.09
N VAL C 140 -3.22 -28.54 -26.41
CA VAL C 140 -3.04 -27.25 -27.08
C VAL C 140 -4.35 -26.84 -27.73
N THR C 141 -4.88 -25.71 -27.27
CA THR C 141 -6.08 -25.14 -27.85
C THR C 141 -5.66 -24.03 -28.79
N VAL C 142 -6.33 -24.00 -29.93
CA VAL C 142 -5.93 -23.16 -31.03
C VAL C 142 -7.15 -22.54 -31.75
N GLN C 143 -6.99 -21.31 -32.24
CA GLN C 143 -8.02 -20.67 -33.04
C GLN C 143 -7.56 -20.53 -34.48
N ASP C 144 -8.16 -21.35 -35.34
CA ASP C 144 -7.95 -21.31 -36.80
C ASP C 144 -8.81 -20.20 -37.41
N HIS C 145 -8.14 -19.21 -37.98
CA HIS C 145 -8.83 -18.02 -38.47
C HIS C 145 -9.27 -18.12 -39.91
N THR C 146 -8.94 -19.22 -40.60
CA THR C 146 -9.45 -19.47 -41.94
C THR C 146 -10.79 -20.20 -41.86
N THR C 147 -10.89 -21.13 -40.92
CA THR C 147 -12.10 -21.88 -40.66
C THR C 147 -12.96 -21.18 -39.60
N ASP C 148 -12.41 -20.15 -38.97
CA ASP C 148 -12.98 -19.52 -37.78
C ASP C 148 -13.47 -20.58 -36.77
N THR C 149 -12.60 -21.53 -36.45
CA THR C 149 -12.96 -22.54 -35.46
C THR C 149 -11.89 -22.65 -34.38
N ILE C 150 -12.32 -23.09 -33.20
CA ILE C 150 -11.40 -23.30 -32.10
C ILE C 150 -11.41 -24.79 -31.76
N TYR C 151 -10.21 -25.37 -31.71
CA TYR C 151 -10.05 -26.78 -31.46
C TYR C 151 -8.80 -27.05 -30.62
N SER C 152 -8.78 -28.19 -29.94
CA SER C 152 -7.61 -28.62 -29.18
C SER C 152 -7.06 -29.96 -29.68
N GLU C 153 -5.75 -30.08 -29.70
CA GLU C 153 -5.11 -31.39 -29.90
C GLU C 153 -4.22 -31.81 -28.72
N GLU C 154 -3.93 -33.11 -28.66
CA GLU C 154 -3.07 -33.70 -27.63
C GLU C 154 -1.63 -33.85 -28.11
N PHE C 155 -0.67 -33.36 -27.31
CA PHE C 155 0.76 -33.37 -27.66
C PHE C 155 1.67 -33.85 -26.56
N ASP C 156 2.70 -34.63 -26.94
CA ASP C 156 3.69 -35.19 -26.01
C ASP C 156 4.74 -34.17 -25.52
N TYR C 157 5.11 -33.24 -26.39
CA TYR C 157 6.08 -32.20 -26.07
C TYR C 157 5.64 -30.92 -26.74
N VAL C 158 5.97 -29.78 -26.16
CA VAL C 158 5.65 -28.49 -26.76
C VAL C 158 6.89 -27.62 -26.81
N VAL C 159 7.19 -27.08 -27.97
CA VAL C 159 8.33 -26.20 -28.12
C VAL C 159 7.82 -24.82 -28.45
N CYS C 160 8.04 -23.88 -27.53
CA CYS C 160 7.54 -22.52 -27.68
C CYS C 160 8.57 -21.62 -28.37
N CYS C 161 8.16 -20.95 -29.45
CA CYS C 161 9.06 -20.17 -30.27
C CYS C 161 8.40 -18.88 -30.69
N THR C 162 7.68 -18.29 -29.75
CA THR C 162 6.82 -17.16 -30.04
C THR C 162 7.53 -15.80 -30.04
N GLY C 163 8.80 -15.76 -29.63
CA GLY C 163 9.58 -14.53 -29.61
C GLY C 163 9.34 -13.69 -28.34
N HIS C 164 10.18 -12.68 -28.14
CA HIS C 164 9.98 -11.76 -27.01
C HIS C 164 10.23 -10.31 -27.39
N PHE C 165 10.09 -9.98 -28.67
CA PHE C 165 10.20 -8.60 -29.10
C PHE C 165 8.96 -8.13 -29.84
N SER C 166 7.77 -8.42 -29.31
CA SER C 166 6.53 -8.03 -29.99
C SER C 166 5.46 -7.44 -29.08
N THR C 167 5.56 -7.69 -27.78
CA THR C 167 4.66 -7.07 -26.80
C THR C 167 5.42 -5.92 -26.12
N PRO C 168 5.17 -4.67 -26.54
CA PRO C 168 5.94 -3.53 -26.05
C PRO C 168 5.80 -3.24 -24.56
N TYR C 169 6.88 -2.76 -23.95
CA TYR C 169 6.80 -2.07 -22.67
C TYR C 169 6.61 -0.58 -22.99
N VAL C 170 5.47 -0.02 -22.58
CA VAL C 170 5.10 1.35 -22.96
C VAL C 170 4.83 2.22 -21.73
N PRO C 171 5.88 2.83 -21.16
CA PRO C 171 5.72 3.62 -19.94
C PRO C 171 4.96 4.92 -20.20
N GLU C 172 4.20 5.38 -19.21
CA GLU C 172 3.51 6.65 -19.29
C GLU C 172 4.40 7.75 -18.72
N PHE C 173 4.17 8.98 -19.15
CA PHE C 173 4.84 10.17 -18.61
C PHE C 173 3.81 11.29 -18.43
N GLU C 174 4.05 12.17 -17.47
CA GLU C 174 3.17 13.31 -17.23
C GLU C 174 2.89 14.11 -18.50
N GLY C 175 1.60 14.31 -18.77
CA GLY C 175 1.16 15.14 -19.88
C GLY C 175 0.91 14.43 -21.20
N PHE C 176 1.16 13.11 -21.27
CA PHE C 176 0.92 12.35 -22.50
C PHE C 176 -0.49 12.53 -23.05
N GLU C 177 -1.45 12.64 -22.16
CA GLU C 177 -2.86 12.86 -22.50
C GLU C 177 -3.07 14.19 -23.23
N LYS C 178 -2.24 15.19 -22.92
CA LYS C 178 -2.39 16.53 -23.48
C LYS C 178 -1.57 16.75 -24.76
N PHE C 179 -0.55 15.90 -24.98
CA PHE C 179 0.37 16.03 -26.12
C PHE C 179 -0.35 15.93 -27.47
N GLY C 180 -0.27 17.00 -28.25
CA GLY C 180 -0.99 17.13 -29.51
C GLY C 180 -0.39 16.35 -30.66
N GLY C 181 0.91 16.07 -30.58
CA GLY C 181 1.59 15.29 -31.59
C GLY C 181 1.28 13.81 -31.50
N ARG C 182 2.05 13.01 -32.23
CA ARG C 182 1.89 11.56 -32.31
C ARG C 182 2.82 10.87 -31.30
N ILE C 183 2.28 9.87 -30.59
CA ILE C 183 3.03 9.10 -29.60
C ILE C 183 2.92 7.61 -29.92
N LEU C 184 4.04 6.98 -30.21
CA LEU C 184 4.05 5.57 -30.56
C LEU C 184 5.26 4.85 -29.98
N HIS C 185 5.14 3.54 -29.82
CA HIS C 185 6.25 2.69 -29.44
C HIS C 185 7.02 2.29 -30.70
N ALA C 186 8.28 1.88 -30.53
CA ALA C 186 9.11 1.33 -31.61
C ALA C 186 8.42 0.20 -32.39
N HIS C 187 7.60 -0.58 -31.67
CA HIS C 187 6.81 -1.66 -32.25
C HIS C 187 5.84 -1.18 -33.32
N ASP C 188 5.19 -0.05 -33.07
CA ASP C 188 4.24 0.55 -34.00
C ASP C 188 4.95 1.30 -35.16
N PHE C 189 6.27 1.48 -35.03
CA PHE C 189 7.06 2.21 -36.04
C PHE C 189 7.17 1.45 -37.35
N ARG C 190 6.86 2.15 -38.45
CA ARG C 190 6.76 1.51 -39.76
C ARG C 190 7.54 2.21 -40.86
N ASP C 191 7.30 3.50 -41.02
CA ASP C 191 7.79 4.24 -42.18
C ASP C 191 8.47 5.53 -41.75
N ALA C 192 9.80 5.55 -41.82
CA ALA C 192 10.59 6.71 -41.42
C ALA C 192 10.23 7.98 -42.21
N LEU C 193 9.70 7.78 -43.41
CA LEU C 193 9.30 8.86 -44.31
C LEU C 193 8.21 9.72 -43.70
N GLU C 194 7.40 9.11 -42.82
CA GLU C 194 6.27 9.80 -42.17
C GLU C 194 6.73 10.91 -41.23
N PHE C 195 8.04 11.01 -41.01
CA PHE C 195 8.60 12.01 -40.09
C PHE C 195 9.58 12.97 -40.78
N LYS C 196 9.32 13.26 -42.06
CA LYS C 196 10.14 14.17 -42.85
C LYS C 196 9.93 15.61 -42.41
N ASP C 197 11.05 16.31 -42.19
CA ASP C 197 11.06 17.72 -41.77
C ASP C 197 10.43 17.97 -40.39
N LYS C 198 10.28 16.91 -39.59
CA LYS C 198 9.69 17.00 -38.26
C LYS C 198 10.72 16.75 -37.15
N THR C 199 10.31 17.01 -35.91
CA THR C 199 11.17 16.84 -34.75
C THR C 199 10.73 15.61 -33.97
N VAL C 200 11.65 14.67 -33.77
CA VAL C 200 11.30 13.41 -33.12
C VAL C 200 12.08 13.17 -31.83
N LEU C 201 11.35 12.74 -30.81
CA LEU C 201 11.94 12.36 -29.54
C LEU C 201 12.01 10.84 -29.39
N LEU C 202 13.23 10.33 -29.39
CA LEU C 202 13.47 8.90 -29.19
C LEU C 202 13.76 8.65 -27.72
N VAL C 203 12.80 8.06 -27.03
CA VAL C 203 12.94 7.78 -25.60
C VAL C 203 13.40 6.35 -25.38
N GLY C 204 14.42 6.20 -24.53
CA GLY C 204 14.93 4.89 -24.16
C GLY C 204 16.18 4.55 -24.94
N SER C 205 16.73 3.39 -24.65
CA SER C 205 17.93 2.91 -25.26
C SER C 205 17.88 1.43 -25.56
N SER C 206 16.70 0.95 -25.93
CA SER C 206 16.51 -0.47 -26.17
C SER C 206 16.93 -0.87 -27.57
N TYR C 207 16.47 -2.04 -28.02
CA TYR C 207 17.00 -2.67 -29.20
C TYR C 207 16.98 -1.81 -30.44
N SER C 208 15.93 -1.06 -30.67
CA SER C 208 15.88 -0.24 -31.84
C SER C 208 16.14 1.24 -31.64
N ALA C 209 16.45 1.64 -30.44
CA ALA C 209 16.64 3.07 -30.17
C ALA C 209 17.61 3.71 -31.15
N GLU C 210 18.78 3.08 -31.30
CA GLU C 210 19.84 3.59 -32.15
C GLU C 210 19.48 3.57 -33.64
N ASP C 211 18.92 2.45 -34.08
CA ASP C 211 18.61 2.25 -35.51
C ASP C 211 17.43 3.09 -35.98
N ILE C 212 16.36 3.10 -35.19
CA ILE C 212 15.16 3.87 -35.55
C ILE C 212 15.49 5.34 -35.82
N GLY C 213 16.27 5.94 -34.91
CA GLY C 213 16.73 7.31 -35.08
C GLY C 213 17.57 7.48 -36.34
N SER C 214 18.40 6.47 -36.61
CA SER C 214 19.26 6.49 -37.79
C SER C 214 18.44 6.47 -39.08
N GLN C 215 17.32 5.76 -39.05
CA GLN C 215 16.40 5.74 -40.18
C GLN C 215 15.73 7.09 -40.32
N CYS C 216 15.34 7.69 -39.20
CA CYS C 216 14.67 8.99 -39.22
C CYS C 216 15.58 10.07 -39.77
N TYR C 217 16.87 9.95 -39.49
CA TYR C 217 17.87 10.84 -40.03
C TYR C 217 17.99 10.61 -41.55
N LYS C 218 18.24 9.36 -41.92
CA LYS C 218 18.41 8.95 -43.33
C LYS C 218 17.33 9.50 -44.26
N TYR C 219 16.12 9.69 -43.73
CA TYR C 219 14.99 10.10 -44.56
C TYR C 219 14.53 11.55 -44.30
N GLY C 220 15.40 12.32 -43.64
CA GLY C 220 15.23 13.77 -43.51
C GLY C 220 14.31 14.28 -42.43
N ALA C 221 14.60 13.94 -41.19
CA ALA C 221 13.91 14.53 -40.04
C ALA C 221 14.60 15.85 -39.74
N LYS C 222 13.84 16.82 -39.25
CA LYS C 222 14.40 18.14 -38.92
C LYS C 222 15.35 18.07 -37.72
N LYS C 223 14.95 17.33 -36.69
CA LYS C 223 15.76 17.14 -35.48
C LYS C 223 15.42 15.81 -34.81
N LEU C 224 16.45 15.17 -34.27
CA LEU C 224 16.28 13.94 -33.48
C LEU C 224 16.80 14.19 -32.07
N ILE C 225 16.09 13.67 -31.06
CA ILE C 225 16.42 13.92 -29.66
C ILE C 225 16.37 12.63 -28.85
N SER C 226 17.42 12.37 -28.09
CA SER C 226 17.60 11.07 -27.43
C SER C 226 17.70 11.21 -25.90
N CYS C 227 16.81 10.53 -25.17
CA CYS C 227 16.89 10.49 -23.71
C CYS C 227 16.86 9.07 -23.20
N TYR C 228 17.72 8.79 -22.23
CA TYR C 228 17.77 7.47 -21.59
C TYR C 228 18.32 7.52 -20.18
N ARG C 229 17.91 6.55 -19.36
CA ARG C 229 18.39 6.40 -17.98
C ARG C 229 19.75 5.71 -17.93
N THR C 230 20.01 4.82 -18.91
CA THR C 230 21.27 4.05 -18.98
C THR C 230 22.51 4.90 -19.32
N ALA C 231 23.63 4.23 -19.59
CA ALA C 231 24.93 4.90 -19.81
C ALA C 231 25.22 5.24 -21.28
N PRO C 232 25.51 6.52 -21.58
CA PRO C 232 25.73 6.97 -22.95
C PRO C 232 27.03 6.41 -23.54
N GLY C 234 29.71 6.95 -26.51
CA GLY C 234 30.13 8.16 -27.22
C GLY C 234 30.21 8.08 -28.73
N TYR C 235 29.10 7.71 -29.36
CA TYR C 235 29.01 7.66 -30.82
C TYR C 235 29.01 9.09 -31.39
N LYS C 236 29.74 9.29 -32.48
CA LYS C 236 29.74 10.56 -33.20
C LYS C 236 28.44 10.72 -34.01
N TRP C 237 27.48 11.43 -33.42
CA TRP C 237 26.17 11.66 -34.04
C TRP C 237 26.24 12.84 -35.02
N PRO C 238 25.21 13.00 -35.88
CA PRO C 238 25.17 14.15 -36.80
C PRO C 238 24.86 15.48 -36.10
N GLU C 239 24.94 16.58 -36.84
CA GLU C 239 24.75 17.93 -36.30
C GLU C 239 23.33 18.19 -35.76
N ASN C 240 22.34 17.48 -36.28
CA ASN C 240 20.96 17.67 -35.85
C ASN C 240 20.42 16.60 -34.89
N TRP C 241 21.33 15.78 -34.36
CA TRP C 241 20.99 14.75 -33.37
C TRP C 241 21.37 15.24 -31.97
N ASP C 242 20.38 15.69 -31.21
CA ASP C 242 20.60 16.26 -29.89
C ASP C 242 20.50 15.20 -28.81
N GLU C 243 21.28 15.34 -27.75
CA GLU C 243 21.17 14.44 -26.59
C GLU C 243 20.78 15.18 -25.33
N ARG C 244 19.74 14.69 -24.66
CA ARG C 244 19.23 15.31 -23.45
C ARG C 244 19.08 14.28 -22.32
N PRO C 245 19.18 14.73 -21.05
CA PRO C 245 18.90 13.84 -19.93
C PRO C 245 17.43 13.40 -19.95
N ASN C 246 17.16 12.25 -19.33
CA ASN C 246 15.83 11.60 -19.38
C ASN C 246 14.59 12.49 -19.26
N LEU C 247 13.50 12.06 -19.89
CA LEU C 247 12.26 12.82 -19.95
C LEU C 247 11.51 12.81 -18.62
N VAL C 248 10.89 13.95 -18.31
CA VAL C 248 10.12 14.13 -17.08
C VAL C 248 8.64 14.42 -17.38
N ARG C 249 8.39 15.26 -18.36
CA ARG C 249 7.05 15.80 -18.63
C ARG C 249 6.92 16.35 -20.05
N VAL C 250 5.71 16.36 -20.58
CA VAL C 250 5.46 16.95 -21.87
C VAL C 250 4.23 17.82 -21.81
N ASP C 251 4.19 18.90 -22.58
CA ASP C 251 3.04 19.75 -22.63
C ASP C 251 2.32 19.47 -23.92
N THR C 252 1.54 20.41 -24.41
CA THR C 252 0.82 20.19 -25.63
C THR C 252 1.71 19.93 -26.84
N GLU C 253 2.81 20.64 -26.95
CA GLU C 253 3.75 20.52 -28.05
C GLU C 253 5.24 20.61 -27.66
N ASN C 254 5.51 20.57 -26.35
CA ASN C 254 6.87 20.66 -25.83
C ASN C 254 7.27 19.47 -24.96
N ALA C 255 8.57 19.18 -24.93
CA ALA C 255 9.14 18.19 -24.02
C ALA C 255 10.01 18.85 -22.96
N TYR C 256 10.00 18.30 -21.76
CA TYR C 256 10.74 18.87 -20.63
C TYR C 256 11.61 17.82 -19.97
N PHE C 257 12.88 18.18 -19.75
CA PHE C 257 13.89 17.20 -19.34
C PHE C 257 14.44 17.47 -17.94
N ALA C 258 15.32 16.56 -17.51
CA ALA C 258 15.85 16.53 -16.15
C ALA C 258 16.65 17.78 -15.75
N ASP C 259 17.15 18.52 -16.75
CA ASP C 259 17.93 19.74 -16.50
C ASP C 259 17.15 21.02 -16.82
N GLY C 260 15.82 20.93 -16.78
CA GLY C 260 14.94 22.08 -17.04
C GLY C 260 14.97 22.59 -18.47
N SER C 261 15.26 21.70 -19.42
CA SER C 261 15.31 22.04 -20.84
C SER C 261 13.94 21.89 -21.50
N SER C 262 13.76 22.58 -22.62
CA SER C 262 12.51 22.55 -23.37
C SER C 262 12.79 22.47 -24.86
N GLU C 263 11.89 21.81 -25.60
CA GLU C 263 11.99 21.66 -27.06
C GLU C 263 10.62 21.42 -27.68
N LYS C 264 10.27 22.20 -28.71
CA LYS C 264 9.09 21.91 -29.52
C LYS C 264 9.33 20.60 -30.26
N VAL C 265 8.50 19.59 -29.97
CA VAL C 265 8.69 18.25 -30.54
C VAL C 265 7.39 17.66 -31.13
N ASP C 266 7.48 17.20 -32.38
CA ASP C 266 6.31 16.80 -33.16
C ASP C 266 5.80 15.41 -32.82
N ALA C 267 6.71 14.48 -32.54
CA ALA C 267 6.36 13.10 -32.28
C ALA C 267 7.29 12.44 -31.26
N ILE C 268 6.72 11.57 -30.43
CA ILE C 268 7.50 10.82 -29.47
C ILE C 268 7.46 9.35 -29.83
N ILE C 269 8.63 8.76 -30.02
CA ILE C 269 8.75 7.31 -30.26
C ILE C 269 9.42 6.65 -29.06
N LEU C 270 8.72 5.71 -28.44
CA LEU C 270 9.19 5.08 -27.21
C LEU C 270 9.95 3.81 -27.53
N CYS C 271 11.28 3.89 -27.46
CA CYS C 271 12.12 2.72 -27.68
C CYS C 271 12.48 2.15 -26.33
N THR C 272 11.46 1.67 -25.65
CA THR C 272 11.57 1.26 -24.27
C THR C 272 11.61 -0.25 -24.09
N GLY C 273 11.63 -0.98 -25.21
CA GLY C 273 11.72 -2.42 -25.16
C GLY C 273 10.43 -3.18 -25.02
N TYR C 274 10.55 -4.45 -24.67
CA TYR C 274 9.43 -5.39 -24.73
C TYR C 274 9.34 -6.25 -23.48
N ILE C 275 8.24 -6.97 -23.35
CA ILE C 275 8.06 -7.92 -22.26
C ILE C 275 7.88 -9.35 -22.75
N HIS C 276 8.34 -10.32 -21.95
CA HIS C 276 8.04 -11.72 -22.20
C HIS C 276 6.58 -12.01 -21.86
N HIS C 277 5.76 -12.11 -22.89
CA HIS C 277 4.33 -12.21 -22.71
C HIS C 277 3.82 -13.47 -23.40
N PHE C 278 3.25 -14.39 -22.61
CA PHE C 278 2.68 -15.62 -23.13
C PHE C 278 1.25 -15.81 -22.63
N PRO C 279 0.28 -15.19 -23.32
CA PRO C 279 -1.13 -15.19 -22.91
C PRO C 279 -1.73 -16.59 -22.88
N PHE C 280 -1.16 -17.49 -23.67
CA PHE C 280 -1.64 -18.86 -23.77
C PHE C 280 -1.07 -19.82 -22.70
N LEU C 281 -0.33 -19.28 -21.73
CA LEU C 281 0.29 -20.10 -20.69
C LEU C 281 -0.15 -19.73 -19.28
N ASN C 282 -0.48 -20.75 -18.49
CA ASN C 282 -0.69 -20.57 -17.06
C ASN C 282 0.65 -20.57 -16.32
N ASP C 283 0.62 -20.35 -15.01
CA ASP C 283 1.86 -20.11 -14.24
C ASP C 283 2.80 -21.31 -14.18
N ASP C 284 2.24 -22.52 -14.27
CA ASP C 284 3.01 -23.75 -14.22
C ASP C 284 3.99 -23.86 -15.38
N LEU C 285 3.76 -23.09 -16.45
CA LEU C 285 4.56 -23.16 -17.65
C LEU C 285 5.07 -21.80 -18.14
N ARG C 286 4.61 -20.71 -17.54
CA ARG C 286 4.88 -19.40 -18.10
C ARG C 286 6.23 -18.81 -17.68
N LEU C 287 7.10 -18.62 -18.68
CA LEU C 287 8.40 -17.98 -18.45
C LEU C 287 8.21 -16.52 -18.04
N VAL C 288 8.81 -16.14 -16.92
CA VAL C 288 8.74 -14.79 -16.36
C VAL C 288 10.17 -14.30 -16.14
N THR C 289 10.52 -13.20 -16.80
CA THR C 289 11.89 -12.72 -16.88
C THR C 289 11.93 -11.40 -17.63
N ASN C 290 12.91 -10.58 -17.28
CA ASN C 290 13.25 -9.42 -18.09
C ASN C 290 14.19 -9.86 -19.24
N ASN C 291 14.41 -8.96 -20.19
CA ASN C 291 15.29 -9.26 -21.32
C ASN C 291 16.75 -9.32 -20.88
N ARG C 292 17.36 -10.49 -21.02
CA ARG C 292 18.73 -10.72 -20.55
C ARG C 292 19.37 -11.97 -21.14
N LEU C 293 20.68 -12.08 -21.00
CA LEU C 293 21.44 -13.22 -21.52
C LEU C 293 21.11 -14.54 -20.85
N TRP C 294 20.75 -14.51 -19.57
CA TRP C 294 20.44 -15.76 -18.87
C TRP C 294 19.22 -15.72 -17.95
N PRO C 295 18.03 -15.99 -18.51
CA PRO C 295 16.83 -16.20 -17.70
C PRO C 295 16.94 -17.46 -16.86
N LEU C 296 16.23 -17.48 -15.74
CA LEU C 296 16.18 -18.64 -14.87
C LEU C 296 15.10 -19.60 -15.32
N ASN C 297 15.15 -20.83 -14.80
CA ASN C 297 14.16 -21.88 -15.06
C ASN C 297 14.26 -22.56 -16.44
N LEU C 298 15.31 -22.21 -17.18
CA LEU C 298 15.61 -22.78 -18.48
C LEU C 298 16.94 -23.53 -18.42
N TYR C 299 16.87 -24.85 -18.23
CA TYR C 299 18.08 -25.66 -18.25
C TYR C 299 18.71 -25.62 -19.63
N LYS C 300 20.01 -25.37 -19.66
CA LYS C 300 20.75 -25.11 -20.90
C LYS C 300 20.12 -23.98 -21.73
N GLY C 301 19.29 -23.21 -21.05
CA GLY C 301 18.61 -22.06 -21.59
C GLY C 301 17.40 -22.36 -22.41
N VAL C 302 17.01 -23.61 -22.39
CA VAL C 302 16.02 -24.11 -23.27
C VAL C 302 14.94 -24.91 -22.66
N VAL C 303 15.27 -25.74 -21.70
CA VAL C 303 14.28 -26.64 -21.13
C VAL C 303 13.60 -26.09 -19.88
N TRP C 304 12.28 -26.10 -19.84
CA TRP C 304 11.51 -25.61 -18.68
C TRP C 304 11.72 -26.55 -17.51
N GLU C 305 12.24 -26.02 -16.40
CA GLU C 305 12.67 -26.87 -15.31
C GLU C 305 11.51 -27.46 -14.49
N ASP C 306 10.36 -26.81 -14.52
CA ASP C 306 9.20 -27.31 -13.80
C ASP C 306 8.43 -28.37 -14.59
N ASN C 307 8.58 -28.31 -15.90
CA ASN C 307 8.10 -29.36 -16.78
C ASN C 307 9.05 -29.53 -17.95
N PRO C 308 9.91 -30.56 -17.89
CA PRO C 308 10.99 -30.79 -18.85
C PRO C 308 10.50 -31.30 -20.21
N LYS C 309 9.19 -31.28 -20.41
CA LYS C 309 8.58 -31.63 -21.71
C LYS C 309 8.15 -30.36 -22.46
N PHE C 310 8.36 -29.20 -21.83
CA PHE C 310 8.09 -27.91 -22.44
C PHE C 310 9.41 -27.20 -22.68
N PHE C 311 9.57 -26.61 -23.87
CA PHE C 311 10.83 -26.00 -24.24
C PHE C 311 10.61 -24.58 -24.71
N TYR C 312 11.63 -23.75 -24.57
CA TYR C 312 11.62 -22.39 -25.10
C TYR C 312 12.83 -22.16 -25.97
N ILE C 313 12.61 -21.58 -27.14
CA ILE C 313 13.71 -21.27 -28.04
C ILE C 313 13.82 -19.75 -28.25
N GLY C 314 15.05 -19.25 -28.20
CA GLY C 314 15.34 -17.86 -28.47
C GLY C 314 14.86 -16.87 -27.43
N GLN C 316 16.48 -15.80 -24.71
CA GLN C 316 17.60 -14.99 -24.25
C GLN C 316 17.70 -13.70 -25.08
N ASP C 317 18.27 -12.64 -24.51
CA ASP C 317 18.62 -11.45 -25.30
C ASP C 317 19.61 -11.87 -26.39
N GLN C 318 19.74 -11.06 -27.44
CA GLN C 318 20.44 -11.52 -28.64
C GLN C 318 21.60 -10.67 -29.13
N TRP C 319 22.79 -11.24 -29.06
CA TRP C 319 23.95 -10.70 -29.71
C TRP C 319 24.09 -11.60 -30.92
N TYR C 320 23.88 -12.86 -30.65
CA TYR C 320 23.92 -13.89 -31.62
C TYR C 320 22.49 -14.18 -31.85
N SER C 321 22.09 -14.53 -33.07
CA SER C 321 20.70 -14.90 -33.29
C SER C 321 20.43 -16.25 -33.90
N PHE C 322 20.42 -16.33 -35.21
CA PHE C 322 20.06 -17.57 -35.93
C PHE C 322 20.86 -18.81 -35.51
N ASN C 323 22.17 -18.64 -35.39
CA ASN C 323 23.06 -19.69 -34.90
C ASN C 323 22.60 -20.23 -33.56
N PHE C 325 19.53 -20.04 -32.17
CA PHE C 325 18.27 -20.75 -32.33
C PHE C 325 18.51 -22.16 -32.86
N ASP C 326 19.27 -22.26 -33.94
CA ASP C 326 19.73 -23.53 -34.46
C ASP C 326 20.31 -24.40 -33.36
N ALA C 327 21.33 -23.88 -32.68
CA ALA C 327 21.99 -24.57 -31.57
C ALA C 327 20.98 -25.02 -30.52
N GLN C 328 20.05 -24.14 -30.19
CA GLN C 328 19.00 -24.40 -29.23
C GLN C 328 18.03 -25.46 -29.72
N ALA C 329 17.65 -25.37 -30.99
CA ALA C 329 16.71 -26.29 -31.64
C ALA C 329 17.27 -27.69 -31.78
N TRP C 330 18.55 -27.78 -32.15
CA TRP C 330 19.22 -29.06 -32.27
C TRP C 330 19.22 -29.74 -30.91
N TYR C 331 19.53 -28.97 -29.88
CA TYR C 331 19.58 -29.51 -28.54
C TYR C 331 18.20 -29.98 -28.04
N ALA C 332 17.19 -29.12 -28.14
CA ALA C 332 15.82 -29.48 -27.80
C ALA C 332 15.41 -30.76 -28.54
N ARG C 333 15.60 -30.77 -29.85
CA ARG C 333 15.32 -31.94 -30.66
C ARG C 333 15.91 -33.18 -30.03
N ASP C 334 17.20 -33.13 -29.74
CA ASP C 334 17.89 -34.28 -29.19
C ASP C 334 17.34 -34.74 -27.85
N VAL C 335 16.94 -33.79 -26.99
CA VAL C 335 16.26 -34.14 -25.73
C VAL C 335 14.95 -34.85 -26.02
N ILE C 336 14.13 -34.26 -26.88
CA ILE C 336 12.83 -34.87 -27.26
C ILE C 336 12.98 -36.31 -27.76
N GLY C 338 15.23 -38.45 -27.04
CA GLY C 338 15.85 -39.31 -26.04
C GLY C 338 17.31 -39.62 -26.29
N ARG C 339 17.98 -38.71 -27.00
CA ARG C 339 19.42 -38.83 -27.28
C ARG C 339 20.26 -38.28 -26.13
N LEU C 340 19.69 -37.29 -25.42
CA LEU C 340 20.37 -36.64 -24.31
C LEU C 340 19.51 -36.65 -23.05
N PRO C 341 19.68 -37.67 -22.17
CA PRO C 341 18.95 -37.76 -20.90
C PRO C 341 19.04 -36.48 -20.08
N LEU C 342 17.99 -36.15 -19.34
CA LEU C 342 18.02 -34.97 -18.47
C LEU C 342 18.43 -35.30 -17.03
N PRO C 343 19.10 -34.36 -16.35
CA PRO C 343 19.38 -34.55 -14.94
C PRO C 343 18.09 -34.37 -14.15
N SER C 344 18.13 -34.67 -12.85
CA SER C 344 17.00 -34.39 -11.96
C SER C 344 16.74 -32.88 -11.95
N LYS C 345 15.60 -32.49 -11.35
CA LYS C 345 15.19 -31.08 -11.33
C LYS C 345 16.15 -30.17 -10.55
N GLU C 346 16.54 -30.61 -9.35
CA GLU C 346 17.47 -29.87 -8.48
C GLU C 346 18.79 -29.68 -9.21
N GLU C 347 19.28 -30.76 -9.81
CA GLU C 347 20.51 -30.75 -10.60
C GLU C 347 20.42 -29.73 -11.74
N LYS C 349 18.43 -27.07 -11.81
CA LYS C 349 18.40 -25.76 -11.16
C LYS C 349 19.76 -25.27 -10.64
N ALA C 350 20.55 -26.20 -10.09
CA ALA C 350 21.93 -25.89 -9.67
C ALA C 350 22.79 -25.47 -10.86
N ASP C 351 22.58 -26.11 -12.02
CA ASP C 351 23.30 -25.72 -13.23
C ASP C 351 22.92 -24.32 -13.72
N SER C 352 21.64 -23.99 -13.68
CA SER C 352 21.16 -22.65 -14.04
C SER C 352 21.79 -21.59 -13.13
N ALA C 354 24.59 -21.56 -11.71
CA ALA C 354 25.98 -21.34 -12.11
C ALA C 354 26.13 -20.40 -13.31
N TRP C 355 25.24 -20.54 -14.30
CA TRP C 355 25.26 -19.63 -15.45
C TRP C 355 24.79 -18.23 -15.08
N ARG C 356 23.83 -18.16 -14.17
CA ARG C 356 23.32 -16.88 -13.68
C ARG C 356 24.44 -16.12 -12.98
N GLU C 357 25.12 -16.80 -12.06
CA GLU C 357 26.30 -16.23 -11.38
C GLU C 357 27.33 -15.67 -12.35
N LYS C 358 27.63 -16.40 -13.42
CA LYS C 358 28.57 -15.92 -14.43
C LYS C 358 28.02 -14.70 -15.15
N GLU C 359 26.72 -14.71 -15.45
CA GLU C 359 26.06 -13.58 -16.10
C GLU C 359 26.11 -12.29 -15.27
N LEU C 360 25.95 -12.43 -13.96
CA LEU C 360 26.01 -11.29 -13.04
C LEU C 360 27.43 -10.72 -12.94
N THR C 361 28.37 -11.46 -13.49
CA THR C 361 29.79 -11.10 -13.55
C THR C 361 30.14 -10.21 -14.75
N LEU C 362 29.24 -10.13 -15.73
CA LEU C 362 29.54 -9.51 -17.02
C LEU C 362 29.24 -8.02 -17.04
N VAL C 363 30.16 -7.24 -17.61
CA VAL C 363 30.03 -5.78 -17.69
C VAL C 363 30.18 -5.30 -19.14
N THR C 364 31.23 -5.74 -19.81
CA THR C 364 31.61 -5.26 -21.14
C THR C 364 30.80 -5.90 -22.26
N ALA C 365 30.56 -5.12 -23.32
CA ALA C 365 29.96 -5.62 -24.54
C ALA C 365 30.71 -6.82 -25.07
N GLU C 366 32.04 -6.83 -24.86
CA GLU C 366 32.86 -7.97 -25.26
C GLU C 366 32.52 -9.18 -24.39
N GLU C 367 32.43 -8.98 -23.08
CA GLU C 367 32.06 -10.03 -22.12
C GLU C 367 30.69 -10.61 -22.46
N TYR C 369 28.74 -10.83 -25.58
CA TYR C 369 28.66 -11.77 -26.68
C TYR C 369 29.57 -12.98 -26.52
N THR C 370 30.65 -12.84 -25.73
CA THR C 370 31.55 -13.96 -25.47
C THR C 370 30.88 -15.00 -24.56
N TYR C 371 30.18 -14.51 -23.54
CA TYR C 371 29.40 -15.39 -22.67
C TYR C 371 28.41 -16.18 -23.52
N GLN C 372 27.74 -15.49 -24.44
CA GLN C 372 26.75 -16.12 -25.29
C GLN C 372 27.43 -17.13 -26.21
N GLY C 373 28.55 -16.71 -26.80
CA GLY C 373 29.41 -17.60 -27.56
C GLY C 373 29.69 -18.89 -26.82
N ASP C 374 30.04 -18.77 -25.55
CA ASP C 374 30.34 -19.92 -24.70
C ASP C 374 29.10 -20.77 -24.41
N TYR C 375 27.96 -20.11 -24.31
CA TYR C 375 26.68 -20.79 -24.14
C TYR C 375 26.39 -21.65 -25.36
N ILE C 376 26.51 -21.03 -26.53
CA ILE C 376 26.27 -21.67 -27.83
C ILE C 376 27.26 -22.81 -28.07
N GLN C 377 28.52 -22.62 -27.68
CA GLN C 377 29.53 -23.67 -27.76
C GLN C 377 29.15 -24.93 -26.98
N ASN C 378 28.63 -24.73 -25.76
CA ASN C 378 28.18 -25.83 -24.91
C ASN C 378 26.96 -26.55 -25.50
N LEU C 379 26.11 -25.81 -26.22
CA LEU C 379 24.95 -26.40 -26.88
C LEU C 379 25.38 -27.27 -28.05
N ILE C 380 26.17 -26.66 -28.93
CA ILE C 380 26.66 -27.28 -30.15
C ILE C 380 27.47 -28.55 -29.92
N ASP C 381 28.30 -28.55 -28.89
CA ASP C 381 29.15 -29.71 -28.55
C ASP C 381 28.35 -30.98 -28.22
N THR C 383 25.45 -31.97 -29.71
CA THR C 383 24.69 -32.48 -30.84
C THR C 383 25.55 -32.56 -32.11
N ASP C 384 24.94 -33.03 -33.20
CA ASP C 384 25.62 -33.13 -34.47
C ASP C 384 25.44 -31.87 -35.34
N TYR C 385 25.03 -30.77 -34.71
CA TYR C 385 24.95 -29.51 -35.43
C TYR C 385 26.35 -29.16 -35.88
N PRO C 386 26.51 -28.84 -37.18
CA PRO C 386 27.85 -28.58 -37.71
C PRO C 386 28.59 -27.54 -36.87
N SER C 387 29.85 -27.82 -36.56
CA SER C 387 30.66 -26.94 -35.72
C SER C 387 31.13 -25.73 -36.51
N PHE C 388 31.30 -24.61 -35.82
CA PHE C 388 31.85 -23.43 -36.45
C PHE C 388 32.75 -22.67 -35.49
N ASP C 389 33.55 -21.77 -36.04
CA ASP C 389 34.52 -21.00 -35.27
C ASP C 389 33.82 -19.89 -34.49
N ILE C 390 33.51 -20.19 -33.24
CA ILE C 390 32.88 -19.24 -32.33
C ILE C 390 33.86 -18.12 -31.92
N PRO C 391 35.10 -18.48 -31.53
CA PRO C 391 36.13 -17.47 -31.34
C PRO C 391 36.23 -16.47 -32.49
N ALA C 392 36.23 -16.95 -33.73
CA ALA C 392 36.32 -16.07 -34.89
C ALA C 392 35.08 -15.20 -35.09
N THR C 393 33.94 -15.71 -34.64
CA THR C 393 32.71 -14.92 -34.66
C THR C 393 32.78 -13.77 -33.66
N ASN C 394 33.27 -14.09 -32.45
CA ASN C 394 33.48 -13.09 -31.40
C ASN C 394 34.45 -11.99 -31.86
N LYS C 395 35.45 -12.39 -32.64
CA LYS C 395 36.42 -11.46 -33.22
C LYS C 395 35.80 -10.65 -34.37
N THR C 396 34.67 -11.13 -34.89
CA THR C 396 33.90 -10.37 -35.88
C THR C 396 32.94 -9.41 -35.19
N PHE C 397 32.36 -9.85 -34.07
CA PHE C 397 31.58 -8.96 -33.19
C PHE C 397 32.46 -7.83 -32.67
N LEU C 398 33.71 -8.17 -32.32
CA LEU C 398 34.69 -7.20 -31.89
C LEU C 398 34.92 -6.13 -32.95
N GLU C 399 35.09 -6.56 -34.20
CA GLU C 399 35.28 -5.64 -35.33
C GLU C 399 34.07 -4.72 -35.51
N TRP C 400 32.89 -5.29 -35.29
CA TRP C 400 31.63 -4.59 -35.51
C TRP C 400 31.36 -3.53 -34.45
N LYS C 401 31.65 -3.85 -33.20
CA LYS C 401 31.57 -2.87 -32.11
C LYS C 401 32.57 -1.75 -32.37
N HIS C 402 33.77 -2.12 -32.85
CA HIS C 402 34.82 -1.18 -33.23
C HIS C 402 34.37 -0.29 -34.40
N HIS C 403 33.55 -0.84 -35.29
CA HIS C 403 33.12 -0.10 -36.46
C HIS C 403 31.97 0.86 -36.14
N LYS C 404 31.13 0.46 -35.20
CA LYS C 404 30.06 1.34 -34.71
C LYS C 404 30.66 2.53 -33.97
N LYS C 405 31.69 2.28 -33.17
CA LYS C 405 32.31 3.28 -32.31
C LYS C 405 32.89 4.49 -33.05
N GLU C 406 33.64 4.23 -34.13
CA GLU C 406 34.29 5.32 -34.88
C GLU C 406 33.29 6.24 -35.62
N ASN C 407 32.50 5.65 -36.52
CA ASN C 407 31.38 6.35 -37.14
C ASN C 407 30.12 5.50 -37.02
N ILE C 408 29.14 6.04 -36.30
CA ILE C 408 27.88 5.36 -36.03
C ILE C 408 27.02 5.22 -37.30
N THR C 410 28.22 4.96 -40.57
CA THR C 410 28.84 4.19 -41.67
C THR C 410 29.36 2.81 -41.28
N PHE C 411 28.94 2.29 -40.14
CA PHE C 411 29.33 0.94 -39.73
C PHE C 411 28.74 -0.14 -40.66
N ARG C 412 27.61 0.18 -41.28
CA ARG C 412 26.95 -0.72 -42.23
C ARG C 412 27.62 -0.74 -43.59
N ASP C 413 28.72 -0.02 -43.74
CA ASP C 413 29.49 0.03 -44.99
C ASP C 413 30.82 -0.71 -44.87
N HIS C 414 30.81 -1.80 -44.12
CA HIS C 414 31.99 -2.63 -43.95
C HIS C 414 31.72 -4.06 -44.41
N SER C 415 32.80 -4.81 -44.60
CA SER C 415 32.71 -6.16 -45.13
C SER C 415 33.44 -7.12 -44.21
N TYR C 416 32.83 -8.26 -43.94
CA TYR C 416 33.43 -9.23 -43.03
C TYR C 416 33.56 -10.63 -43.62
N ARG C 417 34.47 -11.38 -43.04
CA ARG C 417 34.80 -12.72 -43.51
C ARG C 417 33.78 -13.73 -43.00
N SER C 418 33.29 -14.58 -43.91
CA SER C 418 32.43 -15.68 -43.52
C SER C 418 33.22 -16.74 -42.74
N LEU C 419 32.65 -17.15 -41.63
CA LEU C 419 33.30 -18.06 -40.70
C LEU C 419 32.86 -19.50 -40.97
N THR C 421 32.64 -20.46 -44.65
CA THR C 421 33.22 -20.72 -45.96
C THR C 421 34.60 -20.09 -46.13
N GLY C 422 34.85 -19.01 -45.39
CA GLY C 422 36.12 -18.28 -45.48
C GLY C 422 36.04 -17.09 -46.41
N THR C 423 34.99 -17.02 -47.24
CA THR C 423 34.83 -15.96 -48.23
C THR C 423 34.64 -14.61 -47.55
N ALA C 425 33.37 -11.03 -47.58
CA ALA C 425 32.26 -10.37 -48.28
C ALA C 425 32.71 -9.20 -49.16
N PRO C 426 32.15 -9.10 -50.39
CA PRO C 426 32.43 -7.93 -51.23
C PRO C 426 31.81 -6.66 -50.65
N LYS C 427 32.39 -5.51 -50.98
CA LYS C 427 31.81 -4.23 -50.57
C LYS C 427 30.55 -3.96 -51.37
N HIS C 428 29.57 -3.31 -50.75
CA HIS C 428 28.33 -2.95 -51.44
C HIS C 428 28.54 -1.72 -52.33
N HIS C 429 27.83 -1.66 -53.44
CA HIS C 429 28.00 -0.56 -54.40
C HIS C 429 27.55 0.78 -53.85
N THR C 430 26.31 0.84 -53.33
CA THR C 430 25.77 2.08 -52.77
C THR C 430 26.03 2.16 -51.25
N PRO C 431 26.52 3.32 -50.77
CA PRO C 431 26.73 3.47 -49.32
C PRO C 431 25.38 3.54 -48.60
N TRP C 432 25.34 3.01 -47.38
CA TRP C 432 24.10 2.88 -46.60
C TRP C 432 23.21 4.12 -46.68
N ILE C 433 23.72 5.26 -46.21
CA ILE C 433 22.97 6.51 -46.14
C ILE C 433 22.38 6.96 -47.49
N ASP C 434 23.04 6.57 -48.58
CA ASP C 434 22.59 6.92 -49.93
C ASP C 434 21.59 5.90 -50.47
N ALA C 435 21.72 4.66 -50.04
CA ALA C 435 20.89 3.55 -50.53
C ALA C 435 19.44 3.63 -50.03
N LEU C 436 18.60 4.33 -50.79
CA LEU C 436 17.20 4.53 -50.45
C LEU C 436 16.33 3.31 -50.78
N ASP C 437 16.84 2.39 -51.59
CA ASP C 437 16.08 1.24 -52.05
C ASP C 437 16.04 0.10 -51.03
N ASP C 438 14.82 -0.19 -50.58
CA ASP C 438 14.54 -1.23 -49.59
C ASP C 438 14.60 -2.64 -50.22
N SER C 439 14.22 -2.73 -51.50
CA SER C 439 13.95 -4.00 -52.19
C SER C 439 15.11 -4.98 -52.31
N LEU C 440 14.76 -6.24 -52.54
CA LEU C 440 15.70 -7.35 -52.70
C LEU C 440 16.48 -7.26 -54.02
N GLU C 441 15.82 -6.73 -55.04
CA GLU C 441 16.38 -6.70 -56.39
C GLU C 441 17.57 -5.73 -56.52
N ALA C 442 17.36 -4.49 -56.10
CA ALA C 442 18.37 -3.42 -56.21
C ALA C 442 19.67 -3.74 -55.49
N TYR C 443 19.55 -4.39 -54.32
CA TYR C 443 20.71 -4.80 -53.53
C TYR C 443 21.59 -5.76 -54.32
N LEU C 444 20.99 -6.82 -54.85
CA LEU C 444 21.72 -7.83 -55.61
C LEU C 444 22.06 -7.38 -57.03
N SER C 445 21.35 -6.37 -57.53
CA SER C 445 21.66 -5.75 -58.83
C SER C 445 22.91 -4.88 -58.72
N ASP C 446 23.78 -4.97 -59.73
CA ASP C 446 25.01 -4.19 -59.78
C ASP C 446 24.78 -2.70 -60.07
N LYS C 447 24.93 -1.88 -59.02
CA LYS C 447 24.75 -0.41 -59.09
C LYS C 447 23.41 0.01 -59.68
#